data_3TFM
# 
_entry.id   3TFM 
# 
_audit_conform.dict_name       mmcif_pdbx.dic 
_audit_conform.dict_version    5.380 
_audit_conform.dict_location   http://mmcif.pdb.org/dictionaries/ascii/mmcif_pdbx.dic 
# 
loop_
_database_2.database_id 
_database_2.database_code 
_database_2.pdbx_database_accession 
_database_2.pdbx_DOI 
PDB   3TFM         pdb_00003tfm 10.2210/pdb3tfm/pdb 
RCSB  RCSB067421   ?            ?                   
WWPDB D_1000067421 ?            ?                   
# 
_pdbx_database_status.status_code                     REL 
_pdbx_database_status.entry_id                        3TFM 
_pdbx_database_status.recvd_initial_deposition_date   2011-08-16 
_pdbx_database_status.deposit_site                    RCSB 
_pdbx_database_status.process_site                    PDBJ 
_pdbx_database_status.status_code_sf                  REL 
_pdbx_database_status.status_code_mr                  ? 
_pdbx_database_status.SG_entry                        ? 
_pdbx_database_status.status_code_cs                  ? 
_pdbx_database_status.pdb_format_compatible           Y 
_pdbx_database_status.status_code_nmr_data            ? 
_pdbx_database_status.methods_development_category    ? 
# 
loop_
_audit_author.name 
_audit_author.pdbx_ordinal 
'Yu, J.'    1 
'Lu, Q.'    2 
'Yan, J.'   3 
'Wei, Z.'   4 
'Zhang, M.' 5 
# 
_citation.id                        primary 
_citation.title                     
'Structural basis of the myosin X PH1N-PH2-PH1C tandem as a specific and acute cellular PI(3,4,5)P3 sensor' 
_citation.journal_abbrev            'MOLECULAR BIOLOGY OF THE CELL' 
_citation.journal_volume            22 
_citation.page_first                4268 
_citation.page_last                 4278 
_citation.year                      2011 
_citation.journal_id_ASTM           ? 
_citation.country                   US 
_citation.journal_id_ISSN           1059-1524 
_citation.journal_id_CSD            ? 
_citation.book_publisher            ? 
_citation.pdbx_database_id_PubMed   21965296 
_citation.pdbx_database_id_DOI      10.1091/mbc.E11-04-0354 
# 
loop_
_citation_author.citation_id 
_citation_author.name 
_citation_author.ordinal 
_citation_author.identifier_ORCID 
primary 'Lu, Q.'    1 ? 
primary 'Yu, J.'    2 ? 
primary 'Yan, J.'   3 ? 
primary 'Wei, Z.'   4 ? 
primary 'Zhang, M.' 5 ? 
# 
_cell.entry_id           3TFM 
_cell.length_a           36.840 
_cell.length_b           36.840 
_cell.length_c           154.130 
_cell.angle_alpha        90.00 
_cell.angle_beta         90.00 
_cell.angle_gamma        90.00 
_cell.Z_PDB              4 
_cell.pdbx_unique_axis   ? 
_cell.length_a_esd       ? 
_cell.length_b_esd       ? 
_cell.length_c_esd       ? 
_cell.angle_alpha_esd    ? 
_cell.angle_beta_esd     ? 
_cell.angle_gamma_esd    ? 
# 
_symmetry.entry_id                         3TFM 
_symmetry.space_group_name_H-M             'P 41' 
_symmetry.pdbx_full_space_group_name_H-M   ? 
_symmetry.cell_setting                     ? 
_symmetry.Int_Tables_number                76 
_symmetry.space_group_name_Hall            ? 
# 
loop_
_entity.id 
_entity.type 
_entity.src_method 
_entity.pdbx_description 
_entity.formula_weight 
_entity.pdbx_number_of_molecules 
_entity.pdbx_ec 
_entity.pdbx_mutation 
_entity.pdbx_fragment 
_entity.details 
1 polymer     man 'Myosin X'      26395.598 1  ? 'K18N, K54N, K55N' 'PH1N-PH2-PH1C tandem domain, UNP residues 866-1073' ? 
2 non-polymer syn 'PHOSPHATE ION' 94.971    2  ? ?                  ?                                                    ? 
3 water       nat water           18.015    69 ? ?                  ?                                                    ? 
# 
_entity_poly.entity_id                      1 
_entity_poly.type                           'polypeptide(L)' 
_entity_poly.nstd_linkage                   no 
_entity_poly.nstd_monomer                   no 
_entity_poly.pdbx_seq_one_letter_code       
;MHHHHHHSSGLEVLFQGPGSPYFHSFLYMNGGLMNSWKRRWCVLKDETFLWFRSKQEALKQGWLHNNGGGSSTLSRRNWK
KRWFVLRQSKLMYFENDSEEKLKGTVEVRSAKEIIDNTNKENGIDIIMADRTFHLIAESPEDASQWFSVLSQVHSSTDQE
IREMHDEQANPQNAVGTLDVGLIDSVCASDSPDRPNSFVIITANRVLHCNADTPEEMHHWITLLQRSK
;
_entity_poly.pdbx_seq_one_letter_code_can   
;MHHHHHHSSGLEVLFQGPGSPYFHSFLYMNGGLMNSWKRRWCVLKDETFLWFRSKQEALKQGWLHNNGGGSSTLSRRNWK
KRWFVLRQSKLMYFENDSEEKLKGTVEVRSAKEIIDNTNKENGIDIIMADRTFHLIAESPEDASQWFSVLSQVHSSTDQE
IREMHDEQANPQNAVGTLDVGLIDSVCASDSPDRPNSFVIITANRVLHCNADTPEEMHHWITLLQRSK
;
_entity_poly.pdbx_strand_id                 A 
_entity_poly.pdbx_target_identifier         ? 
# 
loop_
_entity_poly_seq.entity_id 
_entity_poly_seq.num 
_entity_poly_seq.mon_id 
_entity_poly_seq.hetero 
1 1   MET n 
1 2   HIS n 
1 3   HIS n 
1 4   HIS n 
1 5   HIS n 
1 6   HIS n 
1 7   HIS n 
1 8   SER n 
1 9   SER n 
1 10  GLY n 
1 11  LEU n 
1 12  GLU n 
1 13  VAL n 
1 14  LEU n 
1 15  PHE n 
1 16  GLN n 
1 17  GLY n 
1 18  PRO n 
1 19  GLY n 
1 20  SER n 
1 21  PRO n 
1 22  TYR n 
1 23  PHE n 
1 24  HIS n 
1 25  SER n 
1 26  PHE n 
1 27  LEU n 
1 28  TYR n 
1 29  MET n 
1 30  ASN n 
1 31  GLY n 
1 32  GLY n 
1 33  LEU n 
1 34  MET n 
1 35  ASN n 
1 36  SER n 
1 37  TRP n 
1 38  LYS n 
1 39  ARG n 
1 40  ARG n 
1 41  TRP n 
1 42  CYS n 
1 43  VAL n 
1 44  LEU n 
1 45  LYS n 
1 46  ASP n 
1 47  GLU n 
1 48  THR n 
1 49  PHE n 
1 50  LEU n 
1 51  TRP n 
1 52  PHE n 
1 53  ARG n 
1 54  SER n 
1 55  LYS n 
1 56  GLN n 
1 57  GLU n 
1 58  ALA n 
1 59  LEU n 
1 60  LYS n 
1 61  GLN n 
1 62  GLY n 
1 63  TRP n 
1 64  LEU n 
1 65  HIS n 
1 66  ASN n 
1 67  ASN n 
1 68  GLY n 
1 69  GLY n 
1 70  GLY n 
1 71  SER n 
1 72  SER n 
1 73  THR n 
1 74  LEU n 
1 75  SER n 
1 76  ARG n 
1 77  ARG n 
1 78  ASN n 
1 79  TRP n 
1 80  LYS n 
1 81  LYS n 
1 82  ARG n 
1 83  TRP n 
1 84  PHE n 
1 85  VAL n 
1 86  LEU n 
1 87  ARG n 
1 88  GLN n 
1 89  SER n 
1 90  LYS n 
1 91  LEU n 
1 92  MET n 
1 93  TYR n 
1 94  PHE n 
1 95  GLU n 
1 96  ASN n 
1 97  ASP n 
1 98  SER n 
1 99  GLU n 
1 100 GLU n 
1 101 LYS n 
1 102 LEU n 
1 103 LYS n 
1 104 GLY n 
1 105 THR n 
1 106 VAL n 
1 107 GLU n 
1 108 VAL n 
1 109 ARG n 
1 110 SER n 
1 111 ALA n 
1 112 LYS n 
1 113 GLU n 
1 114 ILE n 
1 115 ILE n 
1 116 ASP n 
1 117 ASN n 
1 118 THR n 
1 119 ASN n 
1 120 LYS n 
1 121 GLU n 
1 122 ASN n 
1 123 GLY n 
1 124 ILE n 
1 125 ASP n 
1 126 ILE n 
1 127 ILE n 
1 128 MET n 
1 129 ALA n 
1 130 ASP n 
1 131 ARG n 
1 132 THR n 
1 133 PHE n 
1 134 HIS n 
1 135 LEU n 
1 136 ILE n 
1 137 ALA n 
1 138 GLU n 
1 139 SER n 
1 140 PRO n 
1 141 GLU n 
1 142 ASP n 
1 143 ALA n 
1 144 SER n 
1 145 GLN n 
1 146 TRP n 
1 147 PHE n 
1 148 SER n 
1 149 VAL n 
1 150 LEU n 
1 151 SER n 
1 152 GLN n 
1 153 VAL n 
1 154 HIS n 
1 155 SER n 
1 156 SER n 
1 157 THR n 
1 158 ASP n 
1 159 GLN n 
1 160 GLU n 
1 161 ILE n 
1 162 ARG n 
1 163 GLU n 
1 164 MET n 
1 165 HIS n 
1 166 ASP n 
1 167 GLU n 
1 168 GLN n 
1 169 ALA n 
1 170 ASN n 
1 171 PRO n 
1 172 GLN n 
1 173 ASN n 
1 174 ALA n 
1 175 VAL n 
1 176 GLY n 
1 177 THR n 
1 178 LEU n 
1 179 ASP n 
1 180 VAL n 
1 181 GLY n 
1 182 LEU n 
1 183 ILE n 
1 184 ASP n 
1 185 SER n 
1 186 VAL n 
1 187 CYS n 
1 188 ALA n 
1 189 SER n 
1 190 ASP n 
1 191 SER n 
1 192 PRO n 
1 193 ASP n 
1 194 ARG n 
1 195 PRO n 
1 196 ASN n 
1 197 SER n 
1 198 PHE n 
1 199 VAL n 
1 200 ILE n 
1 201 ILE n 
1 202 THR n 
1 203 ALA n 
1 204 ASN n 
1 205 ARG n 
1 206 VAL n 
1 207 LEU n 
1 208 HIS n 
1 209 CYS n 
1 210 ASN n 
1 211 ALA n 
1 212 ASP n 
1 213 THR n 
1 214 PRO n 
1 215 GLU n 
1 216 GLU n 
1 217 MET n 
1 218 HIS n 
1 219 HIS n 
1 220 TRP n 
1 221 ILE n 
1 222 THR n 
1 223 LEU n 
1 224 LEU n 
1 225 GLN n 
1 226 ARG n 
1 227 SER n 
1 228 LYS n 
# 
_entity_src_gen.entity_id                          1 
_entity_src_gen.pdbx_src_id                        1 
_entity_src_gen.pdbx_alt_source_flag               sample 
_entity_src_gen.pdbx_seq_type                      ? 
_entity_src_gen.pdbx_beg_seq_num                   ? 
_entity_src_gen.pdbx_end_seq_num                   ? 
_entity_src_gen.gene_src_common_name               rat 
_entity_src_gen.gene_src_genus                     ? 
_entity_src_gen.pdbx_gene_src_gene                 Myo10 
_entity_src_gen.gene_src_species                   ? 
_entity_src_gen.gene_src_strain                    ? 
_entity_src_gen.gene_src_tissue                    ? 
_entity_src_gen.gene_src_tissue_fraction           ? 
_entity_src_gen.gene_src_details                   ? 
_entity_src_gen.pdbx_gene_src_fragment             ? 
_entity_src_gen.pdbx_gene_src_scientific_name      'Rattus norvegicus' 
_entity_src_gen.pdbx_gene_src_ncbi_taxonomy_id     10116 
_entity_src_gen.pdbx_gene_src_variant              ? 
_entity_src_gen.pdbx_gene_src_cell_line            ? 
_entity_src_gen.pdbx_gene_src_atcc                 ? 
_entity_src_gen.pdbx_gene_src_organ                ? 
_entity_src_gen.pdbx_gene_src_organelle            ? 
_entity_src_gen.pdbx_gene_src_cell                 ? 
_entity_src_gen.pdbx_gene_src_cellular_location    ? 
_entity_src_gen.host_org_common_name               ? 
_entity_src_gen.pdbx_host_org_scientific_name      'Escherichia coli' 
_entity_src_gen.pdbx_host_org_ncbi_taxonomy_id     562 
_entity_src_gen.host_org_genus                     ? 
_entity_src_gen.pdbx_host_org_gene                 ? 
_entity_src_gen.pdbx_host_org_organ                ? 
_entity_src_gen.host_org_species                   ? 
_entity_src_gen.pdbx_host_org_tissue               ? 
_entity_src_gen.pdbx_host_org_tissue_fraction      ? 
_entity_src_gen.pdbx_host_org_strain               ? 
_entity_src_gen.pdbx_host_org_variant              ? 
_entity_src_gen.pdbx_host_org_cell_line            ? 
_entity_src_gen.pdbx_host_org_atcc                 ? 
_entity_src_gen.pdbx_host_org_culture_collection   ? 
_entity_src_gen.pdbx_host_org_cell                 ? 
_entity_src_gen.pdbx_host_org_organelle            ? 
_entity_src_gen.pdbx_host_org_cellular_location    ? 
_entity_src_gen.pdbx_host_org_vector_type          ? 
_entity_src_gen.pdbx_host_org_vector               ? 
_entity_src_gen.host_org_details                   ? 
_entity_src_gen.expression_system_id               ? 
_entity_src_gen.plasmid_name                       ? 
_entity_src_gen.plasmid_details                    ? 
_entity_src_gen.pdbx_description                   ? 
# 
_struct_ref.id                         1 
_struct_ref.db_name                    UNP 
_struct_ref.db_code                    D3ZZ73_RAT 
_struct_ref.pdbx_db_accession          D3ZZ73 
_struct_ref.entity_id                  1 
_struct_ref.pdbx_seq_one_letter_code   
;PYFHSFLYMKGGLMNSWKRRWCVLKDETFLWFRSKQEALKQGWLHKKGGGSSTLSRRNWKKRWFVLRQSKLMYFENDSEE
KLKGTVEVRSAKEIIDNTNKENGIDIIMADRTFHLIAESPEDASQWFSVLSQVHSSTDQEIREMHDEQANPQNAVGTLDV
GLIDSVCASDSPDRPNSFVIITANRVLHCNADTPEEMHHWITLLQRSK
;
_struct_ref.pdbx_align_begin           866 
_struct_ref.pdbx_db_isoform            ? 
# 
_struct_ref_seq.align_id                      1 
_struct_ref_seq.ref_id                        1 
_struct_ref_seq.pdbx_PDB_id_code              3TFM 
_struct_ref_seq.pdbx_strand_id                A 
_struct_ref_seq.seq_align_beg                 21 
_struct_ref_seq.pdbx_seq_align_beg_ins_code   ? 
_struct_ref_seq.seq_align_end                 228 
_struct_ref_seq.pdbx_seq_align_end_ins_code   ? 
_struct_ref_seq.pdbx_db_accession             D3ZZ73 
_struct_ref_seq.db_align_beg                  866 
_struct_ref_seq.pdbx_db_align_beg_ins_code    ? 
_struct_ref_seq.db_align_end                  1073 
_struct_ref_seq.pdbx_db_align_end_ins_code    ? 
_struct_ref_seq.pdbx_auth_seq_align_beg       9 
_struct_ref_seq.pdbx_auth_seq_align_end       216 
# 
loop_
_struct_ref_seq_dif.align_id 
_struct_ref_seq_dif.pdbx_pdb_id_code 
_struct_ref_seq_dif.mon_id 
_struct_ref_seq_dif.pdbx_pdb_strand_id 
_struct_ref_seq_dif.seq_num 
_struct_ref_seq_dif.pdbx_pdb_ins_code 
_struct_ref_seq_dif.pdbx_seq_db_name 
_struct_ref_seq_dif.pdbx_seq_db_accession_code 
_struct_ref_seq_dif.db_mon_id 
_struct_ref_seq_dif.pdbx_seq_db_seq_num 
_struct_ref_seq_dif.details 
_struct_ref_seq_dif.pdbx_auth_seq_num 
_struct_ref_seq_dif.pdbx_ordinal 
1 3TFM MET A 1  ? UNP D3ZZ73 ?   ?   'expression tag'      -11 1  
1 3TFM HIS A 2  ? UNP D3ZZ73 ?   ?   'expression tag'      -10 2  
1 3TFM HIS A 3  ? UNP D3ZZ73 ?   ?   'expression tag'      -9  3  
1 3TFM HIS A 4  ? UNP D3ZZ73 ?   ?   'expression tag'      -8  4  
1 3TFM HIS A 5  ? UNP D3ZZ73 ?   ?   'expression tag'      -7  5  
1 3TFM HIS A 6  ? UNP D3ZZ73 ?   ?   'expression tag'      -6  6  
1 3TFM HIS A 7  ? UNP D3ZZ73 ?   ?   'expression tag'      -5  7  
1 3TFM SER A 8  ? UNP D3ZZ73 ?   ?   'expression tag'      -4  8  
1 3TFM SER A 9  ? UNP D3ZZ73 ?   ?   'expression tag'      -3  9  
1 3TFM GLY A 10 ? UNP D3ZZ73 ?   ?   'expression tag'      -2  10 
1 3TFM LEU A 11 ? UNP D3ZZ73 ?   ?   'expression tag'      -1  11 
1 3TFM GLU A 12 ? UNP D3ZZ73 ?   ?   'expression tag'      0   12 
1 3TFM VAL A 13 ? UNP D3ZZ73 ?   ?   'expression tag'      1   13 
1 3TFM LEU A 14 ? UNP D3ZZ73 ?   ?   'expression tag'      2   14 
1 3TFM PHE A 15 ? UNP D3ZZ73 ?   ?   'expression tag'      3   15 
1 3TFM GLN A 16 ? UNP D3ZZ73 ?   ?   'expression tag'      4   16 
1 3TFM GLY A 17 ? UNP D3ZZ73 ?   ?   'expression tag'      5   17 
1 3TFM PRO A 18 ? UNP D3ZZ73 ?   ?   'expression tag'      6   18 
1 3TFM GLY A 19 ? UNP D3ZZ73 ?   ?   'expression tag'      7   19 
1 3TFM SER A 20 ? UNP D3ZZ73 ?   ?   'expression tag'      8   20 
1 3TFM ASN A 30 ? UNP D3ZZ73 LYS 875 'engineered mutation' 18  21 
1 3TFM ASN A 66 ? UNP D3ZZ73 LYS 911 'engineered mutation' 54  22 
1 3TFM ASN A 67 ? UNP D3ZZ73 LYS 912 'engineered mutation' 55  23 
# 
loop_
_chem_comp.id 
_chem_comp.type 
_chem_comp.mon_nstd_flag 
_chem_comp.name 
_chem_comp.pdbx_synonyms 
_chem_comp.formula 
_chem_comp.formula_weight 
ALA 'L-peptide linking' y ALANINE         ? 'C3 H7 N O2'     89.093  
ARG 'L-peptide linking' y ARGININE        ? 'C6 H15 N4 O2 1' 175.209 
ASN 'L-peptide linking' y ASPARAGINE      ? 'C4 H8 N2 O3'    132.118 
ASP 'L-peptide linking' y 'ASPARTIC ACID' ? 'C4 H7 N O4'     133.103 
CYS 'L-peptide linking' y CYSTEINE        ? 'C3 H7 N O2 S'   121.158 
GLN 'L-peptide linking' y GLUTAMINE       ? 'C5 H10 N2 O3'   146.144 
GLU 'L-peptide linking' y 'GLUTAMIC ACID' ? 'C5 H9 N O4'     147.129 
GLY 'peptide linking'   y GLYCINE         ? 'C2 H5 N O2'     75.067  
HIS 'L-peptide linking' y HISTIDINE       ? 'C6 H10 N3 O2 1' 156.162 
HOH non-polymer         . WATER           ? 'H2 O'           18.015  
ILE 'L-peptide linking' y ISOLEUCINE      ? 'C6 H13 N O2'    131.173 
LEU 'L-peptide linking' y LEUCINE         ? 'C6 H13 N O2'    131.173 
LYS 'L-peptide linking' y LYSINE          ? 'C6 H15 N2 O2 1' 147.195 
MET 'L-peptide linking' y METHIONINE      ? 'C5 H11 N O2 S'  149.211 
PHE 'L-peptide linking' y PHENYLALANINE   ? 'C9 H11 N O2'    165.189 
PO4 non-polymer         . 'PHOSPHATE ION' ? 'O4 P -3'        94.971  
PRO 'L-peptide linking' y PROLINE         ? 'C5 H9 N O2'     115.130 
SER 'L-peptide linking' y SERINE          ? 'C3 H7 N O3'     105.093 
THR 'L-peptide linking' y THREONINE       ? 'C4 H9 N O3'     119.119 
TRP 'L-peptide linking' y TRYPTOPHAN      ? 'C11 H12 N2 O2'  204.225 
TYR 'L-peptide linking' y TYROSINE        ? 'C9 H11 N O3'    181.189 
VAL 'L-peptide linking' y VALINE          ? 'C5 H11 N O2'    117.146 
# 
_exptl.entry_id          3TFM 
_exptl.method            'X-RAY DIFFRACTION' 
_exptl.crystals_number   1 
# 
_exptl_crystal.id                    1 
_exptl_crystal.density_meas          ? 
_exptl_crystal.density_Matthews      1.98 
_exptl_crystal.density_percent_sol   37.92 
_exptl_crystal.description           ? 
_exptl_crystal.F_000                 ? 
_exptl_crystal.preparation           ? 
# 
_exptl_crystal_grow.crystal_id      1 
_exptl_crystal_grow.method          'VAPOR DIFFUSION, HANGING DROP' 
_exptl_crystal_grow.temp            289 
_exptl_crystal_grow.temp_details    ? 
_exptl_crystal_grow.pH              7.0 
_exptl_crystal_grow.pdbx_details    
'20%(w/v) PEG8000, 0.05M potassium phosphate monobasic, pH 7.0, VAPOR DIFFUSION, HANGING DROP, temperature 289K' 
_exptl_crystal_grow.pdbx_pH_range   . 
# 
_diffrn.id                     1 
_diffrn.ambient_temp           110 
_diffrn.ambient_temp_details   ? 
_diffrn.crystal_id             1 
# 
_diffrn_detector.diffrn_id              1 
_diffrn_detector.detector               'IMAGE PLATE' 
_diffrn_detector.type                   'RIGAKU RAXIS IV++' 
_diffrn_detector.pdbx_collection_date   ? 
_diffrn_detector.details                ? 
# 
_diffrn_radiation.diffrn_id                        1 
_diffrn_radiation.wavelength_id                    1 
_diffrn_radiation.pdbx_monochromatic_or_laue_m_l   M 
_diffrn_radiation.monochromator                    'COPPER ANODE CONFOCAL OPTIC' 
_diffrn_radiation.pdbx_diffrn_protocol             'SINGLE WAVELENGTH' 
_diffrn_radiation.pdbx_scattering_type             x-ray 
# 
_diffrn_radiation_wavelength.id           1 
_diffrn_radiation_wavelength.wavelength   1.5418 
_diffrn_radiation_wavelength.wt           1.0 
# 
_diffrn_source.diffrn_id                   1 
_diffrn_source.source                      'ROTATING ANODE' 
_diffrn_source.type                        'RIGAKU MICROMAX-007' 
_diffrn_source.pdbx_synchrotron_site       ? 
_diffrn_source.pdbx_synchrotron_beamline   ? 
_diffrn_source.pdbx_wavelength             ? 
_diffrn_source.pdbx_wavelength_list        1.5418 
# 
_reflns.entry_id                     3TFM 
_reflns.observed_criterion_sigma_I   1 
_reflns.observed_criterion_sigma_F   1 
_reflns.d_resolution_low             30 
_reflns.d_resolution_high            2.53 
_reflns.number_obs                   5972 
_reflns.number_all                   6630 
_reflns.percent_possible_obs         96.21 
_reflns.pdbx_Rmerge_I_obs            0.066 
_reflns.pdbx_Rsym_value              ? 
_reflns.pdbx_netI_over_sigmaI        10.0 
_reflns.B_iso_Wilson_estimate        ? 
_reflns.pdbx_redundancy              2.8 
_reflns.R_free_details               ? 
_reflns.limit_h_max                  ? 
_reflns.limit_h_min                  ? 
_reflns.limit_k_max                  ? 
_reflns.limit_k_min                  ? 
_reflns.limit_l_max                  ? 
_reflns.limit_l_min                  ? 
_reflns.observed_criterion_F_max     ? 
_reflns.observed_criterion_F_min     ? 
_reflns.pdbx_chi_squared             ? 
_reflns.pdbx_scaling_rejects         ? 
_reflns.pdbx_ordinal                 1 
_reflns.pdbx_diffrn_id               1 
# 
_reflns_shell.d_res_high                  2.53 
_reflns_shell.d_res_low                   2.60 
_reflns_shell.percent_possible_all        96.7 
_reflns_shell.Rmerge_I_obs                0.333 
_reflns_shell.pdbx_Rsym_value             ? 
_reflns_shell.meanI_over_sigI_obs         2.3 
_reflns_shell.pdbx_redundancy             2.6 
_reflns_shell.percent_possible_obs        ? 
_reflns_shell.number_unique_all           ? 
_reflns_shell.number_measured_all         ? 
_reflns_shell.number_measured_obs         ? 
_reflns_shell.number_unique_obs           ? 
_reflns_shell.pdbx_chi_squared            ? 
_reflns_shell.pdbx_rejects                ? 
_reflns_shell.pdbx_netI_over_sigmaI_obs   ? 
_reflns_shell.number_possible             ? 
_reflns_shell.Rmerge_F_all                ? 
_reflns_shell.Rmerge_F_obs                ? 
_reflns_shell.Rmerge_I_all                ? 
_reflns_shell.meanI_over_sigI_all         ? 
_reflns_shell.pdbx_Rrim_I_all             ? 
_reflns_shell.pdbx_Rpim_I_all             ? 
_reflns_shell.pdbx_ordinal                1 
_reflns_shell.pdbx_diffrn_id              1 
# 
_refine.entry_id                                 3TFM 
_refine.ls_number_reflns_obs                     5972 
_refine.ls_number_reflns_all                     6630 
_refine.pdbx_ls_sigma_I                          ? 
_refine.pdbx_ls_sigma_F                          ? 
_refine.pdbx_data_cutoff_high_absF               ? 
_refine.pdbx_data_cutoff_low_absF                ? 
_refine.pdbx_data_cutoff_high_rms_absF           ? 
_refine.ls_d_res_low                             30.00 
_refine.ls_d_res_high                            2.53 
_refine.ls_percent_reflns_obs                    96.21 
_refine.ls_R_factor_obs                          0.22117 
_refine.ls_R_factor_all                          ? 
_refine.ls_R_factor_R_work                       0.21526 
_refine.ls_R_factor_R_free                       0.27775 
_refine.ls_R_factor_R_free_error                 ? 
_refine.ls_R_factor_R_free_error_details         ? 
_refine.ls_percent_reflns_R_free                 9.9 
_refine.ls_number_reflns_R_free                  654 
_refine.ls_number_parameters                     ? 
_refine.ls_number_restraints                     ? 
_refine.occupancy_min                            ? 
_refine.occupancy_max                            ? 
_refine.correlation_coeff_Fo_to_Fc               0.934 
_refine.correlation_coeff_Fo_to_Fc_free          0.894 
_refine.B_iso_mean                               43.719 
_refine.aniso_B[1][1]                            1.35 
_refine.aniso_B[2][2]                            1.35 
_refine.aniso_B[3][3]                            -2.71 
_refine.aniso_B[1][2]                            0.00 
_refine.aniso_B[1][3]                            0.00 
_refine.aniso_B[2][3]                            0.00 
_refine.solvent_model_details                    MASK 
_refine.solvent_model_param_ksol                 ? 
_refine.solvent_model_param_bsol                 ? 
_refine.pdbx_solvent_vdw_probe_radii             1.20 
_refine.pdbx_solvent_ion_probe_radii             0.80 
_refine.pdbx_solvent_shrinkage_radii             0.80 
_refine.pdbx_ls_cross_valid_method               THROUGHOUT 
_refine.details                                  'HYDROGENS HAVE BEEN ADDED IN THE RIDING POSITIONS' 
_refine.pdbx_starting_model                      'PDB ENTRY 1FAO' 
_refine.pdbx_method_to_determine_struct          'MOLECULAR REPLACEMENT' 
_refine.pdbx_isotropic_thermal_model             ? 
_refine.pdbx_stereochemistry_target_values       'MAXIMUM LIKELIHOOD' 
_refine.pdbx_stereochem_target_val_spec_case     ? 
_refine.pdbx_R_Free_selection_details            RANDOM 
_refine.pdbx_overall_ESU_R_Free                  0.402 
_refine.overall_SU_ML                            ? 
_refine.pdbx_overall_phase_error                 ? 
_refine.overall_SU_B                             ? 
_refine.overall_SU_R_Cruickshank_DPI             ? 
_refine.ls_redundancy_reflns_obs                 ? 
_refine.B_iso_min                                ? 
_refine.B_iso_max                                ? 
_refine.overall_SU_R_free                        ? 
_refine.ls_wR_factor_R_free                      ? 
_refine.ls_wR_factor_R_work                      ? 
_refine.overall_FOM_free_R_set                   ? 
_refine.overall_FOM_work_R_set                   ? 
_refine.pdbx_diffrn_id                           1 
_refine.pdbx_refine_id                           'X-RAY DIFFRACTION' 
_refine.pdbx_overall_ESU_R                       ? 
_refine.pdbx_TLS_residual_ADP_flag               ? 
_refine.pdbx_overall_SU_R_free_Cruickshank_DPI   ? 
_refine.pdbx_overall_SU_R_Blow_DPI               ? 
_refine.pdbx_overall_SU_R_free_Blow_DPI          ? 
# 
_refine_hist.pdbx_refine_id                   'X-RAY DIFFRACTION' 
_refine_hist.cycle_id                         LAST 
_refine_hist.pdbx_number_atoms_protein        1699 
_refine_hist.pdbx_number_atoms_nucleic_acid   0 
_refine_hist.pdbx_number_atoms_ligand         10 
_refine_hist.number_atoms_solvent             69 
_refine_hist.number_atoms_total               1778 
_refine_hist.d_res_high                       2.53 
_refine_hist.d_res_low                        30.00 
# 
loop_
_refine_ls_restr.type 
_refine_ls_restr.dev_ideal 
_refine_ls_restr.dev_ideal_target 
_refine_ls_restr.weight 
_refine_ls_restr.number 
_refine_ls_restr.pdbx_restraint_function 
_refine_ls_restr.pdbx_refine_id 
r_bond_refined_d             0.012  0.021  ? 1748 ? 'X-RAY DIFFRACTION' 
r_bond_other_d               ?      ?      ? ?    ? 'X-RAY DIFFRACTION' 
r_angle_refined_deg          1.110  1.919  ? 2363 ? 'X-RAY DIFFRACTION' 
r_angle_other_deg            ?      ?      ? ?    ? 'X-RAY DIFFRACTION' 
r_dihedral_angle_1_deg       4.403  5.000  ? 207  ? 'X-RAY DIFFRACTION' 
r_dihedral_angle_2_deg       37.335 24.130 ? 92   ? 'X-RAY DIFFRACTION' 
r_dihedral_angle_3_deg       18.073 15.000 ? 308  ? 'X-RAY DIFFRACTION' 
r_dihedral_angle_4_deg       15.881 15.000 ? 13   ? 'X-RAY DIFFRACTION' 
r_chiral_restr               0.084  0.200  ? 247  ? 'X-RAY DIFFRACTION' 
r_gen_planes_refined         0.004  0.020  ? 1332 ? 'X-RAY DIFFRACTION' 
r_gen_planes_other           ?      ?      ? ?    ? 'X-RAY DIFFRACTION' 
r_nbd_refined                0.209  0.200  ? 700  ? 'X-RAY DIFFRACTION' 
r_nbd_other                  ?      ?      ? ?    ? 'X-RAY DIFFRACTION' 
r_nbtor_refined              0.305  0.200  ? 1153 ? 'X-RAY DIFFRACTION' 
r_nbtor_other                ?      ?      ? ?    ? 'X-RAY DIFFRACTION' 
r_xyhbond_nbd_refined        0.133  0.200  ? 74   ? 'X-RAY DIFFRACTION' 
r_xyhbond_nbd_other          ?      ?      ? ?    ? 'X-RAY DIFFRACTION' 
r_metal_ion_refined          ?      ?      ? ?    ? 'X-RAY DIFFRACTION' 
r_metal_ion_other            ?      ?      ? ?    ? 'X-RAY DIFFRACTION' 
r_symmetry_vdw_refined       0.194  0.200  ? 60   ? 'X-RAY DIFFRACTION' 
r_symmetry_vdw_other         ?      ?      ? ?    ? 'X-RAY DIFFRACTION' 
r_symmetry_hbond_refined     0.121  0.200  ? 4    ? 'X-RAY DIFFRACTION' 
r_symmetry_hbond_other       ?      ?      ? ?    ? 'X-RAY DIFFRACTION' 
r_symmetry_metal_ion_refined ?      ?      ? ?    ? 'X-RAY DIFFRACTION' 
r_symmetry_metal_ion_other   ?      ?      ? ?    ? 'X-RAY DIFFRACTION' 
r_mcbond_it                  1.380  1.500  ? 1035 ? 'X-RAY DIFFRACTION' 
r_mcbond_other               ?      ?      ? ?    ? 'X-RAY DIFFRACTION' 
r_mcangle_it                 2.512  2.000  ? 1670 ? 'X-RAY DIFFRACTION' 
r_scbond_it                  1.763  3.000  ? 713  ? 'X-RAY DIFFRACTION' 
r_scangle_it                 2.661  4.500  ? 693  ? 'X-RAY DIFFRACTION' 
r_rigid_bond_restr           ?      ?      ? ?    ? 'X-RAY DIFFRACTION' 
r_sphericity_free            ?      ?      ? ?    ? 'X-RAY DIFFRACTION' 
r_sphericity_bonded          ?      ?      ? ?    ? 'X-RAY DIFFRACTION' 
# 
_refine_ls_shell.pdbx_refine_id                   'X-RAY DIFFRACTION' 
_refine_ls_shell.pdbx_total_number_of_bins_used   20 
_refine_ls_shell.d_res_high                       2.532 
_refine_ls_shell.d_res_low                        2.598 
_refine_ls_shell.number_reflns_R_work             430 
_refine_ls_shell.R_factor_R_work                  0.336 
_refine_ls_shell.percent_reflns_obs               91.76 
_refine_ls_shell.R_factor_R_free                  0.383 
_refine_ls_shell.R_factor_R_free_error            ? 
_refine_ls_shell.percent_reflns_R_free            ? 
_refine_ls_shell.number_reflns_R_free             49 
_refine_ls_shell.number_reflns_all                ? 
_refine_ls_shell.R_factor_all                     ? 
_refine_ls_shell.number_reflns_obs                ? 
_refine_ls_shell.redundancy_reflns_obs            ? 
# 
_struct.entry_id                  3TFM 
_struct.title                     'Myosin X PH1N-PH2-PH1C tandem' 
_struct.pdbx_model_details        ? 
_struct.pdbx_CASP_flag            ? 
_struct.pdbx_model_type_details   ? 
# 
_struct_keywords.entry_id        3TFM 
_struct_keywords.pdbx_keywords   'MOTOR PROTEIN' 
_struct_keywords.text            'Split PH domain, MOTOR PROTEIN' 
# 
loop_
_struct_asym.id 
_struct_asym.pdbx_blank_PDB_chainid_flag 
_struct_asym.pdbx_modified 
_struct_asym.entity_id 
_struct_asym.details 
A N N 1 ? 
B N N 2 ? 
C N N 2 ? 
D N N 3 ? 
# 
_struct_biol.id        1 
_struct_biol.details   ? 
# 
loop_
_struct_conf.conf_type_id 
_struct_conf.id 
_struct_conf.pdbx_PDB_helix_id 
_struct_conf.beg_label_comp_id 
_struct_conf.beg_label_asym_id 
_struct_conf.beg_label_seq_id 
_struct_conf.pdbx_beg_PDB_ins_code 
_struct_conf.end_label_comp_id 
_struct_conf.end_label_asym_id 
_struct_conf.end_label_seq_id 
_struct_conf.pdbx_end_PDB_ins_code 
_struct_conf.beg_auth_comp_id 
_struct_conf.beg_auth_asym_id 
_struct_conf.beg_auth_seq_id 
_struct_conf.end_auth_comp_id 
_struct_conf.end_auth_asym_id 
_struct_conf.end_auth_seq_id 
_struct_conf.pdbx_PDB_helix_class 
_struct_conf.details 
_struct_conf.pdbx_PDB_helix_length 
HELX_P HELX_P1 1 GLY A 68  ? SER A 71  ? GLY A 56  SER A 59  5 ? 4  
HELX_P HELX_P2 2 SER A 75  ? TRP A 79  ? SER A 63  TRP A 67  5 ? 5  
HELX_P HELX_P3 3 ARG A 109 ? ALA A 111 ? ARG A 97  ALA A 99  5 ? 3  
HELX_P HELX_P4 4 SER A 139 ? SER A 155 ? SER A 127 SER A 143 1 ? 17 
HELX_P HELX_P5 5 THR A 157 ? ARG A 162 ? THR A 145 ARG A 150 1 ? 6  
HELX_P HELX_P6 6 THR A 213 ? GLN A 225 ? THR A 201 GLN A 213 1 ? 13 
# 
_struct_conf_type.id          HELX_P 
_struct_conf_type.criteria    ? 
_struct_conf_type.reference   ? 
# 
loop_
_struct_sheet.id 
_struct_sheet.type 
_struct_sheet.number_strands 
_struct_sheet.details 
A ? 7 ? 
B ? 7 ? 
# 
loop_
_struct_sheet_order.sheet_id 
_struct_sheet_order.range_id_1 
_struct_sheet_order.range_id_2 
_struct_sheet_order.offset 
_struct_sheet_order.sense 
A 1 2 ? anti-parallel 
A 2 3 ? anti-parallel 
A 3 4 ? anti-parallel 
A 4 5 ? anti-parallel 
A 5 6 ? anti-parallel 
A 6 7 ? anti-parallel 
B 1 2 ? anti-parallel 
B 2 3 ? anti-parallel 
B 3 4 ? anti-parallel 
B 4 5 ? anti-parallel 
B 5 6 ? anti-parallel 
B 6 7 ? anti-parallel 
# 
loop_
_struct_sheet_range.sheet_id 
_struct_sheet_range.id 
_struct_sheet_range.beg_label_comp_id 
_struct_sheet_range.beg_label_asym_id 
_struct_sheet_range.beg_label_seq_id 
_struct_sheet_range.pdbx_beg_PDB_ins_code 
_struct_sheet_range.end_label_comp_id 
_struct_sheet_range.end_label_asym_id 
_struct_sheet_range.end_label_seq_id 
_struct_sheet_range.pdbx_end_PDB_ins_code 
_struct_sheet_range.beg_auth_comp_id 
_struct_sheet_range.beg_auth_asym_id 
_struct_sheet_range.beg_auth_seq_id 
_struct_sheet_range.end_auth_comp_id 
_struct_sheet_range.end_auth_asym_id 
_struct_sheet_range.end_auth_seq_id 
A 1 GLY A 176 ? ASP A 179 ? GLY A 164 ASP A 167 
A 2 THR A 48  ? PHE A 52  ? THR A 36  PHE A 40  
A 3 LYS A 38  ? LYS A 45  ? LYS A 26  LYS A 33  
A 4 PHE A 23  ? MET A 29  ? PHE A 11  MET A 17  
A 5 ARG A 205 ? ASN A 210 ? ARG A 193 ASN A 198 
A 6 SER A 197 ? THR A 202 ? SER A 185 THR A 190 
A 7 ILE A 183 ? ALA A 188 ? ILE A 171 ALA A 176 
B 1 LEU A 102 ? GLU A 107 ? LEU A 90  GLU A 95  
B 2 LYS A 90  ? PHE A 94  ? LYS A 78  PHE A 82  
B 3 LYS A 80  ? LEU A 86  ? LYS A 68  LEU A 74  
B 4 LYS A 60  ? ASN A 66  ? LYS A 48  ASN A 54  
B 5 THR A 132 ? ILE A 136 ? THR A 120 ILE A 124 
B 6 GLY A 123 ? ILE A 127 ? GLY A 111 ILE A 115 
B 7 GLU A 113 ? ASP A 116 ? GLU A 101 ASP A 104 
# 
loop_
_pdbx_struct_sheet_hbond.sheet_id 
_pdbx_struct_sheet_hbond.range_id_1 
_pdbx_struct_sheet_hbond.range_id_2 
_pdbx_struct_sheet_hbond.range_1_label_atom_id 
_pdbx_struct_sheet_hbond.range_1_label_comp_id 
_pdbx_struct_sheet_hbond.range_1_label_asym_id 
_pdbx_struct_sheet_hbond.range_1_label_seq_id 
_pdbx_struct_sheet_hbond.range_1_PDB_ins_code 
_pdbx_struct_sheet_hbond.range_1_auth_atom_id 
_pdbx_struct_sheet_hbond.range_1_auth_comp_id 
_pdbx_struct_sheet_hbond.range_1_auth_asym_id 
_pdbx_struct_sheet_hbond.range_1_auth_seq_id 
_pdbx_struct_sheet_hbond.range_2_label_atom_id 
_pdbx_struct_sheet_hbond.range_2_label_comp_id 
_pdbx_struct_sheet_hbond.range_2_label_asym_id 
_pdbx_struct_sheet_hbond.range_2_label_seq_id 
_pdbx_struct_sheet_hbond.range_2_PDB_ins_code 
_pdbx_struct_sheet_hbond.range_2_auth_atom_id 
_pdbx_struct_sheet_hbond.range_2_auth_comp_id 
_pdbx_struct_sheet_hbond.range_2_auth_asym_id 
_pdbx_struct_sheet_hbond.range_2_auth_seq_id 
A 1 2 O LEU A 178 ? O LEU A 166 N PHE A 49  ? N PHE A 37  
A 2 3 O PHE A 52  ? O PHE A 40  N TRP A 41  ? N TRP A 29  
A 3 4 O ARG A 40  ? O ARG A 28  N LEU A 27  ? N LEU A 15  
A 4 5 N TYR A 28  ? N TYR A 16  O ASN A 210 ? O ASN A 198 
A 5 6 O ARG A 205 ? O ARG A 193 N THR A 202 ? N THR A 190 
A 6 7 O VAL A 199 ? O VAL A 187 N CYS A 187 ? N CYS A 175 
B 1 2 O VAL A 106 ? O VAL A 94  N LEU A 91  ? N LEU A 79  
B 2 3 O MET A 92  ? O MET A 80  N VAL A 85  ? N VAL A 73  
B 3 4 O PHE A 84  ? O PHE A 72  N GLY A 62  ? N GLY A 50  
B 4 5 N HIS A 65  ? N HIS A 53  O ILE A 136 ? O ILE A 124 
B 5 6 O LEU A 135 ? O LEU A 123 N ILE A 124 ? N ILE A 112 
B 6 7 O ILE A 127 ? O ILE A 115 N GLU A 113 ? N GLU A 101 
# 
loop_
_struct_site.id 
_struct_site.pdbx_evidence_code 
_struct_site.pdbx_auth_asym_id 
_struct_site.pdbx_auth_comp_id 
_struct_site.pdbx_auth_seq_id 
_struct_site.pdbx_auth_ins_code 
_struct_site.pdbx_num_residues 
_struct_site.details 
AC1 Software A PO4 217 ? 4 'BINDING SITE FOR RESIDUE PO4 A 217' 
AC2 Software A PO4 218 ? 3 'BINDING SITE FOR RESIDUE PO4 A 218' 
# 
loop_
_struct_site_gen.id 
_struct_site_gen.site_id 
_struct_site_gen.pdbx_num_res 
_struct_site_gen.label_comp_id 
_struct_site_gen.label_asym_id 
_struct_site_gen.label_seq_id 
_struct_site_gen.pdbx_auth_ins_code 
_struct_site_gen.auth_comp_id 
_struct_site_gen.auth_asym_id 
_struct_site_gen.auth_seq_id 
_struct_site_gen.label_atom_id 
_struct_site_gen.label_alt_id 
_struct_site_gen.symmetry 
_struct_site_gen.details 
1 AC1 4 LYS A 38  ? LYS A 26  . ? 1_555 ? 
2 AC1 4 ARG A 40  ? ARG A 28  . ? 1_555 ? 
3 AC1 4 ARG A 53  ? ARG A 41  . ? 1_555 ? 
4 AC1 4 HOH D .   ? HOH A 235 . ? 1_555 ? 
5 AC2 3 SER A 71  ? SER A 59  . ? 4_454 ? 
6 AC2 3 ARG A 131 ? ARG A 119 . ? 4_454 ? 
7 AC2 3 HIS A 208 ? HIS A 196 . ? 1_555 ? 
# 
_atom_sites.entry_id                    3TFM 
_atom_sites.fract_transf_matrix[1][1]   -0.01705594 
_atom_sites.fract_transf_matrix[1][2]   0.00873846 
_atom_sites.fract_transf_matrix[1][3]   0.01922318 
_atom_sites.fract_transf_matrix[2][1]   0.01933254 
_atom_sites.fract_transf_matrix[2][2]   0.01640171 
_atom_sites.fract_transf_matrix[2][3]   0.00969709 
_atom_sites.fract_transf_matrix[3][1]   -0.00203020 
_atom_sites.fract_transf_matrix[3][2]   0.00472888 
_atom_sites.fract_transf_matrix[3][3]   -0.00395096 
_atom_sites.fract_transf_vector[1]      -0.048998 
_atom_sites.fract_transf_vector[2]      0.300302 
_atom_sites.fract_transf_vector[3]      -0.087525 
# 
loop_
_atom_type.symbol 
C 
N 
O 
P 
S 
# 
loop_
_atom_site.group_PDB 
_atom_site.id 
_atom_site.type_symbol 
_atom_site.label_atom_id 
_atom_site.label_alt_id 
_atom_site.label_comp_id 
_atom_site.label_asym_id 
_atom_site.label_entity_id 
_atom_site.label_seq_id 
_atom_site.pdbx_PDB_ins_code 
_atom_site.Cartn_x 
_atom_site.Cartn_y 
_atom_site.Cartn_z 
_atom_site.occupancy 
_atom_site.B_iso_or_equiv 
_atom_site.pdbx_formal_charge 
_atom_site.auth_seq_id 
_atom_site.auth_comp_id 
_atom_site.auth_asym_id 
_atom_site.auth_atom_id 
_atom_site.pdbx_PDB_model_num 
ATOM   1    N N   . PRO A 1 21  ? 8.971   -7.212  9.912   1.00 61.19 ? 9   PRO A N   1 
ATOM   2    C CA  . PRO A 1 21  ? 8.530   -8.393  9.151   1.00 59.20 ? 9   PRO A CA  1 
ATOM   3    C C   . PRO A 1 21  ? 9.538   -9.537  9.251   1.00 58.70 ? 9   PRO A C   1 
ATOM   4    O O   . PRO A 1 21  ? 10.687  -9.316  9.659   1.00 58.62 ? 9   PRO A O   1 
ATOM   5    C CB  . PRO A 1 21  ? 8.469   -7.878  7.695   1.00 59.38 ? 9   PRO A CB  1 
ATOM   6    C CG  . PRO A 1 21  ? 9.413   -6.707  7.668   1.00 60.63 ? 9   PRO A CG  1 
ATOM   7    C CD  . PRO A 1 21  ? 9.280   -6.066  9.023   1.00 61.89 ? 9   PRO A CD  1 
ATOM   8    N N   . TYR A 1 22  ? 9.113   -10.750 8.896   1.00 57.57 ? 10  TYR A N   1 
ATOM   9    C CA  . TYR A 1 22  ? 10.037  -11.877 8.797   1.00 55.31 ? 10  TYR A CA  1 
ATOM   10   C C   . TYR A 1 22  ? 11.025  -11.612 7.680   1.00 51.73 ? 10  TYR A C   1 
ATOM   11   O O   . TYR A 1 22  ? 12.237  -11.702 7.877   1.00 53.07 ? 10  TYR A O   1 
ATOM   12   C CB  . TYR A 1 22  ? 9.305   -13.188 8.514   1.00 57.55 ? 10  TYR A CB  1 
ATOM   13   C CG  . TYR A 1 22  ? 9.063   -14.050 9.726   1.00 58.99 ? 10  TYR A CG  1 
ATOM   14   C CD1 . TYR A 1 22  ? 10.096  -14.345 10.618  1.00 58.72 ? 10  TYR A CD1 1 
ATOM   15   C CD2 . TYR A 1 22  ? 7.806   -14.599 9.964   1.00 61.11 ? 10  TYR A CD2 1 
ATOM   16   C CE1 . TYR A 1 22  ? 9.875   -15.147 11.726  1.00 60.27 ? 10  TYR A CE1 1 
ATOM   17   C CE2 . TYR A 1 22  ? 7.576   -15.403 11.066  1.00 62.62 ? 10  TYR A CE2 1 
ATOM   18   C CZ  . TYR A 1 22  ? 8.612   -15.672 11.943  1.00 62.10 ? 10  TYR A CZ  1 
ATOM   19   O OH  . TYR A 1 22  ? 8.377   -16.467 13.037  1.00 63.96 ? 10  TYR A OH  1 
ATOM   20   N N   . PHE A 1 23  ? 10.486  -11.275 6.512   1.00 47.23 ? 11  PHE A N   1 
ATOM   21   C CA  . PHE A 1 23  ? 11.277  -11.000 5.326   1.00 42.41 ? 11  PHE A CA  1 
ATOM   22   C C   . PHE A 1 23  ? 10.439  -10.200 4.339   1.00 40.17 ? 11  PHE A C   1 
ATOM   23   O O   . PHE A 1 23  ? 9.205   -10.184 4.420   1.00 38.36 ? 11  PHE A O   1 
ATOM   24   C CB  . PHE A 1 23  ? 11.750  -12.314 4.693   1.00 41.76 ? 11  PHE A CB  1 
ATOM   25   C CG  . PHE A 1 23  ? 12.712  -12.140 3.545   1.00 41.22 ? 11  PHE A CG  1 
ATOM   26   C CD1 . PHE A 1 23  ? 13.884  -11.404 3.697   1.00 41.45 ? 11  PHE A CD1 1 
ATOM   27   C CD2 . PHE A 1 23  ? 12.451  -12.732 2.313   1.00 42.06 ? 11  PHE A CD2 1 
ATOM   28   C CE1 . PHE A 1 23  ? 14.773  -11.251 2.636   1.00 42.22 ? 11  PHE A CE1 1 
ATOM   29   C CE2 . PHE A 1 23  ? 13.336  -12.585 1.249   1.00 42.10 ? 11  PHE A CE2 1 
ATOM   30   C CZ  . PHE A 1 23  ? 14.499  -11.844 1.413   1.00 41.65 ? 11  PHE A CZ  1 
ATOM   31   N N   . HIS A 1 24  ? 11.120  -9.521  3.422   1.00 38.69 ? 12  HIS A N   1 
ATOM   32   C CA  . HIS A 1 24  ? 10.469  -8.818  2.328   1.00 37.69 ? 12  HIS A CA  1 
ATOM   33   C C   . HIS A 1 24  ? 11.422  -8.594  1.156   1.00 36.79 ? 12  HIS A C   1 
ATOM   34   O O   . HIS A 1 24  ? 12.632  -8.453  1.335   1.00 37.61 ? 12  HIS A O   1 
ATOM   35   C CB  . HIS A 1 24  ? 9.866   -7.491  2.804   1.00 37.66 ? 12  HIS A CB  1 
ATOM   36   C CG  . HIS A 1 24  ? 10.868  -6.533  3.369   1.00 37.22 ? 12  HIS A CG  1 
ATOM   37   N ND1 . HIS A 1 24  ? 11.731  -5.807  2.577   1.00 36.58 ? 12  HIS A ND1 1 
ATOM   38   C CD2 . HIS A 1 24  ? 11.129  -6.166  4.647   1.00 36.13 ? 12  HIS A CD2 1 
ATOM   39   C CE1 . HIS A 1 24  ? 12.490  -5.043  3.343   1.00 36.83 ? 12  HIS A CE1 1 
ATOM   40   N NE2 . HIS A 1 24  ? 12.146  -5.243  4.604   1.00 35.79 ? 12  HIS A NE2 1 
ATOM   41   N N   . SER A 1 25  ? 10.863  -8.592  -0.048  1.00 36.52 ? 13  SER A N   1 
ATOM   42   C CA  . SER A 1 25  ? 11.601  -8.247  -1.250  1.00 37.08 ? 13  SER A CA  1 
ATOM   43   C C   . SER A 1 25  ? 10.611  -8.122  -2.388  1.00 36.77 ? 13  SER A C   1 
ATOM   44   O O   . SER A 1 25  ? 9.439   -8.468  -2.232  1.00 38.59 ? 13  SER A O   1 
ATOM   45   C CB  . SER A 1 25  ? 12.657  -9.308  -1.582  1.00 37.15 ? 13  SER A CB  1 
ATOM   46   O OG  . SER A 1 25  ? 12.059  -10.480 -2.118  1.00 39.51 ? 13  SER A OG  1 
ATOM   47   N N   . PHE A 1 26  ? 11.078  -7.612  -3.522  1.00 37.00 ? 14  PHE A N   1 
ATOM   48   C CA  . PHE A 1 26  ? 10.304  -7.632  -4.751  1.00 37.55 ? 14  PHE A CA  1 
ATOM   49   C C   . PHE A 1 26  ? 10.290  -9.053  -5.303  1.00 37.03 ? 14  PHE A C   1 
ATOM   50   O O   . PHE A 1 26  ? 11.214  -9.829  -5.055  1.00 38.84 ? 14  PHE A O   1 
ATOM   51   C CB  . PHE A 1 26  ? 10.891  -6.669  -5.787  1.00 38.61 ? 14  PHE A CB  1 
ATOM   52   C CG  . PHE A 1 26  ? 10.656  -5.218  -5.473  1.00 41.89 ? 14  PHE A CG  1 
ATOM   53   C CD1 . PHE A 1 26  ? 9.443   -4.608  -5.796  1.00 42.58 ? 14  PHE A CD1 1 
ATOM   54   C CD2 . PHE A 1 26  ? 11.647  -4.454  -4.866  1.00 44.22 ? 14  PHE A CD2 1 
ATOM   55   C CE1 . PHE A 1 26  ? 9.222   -3.259  -5.515  1.00 43.15 ? 14  PHE A CE1 1 
ATOM   56   C CE2 . PHE A 1 26  ? 11.437  -3.099  -4.578  1.00 44.33 ? 14  PHE A CE2 1 
ATOM   57   C CZ  . PHE A 1 26  ? 10.222  -2.503  -4.904  1.00 43.19 ? 14  PHE A CZ  1 
ATOM   58   N N   . LEU A 1 27  ? 9.236   -9.385  -6.041  1.00 35.43 ? 15  LEU A N   1 
ATOM   59   C CA  . LEU A 1 27  ? 9.075   -10.692 -6.671  1.00 34.20 ? 15  LEU A CA  1 
ATOM   60   C C   . LEU A 1 27  ? 8.199   -10.546 -7.906  1.00 34.62 ? 15  LEU A C   1 
ATOM   61   O O   . LEU A 1 27  ? 7.294   -9.711  -7.937  1.00 35.01 ? 15  LEU A O   1 
ATOM   62   C CB  . LEU A 1 27  ? 8.412   -11.669 -5.694  1.00 34.96 ? 15  LEU A CB  1 
ATOM   63   C CG  . LEU A 1 27  ? 9.100   -12.926 -5.156  1.00 34.79 ? 15  LEU A CG  1 
ATOM   64   C CD1 . LEU A 1 27  ? 10.520  -12.677 -4.646  1.00 35.06 ? 15  LEU A CD1 1 
ATOM   65   C CD2 . LEU A 1 27  ? 8.226   -13.529 -4.051  1.00 35.50 ? 15  LEU A CD2 1 
ATOM   66   N N   . TYR A 1 28  ? 8.464   -11.362 -8.921  1.00 35.30 ? 16  TYR A N   1 
ATOM   67   C CA  . TYR A 1 28  ? 7.657   -11.345 -10.134 1.00 36.65 ? 16  TYR A CA  1 
ATOM   68   C C   . TYR A 1 28  ? 6.679   -12.492 -10.070 1.00 37.99 ? 16  TYR A C   1 
ATOM   69   O O   . TYR A 1 28  ? 7.078   -13.635 -9.842  1.00 39.25 ? 16  TYR A O   1 
ATOM   70   C CB  . TYR A 1 28  ? 8.536   -11.453 -11.377 1.00 36.13 ? 16  TYR A CB  1 
ATOM   71   C CG  . TYR A 1 28  ? 9.672   -10.461 -11.389 1.00 35.19 ? 16  TYR A CG  1 
ATOM   72   C CD1 . TYR A 1 28  ? 9.479   -9.160  -11.837 1.00 34.09 ? 16  TYR A CD1 1 
ATOM   73   C CD2 . TYR A 1 28  ? 10.942  -10.828 -10.949 1.00 34.71 ? 16  TYR A CD2 1 
ATOM   74   C CE1 . TYR A 1 28  ? 10.518  -8.250  -11.846 1.00 32.85 ? 16  TYR A CE1 1 
ATOM   75   C CE2 . TYR A 1 28  ? 11.983  -9.927  -10.952 1.00 34.67 ? 16  TYR A CE2 1 
ATOM   76   C CZ  . TYR A 1 28  ? 11.763  -8.641  -11.402 1.00 33.25 ? 16  TYR A CZ  1 
ATOM   77   O OH  . TYR A 1 28  ? 12.805  -7.748  -11.410 1.00 35.29 ? 16  TYR A OH  1 
ATOM   78   N N   . MET A 1 29  ? 5.399   -12.191 -10.267 1.00 40.04 ? 17  MET A N   1 
ATOM   79   C CA  . MET A 1 29  ? 4.358   -13.172 -9.987  1.00 42.04 ? 17  MET A CA  1 
ATOM   80   C C   . MET A 1 29  ? 3.388   -13.427 -11.121 1.00 44.21 ? 17  MET A C   1 
ATOM   81   O O   . MET A 1 29  ? 2.875   -12.499 -11.750 1.00 43.97 ? 17  MET A O   1 
ATOM   82   C CB  . MET A 1 29  ? 3.573   -12.793 -8.725  1.00 40.86 ? 17  MET A CB  1 
ATOM   83   C CG  . MET A 1 29  ? 4.400   -12.786 -7.452  1.00 41.05 ? 17  MET A CG  1 
ATOM   84   S SD  . MET A 1 29  ? 3.518   -12.059 -6.058  1.00 38.87 ? 17  MET A SD  1 
ATOM   85   C CE  . MET A 1 29  ? 2.554   -13.458 -5.499  1.00 40.13 ? 17  MET A CE  1 
ATOM   86   N N   . ASN A 1 30  ? 2.964   -14.722 -11.261 1.00 48.51 ? 18  ASN A N   1 
ATOM   87   C CA  . ASN A 1 30  ? 1.902   -15.277 -12.103 1.00 52.10 ? 18  ASN A CA  1 
ATOM   88   C C   . ASN A 1 30  ? 1.963   -15.145 -13.613 1.00 55.58 ? 18  ASN A C   1 
ATOM   89   O O   . ASN A 1 30  ? 2.970   -14.747 -14.191 1.00 56.48 ? 18  ASN A O   1 
ATOM   90   C CB  . ASN A 1 30  ? 0.516   -14.839 -11.611 1.00 51.46 ? 18  ASN A CB  1 
ATOM   91   C CG  . ASN A 1 30  ? -0.199  -15.944 -10.884 1.00 52.12 ? 18  ASN A CG  1 
ATOM   92   O OD1 . ASN A 1 30  ? 0.360   -16.549 -9.969  1.00 52.33 ? 18  ASN A OD1 1 
ATOM   93   N ND2 . ASN A 1 30  ? -1.435  -16.231 -11.291 1.00 51.81 ? 18  ASN A ND2 1 
ATOM   94   N N   . GLY A 1 31  ? 0.785   -15.491 -14.116 1.00 59.33 ? 19  GLY A N   1 
ATOM   95   C CA  . GLY A 1 31  ? 0.450   -15.518 -15.524 1.00 63.78 ? 19  GLY A CA  1 
ATOM   96   C C   . GLY A 1 31  ? -1.039  -15.815 -15.575 1.00 66.41 ? 19  GLY A C   1 
ATOM   97   O O   . GLY A 1 31  ? -1.517  -16.486 -16.493 1.00 66.56 ? 19  GLY A O   1 
ATOM   98   N N   . GLY A 1 32  ? -1.746  -15.305 -14.559 1.00 67.60 ? 20  GLY A N   1 
ATOM   99   C CA  . GLY A 1 32  ? -3.176  -15.520 -14.324 1.00 69.07 ? 20  GLY A CA  1 
ATOM   100  C C   . GLY A 1 32  ? -3.991  -16.168 -15.424 1.00 69.52 ? 20  GLY A C   1 
ATOM   101  O O   . GLY A 1 32  ? -4.139  -17.392 -15.458 1.00 69.28 ? 20  GLY A O   1 
ATOM   102  N N   . LEU A 1 33  ? -4.592  -15.347 -16.275 1.00 70.28 ? 21  LEU A N   1 
ATOM   103  C CA  . LEU A 1 33  ? -5.371  -15.831 -17.418 1.00 70.38 ? 21  LEU A CA  1 
ATOM   104  C C   . LEU A 1 33  ? -4.862  -15.327 -18.771 1.00 70.05 ? 21  LEU A C   1 
ATOM   105  O O   . LEU A 1 33  ? -5.587  -15.380 -19.746 1.00 69.85 ? 21  LEU A O   1 
ATOM   106  C CB  . LEU A 1 33  ? -6.863  -15.511 -17.252 1.00 71.00 ? 21  LEU A CB  1 
ATOM   107  C CG  . LEU A 1 33  ? -7.954  -16.525 -17.621 1.00 71.20 ? 21  LEU A CG  1 
ATOM   108  C CD1 . LEU A 1 33  ? -7.970  -17.696 -16.701 1.00 70.28 ? 21  LEU A CD1 1 
ATOM   109  C CD2 . LEU A 1 33  ? -9.309  -15.871 -17.621 1.00 70.02 ? 21  LEU A CD2 1 
ATOM   110  N N   . MET A 1 34  ? -3.632  -14.817 -18.809 1.00 69.47 ? 22  MET A N   1 
ATOM   111  C CA  . MET A 1 34  ? -3.024  -14.292 -20.037 1.00 68.43 ? 22  MET A CA  1 
ATOM   112  C C   . MET A 1 34  ? -1.489  -14.355 -20.026 1.00 66.79 ? 22  MET A C   1 
ATOM   113  O O   . MET A 1 34  ? -0.828  -13.709 -20.846 1.00 66.94 ? 22  MET A O   1 
ATOM   114  C CB  . MET A 1 34  ? -3.517  -12.859 -20.314 1.00 69.22 ? 22  MET A CB  1 
ATOM   115  C CG  . MET A 1 34  ? -2.919  -11.777 -19.411 1.00 69.61 ? 22  MET A CG  1 
ATOM   116  S SD  . MET A 1 34  ? -3.919  -10.273 -19.255 1.00 71.81 ? 22  MET A SD  1 
ATOM   117  C CE  . MET A 1 34  ? -4.410  -9.930  -20.973 1.00 70.79 ? 22  MET A CE  1 
ATOM   118  N N   . ASN A 1 35  ? -0.933  -15.145 -19.108 1.00 64.37 ? 23  ASN A N   1 
ATOM   119  C CA  . ASN A 1 35  ? 0.521   -15.235 -18.914 1.00 62.56 ? 23  ASN A CA  1 
ATOM   120  C C   . ASN A 1 35  ? 1.194   -13.870 -18.679 1.00 60.75 ? 23  ASN A C   1 
ATOM   121  O O   . ASN A 1 35  ? 2.183   -13.531 -19.342 1.00 61.74 ? 23  ASN A O   1 
ATOM   122  C CB  . ASN A 1 35  ? 1.194   -16.001 -20.070 1.00 62.41 ? 23  ASN A CB  1 
ATOM   123  C CG  . ASN A 1 35  ? 1.188   -17.510 -19.864 1.00 62.72 ? 23  ASN A CG  1 
ATOM   124  O OD1 . ASN A 1 35  ? 0.287   -18.063 -19.231 1.00 62.69 ? 23  ASN A OD1 1 
ATOM   125  N ND2 . ASN A 1 35  ? 2.203   -18.184 -20.401 1.00 62.58 ? 23  ASN A ND2 1 
ATOM   126  N N   . SER A 1 36  ? 0.650   -13.098 -17.734 1.00 57.60 ? 24  SER A N   1 
ATOM   127  C CA  . SER A 1 36  ? 1.170   -11.760 -17.418 1.00 54.03 ? 24  SER A CA  1 
ATOM   128  C C   . SER A 1 36  ? 1.950   -11.733 -16.110 1.00 51.12 ? 24  SER A C   1 
ATOM   129  O O   . SER A 1 36  ? 1.409   -12.026 -15.041 1.00 50.89 ? 24  SER A O   1 
ATOM   130  C CB  . SER A 1 36  ? 0.039   -10.735 -17.356 1.00 54.47 ? 24  SER A CB  1 
ATOM   131  O OG  . SER A 1 36  ? -0.696  -10.868 -16.143 1.00 55.92 ? 24  SER A OG  1 
ATOM   132  N N   . TRP A 1 37  ? 3.223   -11.369 -16.208 1.00 47.88 ? 25  TRP A N   1 
ATOM   133  C CA  . TRP A 1 37  ? 4.089   -11.256 -15.042 1.00 44.86 ? 25  TRP A CA  1 
ATOM   134  C C   . TRP A 1 37  ? 4.177   -9.808  -14.579 1.00 42.99 ? 25  TRP A C   1 
ATOM   135  O O   . TRP A 1 37  ? 4.275   -8.886  -15.398 1.00 42.17 ? 25  TRP A O   1 
ATOM   136  C CB  . TRP A 1 37  ? 5.481   -11.806 -15.361 1.00 44.22 ? 25  TRP A CB  1 
ATOM   137  C CG  . TRP A 1 37  ? 5.509   -13.301 -15.543 1.00 42.81 ? 25  TRP A CG  1 
ATOM   138  C CD1 . TRP A 1 37  ? 5.166   -13.997 -16.666 1.00 41.59 ? 25  TRP A CD1 1 
ATOM   139  C CD2 . TRP A 1 37  ? 5.904   -14.279 -14.570 1.00 42.12 ? 25  TRP A CD2 1 
ATOM   140  N NE1 . TRP A 1 37  ? 5.321   -15.345 -16.455 1.00 42.47 ? 25  TRP A NE1 1 
ATOM   141  C CE2 . TRP A 1 37  ? 5.773   -15.549 -15.179 1.00 41.28 ? 25  TRP A CE2 1 
ATOM   142  C CE3 . TRP A 1 37  ? 6.349   -14.207 -13.242 1.00 41.07 ? 25  TRP A CE3 1 
ATOM   143  C CZ2 . TRP A 1 37  ? 6.068   -16.737 -14.508 1.00 41.43 ? 25  TRP A CZ2 1 
ATOM   144  C CZ3 . TRP A 1 37  ? 6.649   -15.388 -12.576 1.00 42.79 ? 25  TRP A CZ3 1 
ATOM   145  C CH2 . TRP A 1 37  ? 6.506   -16.637 -13.211 1.00 42.97 ? 25  TRP A CH2 1 
ATOM   146  N N   . LYS A 1 38  ? 4.133   -9.616  -13.262 1.00 41.66 ? 26  LYS A N   1 
ATOM   147  C CA  . LYS A 1 38  ? 4.240   -8.288  -12.665 1.00 40.50 ? 26  LYS A CA  1 
ATOM   148  C C   . LYS A 1 38  ? 5.220   -8.294  -11.498 1.00 40.77 ? 26  LYS A C   1 
ATOM   149  O O   . LYS A 1 38  ? 5.242   -9.240  -10.707 1.00 40.87 ? 26  LYS A O   1 
ATOM   150  C CB  . LYS A 1 38  ? 2.870   -7.794  -12.178 1.00 41.43 ? 26  LYS A CB  1 
ATOM   151  C CG  . LYS A 1 38  ? 1.828   -7.542  -13.265 1.00 41.25 ? 26  LYS A CG  1 
ATOM   152  C CD  . LYS A 1 38  ? 2.091   -6.241  -14.000 1.00 41.53 ? 26  LYS A CD  1 
ATOM   153  C CE  . LYS A 1 38  ? 1.210   -6.119  -15.235 1.00 42.87 ? 26  LYS A CE  1 
ATOM   154  N NZ  . LYS A 1 38  ? 1.669   -4.969  -16.091 1.00 43.80 ? 26  LYS A NZ  1 
ATOM   155  N N   . ARG A 1 39  ? 6.031   -7.240  -11.397 1.00 40.98 ? 27  ARG A N   1 
ATOM   156  C CA  . ARG A 1 39  ? 6.872   -7.028  -10.221 1.00 40.30 ? 27  ARG A CA  1 
ATOM   157  C C   . ARG A 1 39  ? 6.010   -6.636  -9.025  1.00 39.44 ? 27  ARG A C   1 
ATOM   158  O O   . ARG A 1 39  ? 5.271   -5.654  -9.077  1.00 40.02 ? 27  ARG A O   1 
ATOM   159  C CB  . ARG A 1 39  ? 7.940   -5.958  -10.470 1.00 41.12 ? 27  ARG A CB  1 
ATOM   160  C CG  . ARG A 1 39  ? 8.897   -5.797  -9.300  1.00 42.27 ? 27  ARG A CG  1 
ATOM   161  C CD  . ARG A 1 39  ? 10.080  -4.893  -9.598  1.00 43.44 ? 27  ARG A CD  1 
ATOM   162  N NE  . ARG A 1 39  ? 11.317  -5.562  -9.186  1.00 46.86 ? 27  ARG A NE  1 
ATOM   163  C CZ  . ARG A 1 39  ? 12.446  -4.956  -8.815  1.00 47.95 ? 27  ARG A CZ  1 
ATOM   164  N NH1 . ARG A 1 39  ? 12.537  -3.627  -8.767  1.00 49.13 ? 27  ARG A NH1 1 
ATOM   165  N NH2 . ARG A 1 39  ? 13.495  -5.696  -8.473  1.00 48.24 ? 27  ARG A NH2 1 
ATOM   166  N N   . ARG A 1 40  ? 6.100   -7.419  -7.956  1.00 39.29 ? 28  ARG A N   1 
ATOM   167  C CA  . ARG A 1 40  ? 5.349   -7.161  -6.735  1.00 37.92 ? 28  ARG A CA  1 
ATOM   168  C C   . ARG A 1 40  ? 6.274   -7.065  -5.537  1.00 37.31 ? 28  ARG A C   1 
ATOM   169  O O   . ARG A 1 40  ? 7.221   -7.843  -5.416  1.00 37.34 ? 28  ARG A O   1 
ATOM   170  C CB  . ARG A 1 40  ? 4.321   -8.266  -6.489  1.00 38.00 ? 28  ARG A CB  1 
ATOM   171  C CG  . ARG A 1 40  ? 2.948   -7.988  -7.060  1.00 38.80 ? 28  ARG A CG  1 
ATOM   172  C CD  . ARG A 1 40  ? 2.858   -8.392  -8.508  1.00 40.74 ? 28  ARG A CD  1 
ATOM   173  N NE  . ARG A 1 40  ? 1.486   -8.344  -9.009  1.00 42.38 ? 28  ARG A NE  1 
ATOM   174  C CZ  . ARG A 1 40  ? 0.834   -7.226  -9.321  1.00 42.81 ? 28  ARG A CZ  1 
ATOM   175  N NH1 . ARG A 1 40  ? 1.410   -6.031  -9.174  1.00 42.53 ? 28  ARG A NH1 1 
ATOM   176  N NH2 . ARG A 1 40  ? -0.405  -7.305  -9.779  1.00 42.84 ? 28  ARG A NH2 1 
ATOM   177  N N   . TRP A 1 41  ? 6.000   -6.108  -4.655  1.00 36.80 ? 29  TRP A N   1 
ATOM   178  C CA  . TRP A 1 41  ? 6.741   -6.002  -3.408  1.00 36.26 ? 29  TRP A CA  1 
ATOM   179  C C   . TRP A 1 41  ? 6.059   -6.876  -2.365  1.00 36.17 ? 29  TRP A C   1 
ATOM   180  O O   . TRP A 1 41  ? 4.917   -6.627  -1.972  1.00 34.95 ? 29  TRP A O   1 
ATOM   181  C CB  . TRP A 1 41  ? 6.860   -4.552  -2.933  1.00 35.21 ? 29  TRP A CB  1 
ATOM   182  C CG  . TRP A 1 41  ? 7.792   -4.412  -1.763  1.00 35.49 ? 29  TRP A CG  1 
ATOM   183  C CD1 . TRP A 1 41  ? 9.163   -4.433  -1.791  1.00 34.91 ? 29  TRP A CD1 1 
ATOM   184  C CD2 . TRP A 1 41  ? 7.421   -4.248  -0.390  1.00 35.51 ? 29  TRP A CD2 1 
ATOM   185  N NE1 . TRP A 1 41  ? 9.664   -4.287  -0.519  1.00 36.94 ? 29  TRP A NE1 1 
ATOM   186  C CE2 . TRP A 1 41  ? 8.618   -4.171  0.360   1.00 36.54 ? 29  TRP A CE2 1 
ATOM   187  C CE3 . TRP A 1 41  ? 6.195   -4.154  0.281   1.00 34.84 ? 29  TRP A CE3 1 
ATOM   188  C CZ2 . TRP A 1 41  ? 8.620   -4.005  1.749   1.00 37.20 ? 29  TRP A CZ2 1 
ATOM   189  C CZ3 . TRP A 1 41  ? 6.199   -3.986  1.664   1.00 34.87 ? 29  TRP A CZ3 1 
ATOM   190  C CH2 . TRP A 1 41  ? 7.404   -3.911  2.380   1.00 36.87 ? 29  TRP A CH2 1 
ATOM   191  N N   . CYS A 1 42  ? 6.767   -7.916  -1.940  1.00 36.19 ? 30  CYS A N   1 
ATOM   192  C CA  . CYS A 1 42  ? 6.190   -8.932  -1.080  1.00 35.13 ? 30  CYS A CA  1 
ATOM   193  C C   . CYS A 1 42  ? 6.736   -8.849  0.324   1.00 35.77 ? 30  CYS A C   1 
ATOM   194  O O   . CYS A 1 42  ? 7.892   -8.483  0.536   1.00 35.54 ? 30  CYS A O   1 
ATOM   195  C CB  . CYS A 1 42  ? 6.459   -10.313 -1.656  1.00 33.75 ? 30  CYS A CB  1 
ATOM   196  S SG  . CYS A 1 42  ? 6.011   -10.418 -3.375  1.00 31.56 ? 30  CYS A SG  1 
ATOM   197  N N   . VAL A 1 43  ? 5.889   -9.195  1.284   1.00 35.10 ? 31  VAL A N   1 
ATOM   198  C CA  . VAL A 1 43  ? 6.277   -9.190  2.681   1.00 36.23 ? 31  VAL A CA  1 
ATOM   199  C C   . VAL A 1 43  ? 5.595   -10.335 3.420   1.00 37.31 ? 31  VAL A C   1 
ATOM   200  O O   . VAL A 1 43  ? 4.424   -10.636 3.180   1.00 36.60 ? 31  VAL A O   1 
ATOM   201  C CB  . VAL A 1 43  ? 6.018   -7.795  3.353   1.00 35.05 ? 31  VAL A CB  1 
ATOM   202  C CG1 . VAL A 1 43  ? 4.594   -7.333  3.136   1.00 36.13 ? 31  VAL A CG1 1 
ATOM   203  C CG2 . VAL A 1 43  ? 6.345   -7.822  4.832   1.00 35.30 ? 31  VAL A CG2 1 
ATOM   204  N N   . LEU A 1 44  ? 6.360   -10.993 4.287   1.00 39.12 ? 32  LEU A N   1 
ATOM   205  C CA  . LEU A 1 44  ? 5.831   -11.998 5.200   1.00 41.18 ? 32  LEU A CA  1 
ATOM   206  C C   . LEU A 1 44  ? 6.004   -11.521 6.643   1.00 42.41 ? 32  LEU A C   1 
ATOM   207  O O   . LEU A 1 44  ? 7.117   -11.222 7.090   1.00 41.21 ? 32  LEU A O   1 
ATOM   208  C CB  . LEU A 1 44  ? 6.525   -13.351 4.982   1.00 41.72 ? 32  LEU A CB  1 
ATOM   209  C CG  . LEU A 1 44  ? 6.235   -14.484 5.976   1.00 42.92 ? 32  LEU A CG  1 
ATOM   210  C CD1 . LEU A 1 44  ? 4.784   -14.938 5.879   1.00 42.37 ? 32  LEU A CD1 1 
ATOM   211  C CD2 . LEU A 1 44  ? 7.180   -15.650 5.746   1.00 43.66 ? 32  LEU A CD2 1 
ATOM   212  N N   . LYS A 1 45  ? 4.888   -11.441 7.361   1.00 44.82 ? 33  LYS A N   1 
ATOM   213  C CA  . LYS A 1 45  ? 4.894   -11.088 8.780   1.00 48.31 ? 33  LYS A CA  1 
ATOM   214  C C   . LYS A 1 45  ? 3.656   -11.659 9.470   1.00 49.60 ? 33  LYS A C   1 
ATOM   215  O O   . LYS A 1 45  ? 2.551   -11.621 8.913   1.00 49.29 ? 33  LYS A O   1 
ATOM   216  C CB  . LYS A 1 45  ? 4.960   -9.564  8.961   1.00 50.54 ? 33  LYS A CB  1 
ATOM   217  C CG  . LYS A 1 45  ? 4.125   -8.761  7.934   1.00 53.65 ? 33  LYS A CG  1 
ATOM   218  C CD  . LYS A 1 45  ? 4.244   -7.252  8.182   1.00 56.32 ? 33  LYS A CD  1 
ATOM   219  C CE  . LYS A 1 45  ? 3.110   -6.709  9.060   1.00 58.10 ? 33  LYS A CE  1 
ATOM   220  N NZ  . LYS A 1 45  ? 1.867   -6.420  8.280   1.00 57.86 ? 33  LYS A NZ  1 
ATOM   221  N N   . ASP A 1 46  ? 3.836   -12.192 10.676  1.00 50.52 ? 34  ASP A N   1 
ATOM   222  C CA  . ASP A 1 46  ? 2.723   -12.755 11.445  1.00 51.49 ? 34  ASP A CA  1 
ATOM   223  C C   . ASP A 1 46  ? 1.993   -13.825 10.647  1.00 51.35 ? 34  ASP A C   1 
ATOM   224  O O   . ASP A 1 46  ? 0.756   -13.846 10.619  1.00 50.19 ? 34  ASP A O   1 
ATOM   225  C CB  . ASP A 1 46  ? 1.714   -11.657 11.846  1.00 53.45 ? 34  ASP A CB  1 
ATOM   226  C CG  . ASP A 1 46  ? 2.361   -10.568 12.701  1.00 55.90 ? 34  ASP A CG  1 
ATOM   227  O OD1 . ASP A 1 46  ? 3.257   -10.886 13.514  1.00 56.11 ? 34  ASP A OD1 1 
ATOM   228  O OD2 . ASP A 1 46  ? 1.959   -9.388  12.558  1.00 57.11 ? 34  ASP A OD2 1 
ATOM   229  N N   . GLU A 1 47  ? 2.757   -14.692 9.981   1.00 51.64 ? 35  GLU A N   1 
ATOM   230  C CA  . GLU A 1 47  ? 2.198   -15.800 9.189   1.00 52.46 ? 35  GLU A CA  1 
ATOM   231  C C   . GLU A 1 47  ? 1.277   -15.379 8.027   1.00 51.34 ? 35  GLU A C   1 
ATOM   232  O O   . GLU A 1 47  ? 0.466   -16.179 7.558   1.00 52.11 ? 35  GLU A O   1 
ATOM   233  C CB  . GLU A 1 47  ? 1.454   -16.797 10.095  1.00 55.33 ? 35  GLU A CB  1 
ATOM   234  C CG  . GLU A 1 47  ? 2.316   -17.471 11.150  1.00 60.18 ? 35  GLU A CG  1 
ATOM   235  C CD  . GLU A 1 47  ? 1.484   -18.216 12.190  1.00 63.19 ? 35  GLU A CD  1 
ATOM   236  O OE1 . GLU A 1 47  ? 0.260   -17.879 12.363  1.00 64.23 ? 35  GLU A OE1 1 
ATOM   237  O OE2 . GLU A 1 47  ? 2.057   -19.137 12.841  1.00 64.44 ? 35  GLU A OE2 1 
ATOM   238  N N   . THR A 1 48  ? 1.389   -14.132 7.572   1.00 49.13 ? 36  THR A N   1 
ATOM   239  C CA  . THR A 1 48  ? 0.646   -13.705 6.386   1.00 48.27 ? 36  THR A CA  1 
ATOM   240  C C   . THR A 1 48  ? 1.604   -13.238 5.292   1.00 46.61 ? 36  THR A C   1 
ATOM   241  O O   . THR A 1 48  ? 2.423   -12.343 5.506   1.00 46.62 ? 36  THR A O   1 
ATOM   242  C CB  . THR A 1 48  ? -0.390  -12.586 6.690   1.00 48.89 ? 36  THR A CB  1 
ATOM   243  O OG1 . THR A 1 48  ? -1.011  -12.828 7.959   1.00 50.67 ? 36  THR A OG1 1 
ATOM   244  C CG2 . THR A 1 48  ? -1.474  -12.554 5.612   1.00 47.84 ? 36  THR A CG2 1 
ATOM   245  N N   . PHE A 1 49  ? 1.500   -13.870 4.128   1.00 43.85 ? 37  PHE A N   1 
ATOM   246  C CA  . PHE A 1 49  ? 2.225   -13.454 2.938   1.00 41.66 ? 37  PHE A CA  1 
ATOM   247  C C   . PHE A 1 49  ? 1.350   -12.482 2.146   1.00 41.59 ? 37  PHE A C   1 
ATOM   248  O O   . PHE A 1 49  ? 0.202   -12.793 1.826   1.00 41.79 ? 37  PHE A O   1 
ATOM   249  C CB  . PHE A 1 49  ? 2.586   -14.682 2.095   1.00 39.63 ? 37  PHE A CB  1 
ATOM   250  C CG  . PHE A 1 49  ? 3.287   -14.361 0.803   1.00 38.01 ? 37  PHE A CG  1 
ATOM   251  C CD1 . PHE A 1 49  ? 2.642   -14.551 -0.417  1.00 37.79 ? 37  PHE A CD1 1 
ATOM   252  C CD2 . PHE A 1 49  ? 4.594   -13.879 0.802   1.00 37.52 ? 37  PHE A CD2 1 
ATOM   253  C CE1 . PHE A 1 49  ? 3.289   -14.267 -1.617  1.00 35.76 ? 37  PHE A CE1 1 
ATOM   254  C CE2 . PHE A 1 49  ? 5.249   -13.593 -0.396  1.00 37.35 ? 37  PHE A CE2 1 
ATOM   255  C CZ  . PHE A 1 49  ? 4.594   -13.786 -1.607  1.00 37.61 ? 37  PHE A CZ  1 
ATOM   256  N N   . LEU A 1 50  ? 1.883   -11.300 1.849   1.00 39.36 ? 38  LEU A N   1 
ATOM   257  C CA  . LEU A 1 50  ? 1.133   -10.291 1.093   1.00 39.50 ? 38  LEU A CA  1 
ATOM   258  C C   . LEU A 1 50  ? 1.992   -9.584  0.051   1.00 38.00 ? 38  LEU A C   1 
ATOM   259  O O   . LEU A 1 50  ? 3.176   -9.337  0.285   1.00 38.88 ? 38  LEU A O   1 
ATOM   260  C CB  . LEU A 1 50  ? 0.433   -9.280  2.019   1.00 40.58 ? 38  LEU A CB  1 
ATOM   261  C CG  . LEU A 1 50  ? 1.065   -8.832  3.339   1.00 42.43 ? 38  LEU A CG  1 
ATOM   262  C CD1 . LEU A 1 50  ? 0.463   -7.526  3.823   1.00 45.56 ? 38  LEU A CD1 1 
ATOM   263  C CD2 . LEU A 1 50  ? 0.875   -9.882  4.392   1.00 44.98 ? 38  LEU A CD2 1 
ATOM   264  N N   . TRP A 1 51  ? 1.391   -9.277  -1.099  1.00 35.00 ? 39  TRP A N   1 
ATOM   265  C CA  . TRP A 1 51  ? 2.112   -8.643  -2.197  1.00 32.84 ? 39  TRP A CA  1 
ATOM   266  C C   . TRP A 1 51  ? 1.461   -7.347  -2.663  1.00 33.83 ? 39  TRP A C   1 
ATOM   267  O O   . TRP A 1 51  ? 0.235   -7.269  -2.782  1.00 34.17 ? 39  TRP A O   1 
ATOM   268  C CB  . TRP A 1 51  ? 2.325   -9.620  -3.368  1.00 30.11 ? 39  TRP A CB  1 
ATOM   269  C CG  . TRP A 1 51  ? 1.075   -10.277 -3.939  1.00 26.67 ? 39  TRP A CG  1 
ATOM   270  C CD1 . TRP A 1 51  ? 0.431   -9.940  -5.100  1.00 24.26 ? 39  TRP A CD1 1 
ATOM   271  C CD2 . TRP A 1 51  ? 0.362   -11.407 -3.401  1.00 22.63 ? 39  TRP A CD2 1 
ATOM   272  N NE1 . TRP A 1 51  ? -0.639  -10.780 -5.309  1.00 21.68 ? 39  TRP A NE1 1 
ATOM   273  C CE2 . TRP A 1 51  ? -0.710  -11.684 -4.282  1.00 21.91 ? 39  TRP A CE2 1 
ATOM   274  C CE3 . TRP A 1 51  ? 0.523   -12.208 -2.258  1.00 22.27 ? 39  TRP A CE3 1 
ATOM   275  C CZ2 . TRP A 1 51  ? -1.626  -12.728 -4.056  1.00 21.64 ? 39  TRP A CZ2 1 
ATOM   276  C CZ3 . TRP A 1 51  ? -0.388  -13.244 -2.029  1.00 22.85 ? 39  TRP A CZ3 1 
ATOM   277  C CH2 . TRP A 1 51  ? -1.451  -13.492 -2.928  1.00 23.29 ? 39  TRP A CH2 1 
ATOM   278  N N   . PHE A 1 52  ? 2.299   -6.339  -2.921  1.00 34.04 ? 40  PHE A N   1 
ATOM   279  C CA  . PHE A 1 52  ? 1.846   -4.999  -3.316  1.00 33.96 ? 40  PHE A CA  1 
ATOM   280  C C   . PHE A 1 52  ? 2.356   -4.615  -4.710  1.00 34.55 ? 40  PHE A C   1 
ATOM   281  O O   . PHE A 1 52  ? 3.255   -5.261  -5.244  1.00 33.50 ? 40  PHE A O   1 
ATOM   282  C CB  . PHE A 1 52  ? 2.324   -3.948  -2.307  1.00 34.18 ? 40  PHE A CB  1 
ATOM   283  C CG  . PHE A 1 52  ? 1.946   -4.238  -0.875  1.00 36.01 ? 40  PHE A CG  1 
ATOM   284  C CD1 . PHE A 1 52  ? 0.745   -3.767  -0.349  1.00 34.33 ? 40  PHE A CD1 1 
ATOM   285  C CD2 . PHE A 1 52  ? 2.807   -4.946  -0.042  1.00 34.05 ? 40  PHE A CD2 1 
ATOM   286  C CE1 . PHE A 1 52  ? 0.397   -4.020  0.974   1.00 33.77 ? 40  PHE A CE1 1 
ATOM   287  C CE2 . PHE A 1 52  ? 2.470   -5.197  1.282   1.00 32.60 ? 40  PHE A CE2 1 
ATOM   288  C CZ  . PHE A 1 52  ? 1.261   -4.736  1.790   1.00 34.82 ? 40  PHE A CZ  1 
ATOM   289  N N   . ARG A 1 53  ? 1.801   -3.547  -5.284  1.00 34.72 ? 41  ARG A N   1 
ATOM   290  C CA  . ARG A 1 53  ? 2.258   -3.049  -6.585  1.00 34.07 ? 41  ARG A CA  1 
ATOM   291  C C   . ARG A 1 53  ? 3.527   -2.212  -6.477  1.00 35.06 ? 41  ARG A C   1 
ATOM   292  O O   . ARG A 1 53  ? 4.219   -1.986  -7.473  1.00 36.27 ? 41  ARG A O   1 
ATOM   293  C CB  . ARG A 1 53  ? 1.154   -2.271  -7.298  1.00 32.96 ? 41  ARG A CB  1 
ATOM   294  C CG  . ARG A 1 53  ? 0.031   -3.155  -7.808  1.00 34.70 ? 41  ARG A CG  1 
ATOM   295  C CD  . ARG A 1 53  ? -0.922  -2.416  -8.749  1.00 33.19 ? 41  ARG A CD  1 
ATOM   296  N NE  . ARG A 1 53  ? -1.928  -3.321  -9.302  1.00 30.29 ? 41  ARG A NE  1 
ATOM   297  C CZ  . ARG A 1 53  ? -2.986  -3.777  -8.632  1.00 31.78 ? 41  ARG A CZ  1 
ATOM   298  N NH1 . ARG A 1 53  ? -3.194  -3.411  -7.370  1.00 30.45 ? 41  ARG A NH1 1 
ATOM   299  N NH2 . ARG A 1 53  ? -3.841  -4.605  -9.225  1.00 30.91 ? 41  ARG A NH2 1 
ATOM   300  N N   . SER A 1 54  ? 3.830   -1.759  -5.264  1.00 35.55 ? 42  SER A N   1 
ATOM   301  C CA  . SER A 1 54  ? 5.053   -1.015  -4.991  1.00 37.65 ? 42  SER A CA  1 
ATOM   302  C C   . SER A 1 54  ? 5.429   -1.147  -3.518  1.00 38.00 ? 42  SER A C   1 
ATOM   303  O O   . SER A 1 54  ? 4.609   -1.563  -2.705  1.00 39.97 ? 42  SER A O   1 
ATOM   304  C CB  . SER A 1 54  ? 4.898   0.457   -5.394  1.00 37.70 ? 42  SER A CB  1 
ATOM   305  O OG  . SER A 1 54  ? 3.650   0.971   -4.972  1.00 39.08 ? 42  SER A OG  1 
ATOM   306  N N   . LYS A 1 55  ? 6.639   -0.811  -3.152  1.00 38.06 ? 43  LYS A N   1 
ATOM   307  C CA  . LYS A 1 55  ? 7.086   -0.940  -1.789  1.00 39.05 ? 43  LYS A CA  1 
ATOM   308  C C   . LYS A 1 55  ? 6.268   -0.076  -0.885  1.00 38.63 ? 43  LYS A C   1 
ATOM   309  O O   . LYS A 1 55  ? 5.872   0.989   -1.254  1.00 39.00 ? 43  LYS A O   1 
ATOM   310  C CB  . LYS A 1 55  ? 8.542   -0.526  -1.716  1.00 40.02 ? 43  LYS A CB  1 
ATOM   311  C CG  . LYS A 1 55  ? 9.203   -0.671  -0.414  1.00 43.25 ? 43  LYS A CG  1 
ATOM   312  C CD  . LYS A 1 55  ? 10.681  -0.728  -0.624  1.00 46.52 ? 43  LYS A CD  1 
ATOM   313  C CE  . LYS A 1 55  ? 11.432  -1.353  0.548   1.00 49.06 ? 43  LYS A CE  1 
ATOM   314  N NZ  . LYS A 1 55  ? 12.901  -1.136  0.456   1.00 50.09 ? 43  LYS A NZ  1 
ATOM   315  N N   . GLN A 1 56  ? 5.961   -0.551  0.297   1.00 39.39 ? 44  GLN A N   1 
ATOM   316  C CA  . GLN A 1 56  ? 5.200   0.269   1.179   1.00 40.90 ? 44  GLN A CA  1 
ATOM   317  C C   . GLN A 1 56  ? 6.167   0.911   2.115   1.00 42.60 ? 44  GLN A C   1 
ATOM   318  O O   . GLN A 1 56  ? 6.565   0.332   3.070   1.00 43.56 ? 44  GLN A O   1 
ATOM   319  C CB  . GLN A 1 56  ? 4.159   -0.551  1.933   1.00 40.27 ? 44  GLN A CB  1 
ATOM   320  C CG  . GLN A 1 56  ? 3.274   -1.407  1.070   1.00 39.78 ? 44  GLN A CG  1 
ATOM   321  C CD  . GLN A 1 56  ? 2.267   -0.645  0.246   1.00 40.44 ? 44  GLN A CD  1 
ATOM   322  O OE1 . GLN A 1 56  ? 1.355   -0.084  0.757   1.00 39.75 ? 44  GLN A OE1 1 
ATOM   323  N NE2 . GLN A 1 56  ? 2.437   -0.655  -1.024  1.00 37.16 ? 44  GLN A NE2 1 
ATOM   324  N N   . GLU A 1 57  ? 6.549   2.128   1.800   1.00 44.04 ? 45  GLU A N   1 
ATOM   325  C CA  . GLU A 1 57  ? 7.455   2.905   2.601   1.00 44.85 ? 45  GLU A CA  1 
ATOM   326  C C   . GLU A 1 57  ? 6.979   4.320   2.786   1.00 44.30 ? 45  GLU A C   1 
ATOM   327  O O   . GLU A 1 57  ? 7.371   5.186   2.077   1.00 46.14 ? 45  GLU A O   1 
ATOM   328  C CB  . GLU A 1 57  ? 8.834   2.893   2.012   1.00 46.50 ? 45  GLU A CB  1 
ATOM   329  C CG  . GLU A 1 57  ? 9.627   1.744   2.487   1.00 50.94 ? 45  GLU A CG  1 
ATOM   330  C CD  . GLU A 1 57  ? 11.097  1.983   2.411   1.00 54.51 ? 45  GLU A CD  1 
ATOM   331  O OE1 . GLU A 1 57  ? 11.843  1.288   3.103   1.00 56.40 ? 45  GLU A OE1 1 
ATOM   332  O OE2 . GLU A 1 57  ? 11.508  2.846   1.634   1.00 55.44 ? 45  GLU A OE2 1 
ATOM   333  N N   . ALA A 1 58  ? 6.094   4.529   3.724   1.00 41.33 ? 46  ALA A N   1 
ATOM   334  C CA  . ALA A 1 58  ? 5.508   5.843   3.978   1.00 39.85 ? 46  ALA A CA  1 
ATOM   335  C C   . ALA A 1 58  ? 4.823   5.847   5.329   1.00 39.23 ? 46  ALA A C   1 
ATOM   336  O O   . ALA A 1 58  ? 4.441   4.800   5.838   1.00 39.84 ? 46  ALA A O   1 
ATOM   337  C CB  . ALA A 1 58  ? 4.512   6.204   2.892   1.00 41.05 ? 46  ALA A CB  1 
ATOM   338  N N   . LEU A 1 59  ? 4.603   7.014   5.872   1.00 38.49 ? 47  LEU A N   1 
ATOM   339  C CA  . LEU A 1 59  ? 3.924   7.150   7.128   1.00 38.65 ? 47  LEU A CA  1 
ATOM   340  C C   . LEU A 1 59  ? 2.524   6.620   7.020   1.00 38.35 ? 47  LEU A C   1 
ATOM   341  O O   . LEU A 1 59  ? 2.013   6.097   7.952   1.00 37.72 ? 47  LEU A O   1 
ATOM   342  C CB  . LEU A 1 59  ? 3.916   8.595   7.594   1.00 38.48 ? 47  LEU A CB  1 
ATOM   343  C CG  . LEU A 1 59  ? 5.283   9.254   7.634   1.00 40.12 ? 47  LEU A CG  1 
ATOM   344  C CD1 . LEU A 1 59  ? 5.203   10.720  7.738   1.00 39.64 ? 47  LEU A CD1 1 
ATOM   345  C CD2 . LEU A 1 59  ? 6.096   8.717   8.706   1.00 38.38 ? 47  LEU A CD2 1 
ATOM   346  N N   . LYS A 1 60  ? 1.883   6.846   5.900   1.00 37.45 ? 48  LYS A N   1 
ATOM   347  C CA  . LYS A 1 60  ? 0.619   6.249   5.613   1.00 37.20 ? 48  LYS A CA  1 
ATOM   348  C C   . LYS A 1 60  ? 0.398   6.224   4.115   1.00 37.41 ? 48  LYS A C   1 
ATOM   349  O O   . LYS A 1 60  ? 0.748   7.145   3.441   1.00 38.30 ? 48  LYS A O   1 
ATOM   350  C CB  . LYS A 1 60  ? -0.470  7.017   6.324   1.00 36.58 ? 48  LYS A CB  1 
ATOM   351  C CG  . LYS A 1 60  ? -1.510  6.181   6.969   1.00 36.19 ? 48  LYS A CG  1 
ATOM   352  C CD  . LYS A 1 60  ? -2.655  6.045   6.113   1.00 37.44 ? 48  LYS A CD  1 
ATOM   353  C CE  . LYS A 1 60  ? -3.839  5.635   6.863   1.00 38.16 ? 48  LYS A CE  1 
ATOM   354  N NZ  . LYS A 1 60  ? -4.111  4.216   6.774   1.00 36.54 ? 48  LYS A NZ  1 
ATOM   355  N N   . GLN A 1 61  ? -0.222  5.176   3.606   1.00 36.29 ? 49  GLN A N   1 
ATOM   356  C CA  . GLN A 1 61  ? -0.564  5.073   2.200   1.00 33.97 ? 49  GLN A CA  1 
ATOM   357  C C   . GLN A 1 61  ? -1.942  4.462   2.080   1.00 32.67 ? 49  GLN A C   1 
ATOM   358  O O   . GLN A 1 61  ? -2.381  3.829   2.977   1.00 34.73 ? 49  GLN A O   1 
ATOM   359  C CB  . GLN A 1 61  ? 0.496   4.287   1.452   1.00 35.15 ? 49  GLN A CB  1 
ATOM   360  C CG  . GLN A 1 61  ? 1.052   3.157   2.238   1.00 36.18 ? 49  GLN A CG  1 
ATOM   361  C CD  . GLN A 1 61  ? 2.532   2.971   2.095   1.00 36.32 ? 49  GLN A CD  1 
ATOM   362  O OE1 . GLN A 1 61  ? 3.100   3.086   1.019   1.00 37.68 ? 49  GLN A OE1 1 
ATOM   363  N NE2 . GLN A 1 61  ? 3.162   2.672   3.186   1.00 34.60 ? 49  GLN A NE2 1 
ATOM   364  N N   . GLY A 1 62  ? -2.647  4.705   1.007   1.00 30.93 ? 50  GLY A N   1 
ATOM   365  C CA  . GLY A 1 62  ? -3.971  4.120   0.816   1.00 29.84 ? 50  GLY A CA  1 
ATOM   366  C C   . GLY A 1 62  ? -4.826  4.857   -0.185  1.00 31.14 ? 50  GLY A C   1 
ATOM   367  O O   . GLY A 1 62  ? -4.470  5.951   -0.634  1.00 30.88 ? 50  GLY A O   1 
ATOM   368  N N   . TRP A 1 63  ? -5.960  4.255   -0.537  1.00 31.24 ? 51  TRP A N   1 
ATOM   369  C CA  . TRP A 1 63  ? -6.898  4.836   -1.499  1.00 32.18 ? 51  TRP A CA  1 
ATOM   370  C C   . TRP A 1 63  ? -7.864  5.777   -0.808  1.00 32.94 ? 51  TRP A C   1 
ATOM   371  O O   . TRP A 1 63  ? -8.381  5.454   0.262   1.00 34.72 ? 51  TRP A O   1 
ATOM   372  C CB  . TRP A 1 63  ? -7.705  3.738   -2.194  1.00 31.09 ? 51  TRP A CB  1 
ATOM   373  C CG  . TRP A 1 63  ? -6.899  2.847   -3.084  1.00 31.30 ? 51  TRP A CG  1 
ATOM   374  C CD1 . TRP A 1 63  ? -6.309  1.665   -2.743  1.00 28.58 ? 51  TRP A CD1 1 
ATOM   375  C CD2 . TRP A 1 63  ? -6.612  3.055   -4.472  1.00 30.13 ? 51  TRP A CD2 1 
ATOM   376  N NE1 . TRP A 1 63  ? -5.670  1.127   -3.829  1.00 27.06 ? 51  TRP A NE1 1 
ATOM   377  C CE2 . TRP A 1 63  ? -5.836  1.957   -4.906  1.00 29.11 ? 51  TRP A CE2 1 
ATOM   378  C CE3 . TRP A 1 63  ? -6.934  4.064   -5.392  1.00 29.32 ? 51  TRP A CE3 1 
ATOM   379  C CZ2 . TRP A 1 63  ? -5.372  1.837   -6.220  1.00 29.51 ? 51  TRP A CZ2 1 
ATOM   380  C CZ3 . TRP A 1 63  ? -6.476  3.940   -6.703  1.00 30.16 ? 51  TRP A CZ3 1 
ATOM   381  C CH2 . TRP A 1 63  ? -5.702  2.834   -7.102  1.00 28.08 ? 51  TRP A CH2 1 
ATOM   382  N N   . LEU A 1 64  ? -8.116  6.929   -1.424  1.00 33.92 ? 52  LEU A N   1 
ATOM   383  C CA  . LEU A 1 64  ? -9.067  7.908   -0.894  1.00 35.34 ? 52  LEU A CA  1 
ATOM   384  C C   . LEU A 1 64  ? -9.760  8.642   -2.026  1.00 36.45 ? 52  LEU A C   1 
ATOM   385  O O   . LEU A 1 64  ? -9.096  9.167   -2.926  1.00 37.75 ? 52  LEU A O   1 
ATOM   386  C CB  . LEU A 1 64  ? -8.365  8.942   0.000   1.00 37.07 ? 52  LEU A CB  1 
ATOM   387  C CG  . LEU A 1 64  ? -7.689  8.554   1.319   1.00 38.90 ? 52  LEU A CG  1 
ATOM   388  C CD1 . LEU A 1 64  ? -6.933  9.749   1.869   1.00 39.12 ? 52  LEU A CD1 1 
ATOM   389  C CD2 . LEU A 1 64  ? -8.692  8.051   2.342   1.00 38.35 ? 52  LEU A CD2 1 
ATOM   390  N N   . HIS A 1 65  ? -11.091 8.679   -1.978  1.00 35.24 ? 53  HIS A N   1 
ATOM   391  C CA  . HIS A 1 65  ? -11.874 9.515   -2.885  1.00 36.01 ? 53  HIS A CA  1 
ATOM   392  C C   . HIS A 1 65  ? -11.651 10.992  -2.556  1.00 35.65 ? 53  HIS A C   1 
ATOM   393  O O   . HIS A 1 65  ? -11.725 11.394  -1.395  1.00 35.08 ? 53  HIS A O   1 
ATOM   394  C CB  . HIS A 1 65  ? -13.359 9.153   -2.790  1.00 36.70 ? 53  HIS A CB  1 
ATOM   395  C CG  . HIS A 1 65  ? -13.728 7.933   -3.572  1.00 38.44 ? 53  HIS A CG  1 
ATOM   396  N ND1 . HIS A 1 65  ? -13.615 6.658   -3.061  1.00 38.95 ? 53  HIS A ND1 1 
ATOM   397  C CD2 . HIS A 1 65  ? -14.189 7.793   -4.838  1.00 38.35 ? 53  HIS A CD2 1 
ATOM   398  C CE1 . HIS A 1 65  ? -13.999 5.785   -3.976  1.00 39.60 ? 53  HIS A CE1 1 
ATOM   399  N NE2 . HIS A 1 65  ? -14.354 6.448   -5.062  1.00 39.42 ? 53  HIS A NE2 1 
ATOM   400  N N   . ASN A 1 66  ? -11.368 11.798  -3.574  1.00 36.25 ? 54  ASN A N   1 
ATOM   401  C CA  . ASN A 1 66  ? -11.029 13.204  -3.349  1.00 36.80 ? 54  ASN A CA  1 
ATOM   402  C C   . ASN A 1 66  ? -11.350 14.112  -4.537  1.00 37.34 ? 54  ASN A C   1 
ATOM   403  O O   . ASN A 1 66  ? -11.233 13.699  -5.699  1.00 37.45 ? 54  ASN A O   1 
ATOM   404  C CB  . ASN A 1 66  ? -9.550  13.313  -2.963  1.00 35.63 ? 54  ASN A CB  1 
ATOM   405  C CG  . ASN A 1 66  ? -8.967  14.677  -3.245  1.00 37.46 ? 54  ASN A CG  1 
ATOM   406  O OD1 . ASN A 1 66  ? -8.194  14.840  -4.191  1.00 36.82 ? 54  ASN A OD1 1 
ATOM   407  N ND2 . ASN A 1 66  ? -9.332  15.664  -2.435  1.00 36.46 ? 54  ASN A ND2 1 
ATOM   408  N N   . ASN A 1 67  ? -11.772 15.346  -4.232  1.00 38.26 ? 55  ASN A N   1 
ATOM   409  C CA  . ASN A 1 67  ? -11.920 16.374  -5.273  1.00 40.34 ? 55  ASN A CA  1 
ATOM   410  C C   . ASN A 1 67  ? -10.557 16.938  -5.680  1.00 41.27 ? 55  ASN A C   1 
ATOM   411  O O   . ASN A 1 67  ? -9.944  17.718  -4.944  1.00 41.71 ? 55  ASN A O   1 
ATOM   412  C CB  . ASN A 1 67  ? -12.876 17.487  -4.829  1.00 40.33 ? 55  ASN A CB  1 
ATOM   413  C CG  . ASN A 1 67  ? -12.486 18.103  -3.507  1.00 41.69 ? 55  ASN A CG  1 
ATOM   414  O OD1 . ASN A 1 67  ? -11.892 17.450  -2.649  1.00 41.80 ? 55  ASN A OD1 1 
ATOM   415  N ND2 . ASN A 1 67  ? -12.817 19.372  -3.334  1.00 43.67 ? 55  ASN A ND2 1 
ATOM   416  N N   . GLY A 1 68  ? -10.084 16.517  -6.854  1.00 41.42 ? 56  GLY A N   1 
ATOM   417  C CA  . GLY A 1 68  ? -8.755  16.882  -7.338  1.00 41.38 ? 56  GLY A CA  1 
ATOM   418  C C   . GLY A 1 68  ? -8.498  18.375  -7.317  1.00 42.70 ? 56  GLY A C   1 
ATOM   419  O O   . GLY A 1 68  ? -9.299  19.167  -7.818  1.00 42.39 ? 56  GLY A O   1 
ATOM   420  N N   . GLY A 1 69  ? -7.376  18.762  -6.723  1.00 42.88 ? 57  GLY A N   1 
ATOM   421  C CA  . GLY A 1 69  ? -6.995  20.166  -6.662  1.00 43.64 ? 57  GLY A CA  1 
ATOM   422  C C   . GLY A 1 69  ? -7.692  20.941  -5.562  1.00 43.98 ? 57  GLY A C   1 
ATOM   423  O O   . GLY A 1 69  ? -7.389  22.114  -5.335  1.00 44.01 ? 57  GLY A O   1 
ATOM   424  N N   . GLY A 1 70  ? -8.614  20.286  -4.865  1.00 43.85 ? 58  GLY A N   1 
ATOM   425  C CA  . GLY A 1 70  ? -9.420  20.952  -3.847  1.00 44.44 ? 58  GLY A CA  1 
ATOM   426  C C   . GLY A 1 70  ? -10.488 21.825  -4.474  1.00 43.84 ? 58  GLY A C   1 
ATOM   427  O O   . GLY A 1 70  ? -10.824 22.885  -3.945  1.00 44.55 ? 58  GLY A O   1 
ATOM   428  N N   . SER A 1 71  ? -11.025 21.376  -5.603  1.00 43.80 ? 59  SER A N   1 
ATOM   429  C CA  . SER A 1 71  ? -12.068 22.107  -6.304  1.00 44.32 ? 59  SER A CA  1 
ATOM   430  C C   . SER A 1 71  ? -13.368 22.090  -5.504  1.00 45.57 ? 59  SER A C   1 
ATOM   431  O O   . SER A 1 71  ? -13.808 21.034  -5.046  1.00 46.00 ? 59  SER A O   1 
ATOM   432  C CB  . SER A 1 71  ? -12.287 21.511  -7.695  1.00 43.18 ? 59  SER A CB  1 
ATOM   433  O OG  . SER A 1 71  ? -13.459 22.039  -8.297  1.00 44.41 ? 59  SER A OG  1 
ATOM   434  N N   . SER A 1 72  ? -13.962 23.268  -5.332  1.00 46.47 ? 60  SER A N   1 
ATOM   435  C CA  . SER A 1 72  ? -15.253 23.418  -4.658  1.00 47.76 ? 60  SER A CA  1 
ATOM   436  C C   . SER A 1 72  ? -16.404 23.319  -5.663  1.00 49.34 ? 60  SER A C   1 
ATOM   437  O O   . SER A 1 72  ? -17.583 23.391  -5.294  1.00 48.13 ? 60  SER A O   1 
ATOM   438  C CB  . SER A 1 72  ? -15.308 24.767  -3.947  1.00 47.93 ? 60  SER A CB  1 
ATOM   439  O OG  . SER A 1 72  ? -14.987 25.813  -4.852  1.00 46.79 ? 60  SER A OG  1 
ATOM   440  N N   . THR A 1 73  ? -16.045 23.154  -6.934  1.00 51.36 ? 61  THR A N   1 
ATOM   441  C CA  . THR A 1 73  ? -17.015 23.081  -8.021  1.00 52.57 ? 61  THR A CA  1 
ATOM   442  C C   . THR A 1 73  ? -17.346 21.631  -8.377  1.00 52.62 ? 61  THR A C   1 
ATOM   443  O O   . THR A 1 73  ? -18.491 21.322  -8.723  1.00 52.32 ? 61  THR A O   1 
ATOM   444  C CB  . THR A 1 73  ? -16.523 23.843  -9.281  1.00 53.31 ? 61  THR A CB  1 
ATOM   445  O OG1 . THR A 1 73  ? -15.297 23.268  -9.753  1.00 53.00 ? 61  THR A OG1 1 
ATOM   446  C CG2 . THR A 1 73  ? -16.301 25.324  -8.971  1.00 52.76 ? 61  THR A CG2 1 
ATOM   447  N N   . LEU A 1 74  ? -16.345 20.753  -8.286  1.00 52.94 ? 62  LEU A N   1 
ATOM   448  C CA  . LEU A 1 74  ? -16.518 19.322  -8.553  1.00 53.74 ? 62  LEU A CA  1 
ATOM   449  C C   . LEU A 1 74  ? -17.688 18.716  -7.774  1.00 54.62 ? 62  LEU A C   1 
ATOM   450  O O   . LEU A 1 74  ? -17.888 19.023  -6.595  1.00 54.97 ? 62  LEU A O   1 
ATOM   451  C CB  . LEU A 1 74  ? -15.227 18.555  -8.228  1.00 53.39 ? 62  LEU A CB  1 
ATOM   452  C CG  . LEU A 1 74  ? -14.129 18.430  -9.291  1.00 54.07 ? 62  LEU A CG  1 
ATOM   453  C CD1 . LEU A 1 74  ? -12.826 17.955  -8.665  1.00 52.90 ? 62  LEU A CD1 1 
ATOM   454  C CD2 . LEU A 1 74  ? -14.547 17.484  -10.417 1.00 53.69 ? 62  LEU A CD2 1 
ATOM   455  N N   . SER A 1 75  ? -18.464 17.865  -8.444  1.00 55.37 ? 63  SER A N   1 
ATOM   456  C CA  . SER A 1 75  ? -19.571 17.157  -7.802  1.00 56.37 ? 63  SER A CA  1 
ATOM   457  C C   . SER A 1 75  ? -19.067 15.829  -7.254  1.00 57.08 ? 63  SER A C   1 
ATOM   458  O O   . SER A 1 75  ? -18.210 15.194  -7.870  1.00 56.33 ? 63  SER A O   1 
ATOM   459  C CB  . SER A 1 75  ? -20.723 16.934  -8.790  1.00 57.93 ? 63  SER A CB  1 
ATOM   460  O OG  . SER A 1 75  ? -20.303 16.181  -9.930  1.00 59.30 ? 63  SER A OG  1 
ATOM   461  N N   . ARG A 1 76  ? -19.602 15.414  -6.105  1.00 57.43 ? 64  ARG A N   1 
ATOM   462  C CA  . ARG A 1 76  ? -19.116 14.219  -5.400  1.00 58.62 ? 64  ARG A CA  1 
ATOM   463  C C   . ARG A 1 76  ? -19.065 12.962  -6.271  1.00 58.39 ? 64  ARG A C   1 
ATOM   464  O O   . ARG A 1 76  ? -18.257 12.063  -6.025  1.00 58.17 ? 64  ARG A O   1 
ATOM   465  C CB  . ARG A 1 76  ? -19.923 13.960  -4.122  1.00 59.99 ? 64  ARG A CB  1 
ATOM   466  C CG  . ARG A 1 76  ? -19.246 12.979  -3.165  1.00 61.91 ? 64  ARG A CG  1 
ATOM   467  C CD  . ARG A 1 76  ? -20.066 12.752  -1.911  1.00 64.48 ? 64  ARG A CD  1 
ATOM   468  N NE  . ARG A 1 76  ? -19.879 13.819  -0.928  1.00 65.13 ? 64  ARG A NE  1 
ATOM   469  C CZ  . ARG A 1 76  ? -18.982 13.788  0.055   1.00 65.61 ? 64  ARG A CZ  1 
ATOM   470  N NH1 . ARG A 1 76  ? -18.175 12.742  0.196   1.00 65.66 ? 64  ARG A NH1 1 
ATOM   471  N NH2 . ARG A 1 76  ? -18.890 14.804  0.903   1.00 66.29 ? 64  ARG A NH2 1 
ATOM   472  N N   . ARG A 1 77  ? -19.924 12.910  -7.286  1.00 58.19 ? 65  ARG A N   1 
ATOM   473  C CA  . ARG A 1 77  ? -19.919 11.826  -8.266  1.00 57.91 ? 65  ARG A CA  1 
ATOM   474  C C   . ARG A 1 77  ? -18.639 11.806  -9.087  1.00 56.08 ? 65  ARG A C   1 
ATOM   475  O O   . ARG A 1 77  ? -18.164 10.742  -9.482  1.00 56.47 ? 65  ARG A O   1 
ATOM   476  C CB  . ARG A 1 77  ? -21.121 11.944  -9.200  1.00 59.63 ? 65  ARG A CB  1 
ATOM   477  C CG  . ARG A 1 77  ? -22.418 11.566  -8.539  1.00 63.06 ? 65  ARG A CG  1 
ATOM   478  C CD  . ARG A 1 77  ? -23.534 11.342  -9.549  1.00 65.39 ? 65  ARG A CD  1 
ATOM   479  N NE  . ARG A 1 77  ? -24.427 10.266  -9.112  1.00 67.81 ? 65  ARG A NE  1 
ATOM   480  C CZ  . ARG A 1 77  ? -25.317 10.363  -8.125  1.00 69.02 ? 65  ARG A CZ  1 
ATOM   481  N NH1 . ARG A 1 77  ? -25.462 11.498  -7.442  1.00 67.95 ? 65  ARG A NH1 1 
ATOM   482  N NH2 . ARG A 1 77  ? -26.068 9.313   -7.820  1.00 69.38 ? 65  ARG A NH2 1 
ATOM   483  N N   . ASN A 1 78  ? -18.091 12.991  -9.335  1.00 54.02 ? 66  ASN A N   1 
ATOM   484  C CA  . ASN A 1 78  ? -16.879 13.139  -10.133 1.00 53.02 ? 66  ASN A CA  1 
ATOM   485  C C   . ASN A 1 78  ? -15.581 13.122  -9.307  1.00 51.85 ? 66  ASN A C   1 
ATOM   486  O O   . ASN A 1 78  ? -14.488 13.281  -9.862  1.00 51.85 ? 66  ASN A O   1 
ATOM   487  C CB  . ASN A 1 78  ? -16.969 14.402  -11.001 1.00 51.77 ? 66  ASN A CB  1 
ATOM   488  C CG  . ASN A 1 78  ? -18.154 14.369  -11.954 1.00 51.59 ? 66  ASN A CG  1 
ATOM   489  O OD1 . ASN A 1 78  ? -19.314 14.368  -11.534 1.00 50.20 ? 66  ASN A OD1 1 
ATOM   490  N ND2 . ASN A 1 78  ? -17.865 14.348  -13.246 1.00 53.35 ? 66  ASN A ND2 1 
ATOM   491  N N   . TRP A 1 79  ? -15.707 12.922  -7.993  1.00 49.29 ? 67  TRP A N   1 
ATOM   492  C CA  . TRP A 1 79  ? -14.552 12.781  -7.104  1.00 46.98 ? 67  TRP A CA  1 
ATOM   493  C C   . TRP A 1 79  ? -13.843 11.466  -7.400  1.00 46.25 ? 67  TRP A C   1 
ATOM   494  O O   . TRP A 1 79  ? -14.394 10.380  -7.167  1.00 46.74 ? 67  TRP A O   1 
ATOM   495  C CB  . TRP A 1 79  ? -14.983 12.824  -5.634  1.00 46.90 ? 67  TRP A CB  1 
ATOM   496  C CG  . TRP A 1 79  ? -15.414 14.180  -5.134  1.00 46.08 ? 67  TRP A CG  1 
ATOM   497  C CD1 . TRP A 1 79  ? -15.711 15.282  -5.888  1.00 45.81 ? 67  TRP A CD1 1 
ATOM   498  C CD2 . TRP A 1 79  ? -15.629 14.561  -3.769  1.00 46.04 ? 67  TRP A CD2 1 
ATOM   499  N NE1 . TRP A 1 79  ? -16.082 16.328  -5.076  1.00 46.33 ? 67  TRP A NE1 1 
ATOM   500  C CE2 . TRP A 1 79  ? -16.041 15.912  -3.772  1.00 47.20 ? 67  TRP A CE2 1 
ATOM   501  C CE3 . TRP A 1 79  ? -15.507 13.893  -2.542  1.00 44.84 ? 67  TRP A CE3 1 
ATOM   502  C CZ2 . TRP A 1 79  ? -16.333 16.612  -2.593  1.00 46.92 ? 67  TRP A CZ2 1 
ATOM   503  C CZ3 . TRP A 1 79  ? -15.797 14.585  -1.375  1.00 44.20 ? 67  TRP A CZ3 1 
ATOM   504  C CH2 . TRP A 1 79  ? -16.205 15.931  -1.408  1.00 45.82 ? 67  TRP A CH2 1 
ATOM   505  N N   . LYS A 1 80  ? -12.625 11.569  -7.922  1.00 44.42 ? 68  LYS A N   1 
ATOM   506  C CA  . LYS A 1 80  ? -11.875 10.390  -8.330  1.00 43.12 ? 68  LYS A CA  1 
ATOM   507  C C   . LYS A 1 80  ? -11.160 9.727   -7.157  1.00 42.32 ? 68  LYS A C   1 
ATOM   508  O O   . LYS A 1 80  ? -10.720 10.401  -6.222  1.00 40.06 ? 68  LYS A O   1 
ATOM   509  C CB  . LYS A 1 80  ? -10.895 10.736  -9.455  1.00 43.51 ? 68  LYS A CB  1 
ATOM   510  C CG  . LYS A 1 80  ? -11.586 11.013  -10.785 1.00 44.82 ? 68  LYS A CG  1 
ATOM   511  C CD  . LYS A 1 80  ? -10.606 11.391  -11.884 1.00 44.83 ? 68  LYS A CD  1 
ATOM   512  C CE  . LYS A 1 80  ? -11.253 11.272  -13.264 1.00 46.99 ? 68  LYS A CE  1 
ATOM   513  N NZ  . LYS A 1 80  ? -12.490 12.110  -13.395 1.00 49.05 ? 68  LYS A NZ  1 
ATOM   514  N N   . LYS A 1 81  ? -11.068 8.399   -7.213  1.00 41.67 ? 69  LYS A N   1 
ATOM   515  C CA  . LYS A 1 81  ? -10.340 7.632   -6.217  1.00 41.03 ? 69  LYS A CA  1 
ATOM   516  C C   . LYS A 1 81  ? -8.856  7.633   -6.570  1.00 39.76 ? 69  LYS A C   1 
ATOM   517  O O   . LYS A 1 81  ? -8.476  7.227   -7.668  1.00 41.65 ? 69  LYS A O   1 
ATOM   518  C CB  . LYS A 1 81  ? -10.873 6.197   -6.133  1.00 40.36 ? 69  LYS A CB  1 
ATOM   519  C CG  . LYS A 1 81  ? -10.356 5.424   -4.913  1.00 40.34 ? 69  LYS A CG  1 
ATOM   520  C CD  . LYS A 1 81  ? -11.048 4.076   -4.720  1.00 40.13 ? 69  LYS A CD  1 
ATOM   521  C CE  . LYS A 1 81  ? -10.398 2.979   -5.541  1.00 40.45 ? 69  LYS A CE  1 
ATOM   522  N NZ  . LYS A 1 81  ? -10.397 1.688   -4.797  1.00 41.78 ? 69  LYS A NZ  1 
ATOM   523  N N   . ARG A 1 82  ? -8.020  8.096   -5.642  1.00 36.69 ? 70  ARG A N   1 
ATOM   524  C CA  . ARG A 1 82  ? -6.578  8.134   -5.870  1.00 35.02 ? 70  ARG A CA  1 
ATOM   525  C C   . ARG A 1 82  ? -5.805  7.376   -4.789  1.00 33.81 ? 70  ARG A C   1 
ATOM   526  O O   . ARG A 1 82  ? -6.364  6.984   -3.761  1.00 31.39 ? 70  ARG A O   1 
ATOM   527  C CB  . ARG A 1 82  ? -6.069  9.577   -5.969  1.00 36.56 ? 70  ARG A CB  1 
ATOM   528  C CG  . ARG A 1 82  ? -6.719  10.431  -7.060  1.00 41.22 ? 70  ARG A CG  1 
ATOM   529  C CD  . ARG A 1 82  ? -6.303  10.033  -8.477  1.00 42.81 ? 70  ARG A CD  1 
ATOM   530  N NE  . ARG A 1 82  ? -6.794  11.002  -9.460  1.00 45.07 ? 70  ARG A NE  1 
ATOM   531  C CZ  . ARG A 1 82  ? -6.742  10.846  -10.780 1.00 46.83 ? 70  ARG A CZ  1 
ATOM   532  N NH1 . ARG A 1 82  ? -6.221  9.745   -11.312 1.00 47.53 ? 70  ARG A NH1 1 
ATOM   533  N NH2 . ARG A 1 82  ? -7.217  11.799  -11.576 1.00 46.73 ? 70  ARG A NH2 1 
ATOM   534  N N   . TRP A 1 83  ? -4.515  7.181   -5.042  1.00 31.96 ? 71  TRP A N   1 
ATOM   535  C CA  . TRP A 1 83  ? -3.641  6.446   -4.144  1.00 31.14 ? 71  TRP A CA  1 
ATOM   536  C C   . TRP A 1 83  ? -2.732  7.413   -3.405  1.00 31.52 ? 71  TRP A C   1 
ATOM   537  O O   . TRP A 1 83  ? -1.802  7.964   -3.993  1.00 32.47 ? 71  TRP A O   1 
ATOM   538  C CB  . TRP A 1 83  ? -2.812  5.443   -4.947  1.00 29.28 ? 71  TRP A CB  1 
ATOM   539  C CG  . TRP A 1 83  ? -1.704  4.814   -4.178  1.00 26.84 ? 71  TRP A CG  1 
ATOM   540  C CD1 . TRP A 1 83  ? -0.378  5.116   -4.263  1.00 25.71 ? 71  TRP A CD1 1 
ATOM   541  C CD2 . TRP A 1 83  ? -1.819  3.763   -3.218  1.00 25.67 ? 71  TRP A CD2 1 
ATOM   542  N NE1 . TRP A 1 83  ? 0.343   4.317   -3.419  1.00 24.81 ? 71  TRP A NE1 1 
ATOM   543  C CE2 . TRP A 1 83  ? -0.516  3.474   -2.763  1.00 26.50 ? 71  TRP A CE2 1 
ATOM   544  C CE3 . TRP A 1 83  ? -2.894  3.029   -2.705  1.00 28.23 ? 71  TRP A CE3 1 
ATOM   545  C CZ2 . TRP A 1 83  ? -0.256  2.490   -1.801  1.00 26.50 ? 71  TRP A CZ2 1 
ATOM   546  C CZ3 . TRP A 1 83  ? -2.637  2.043   -1.750  1.00 27.26 ? 71  TRP A CZ3 1 
ATOM   547  C CH2 . TRP A 1 83  ? -1.326  1.788   -1.308  1.00 27.86 ? 71  TRP A CH2 1 
ATOM   548  N N   . PHE A 1 84  ? -3.002  7.610   -2.117  1.00 31.47 ? 72  PHE A N   1 
ATOM   549  C CA  . PHE A 1 84  ? -2.296  8.618   -1.330  1.00 31.91 ? 72  PHE A CA  1 
ATOM   550  C C   . PHE A 1 84  ? -1.060  8.074   -0.607  1.00 33.56 ? 72  PHE A C   1 
ATOM   551  O O   . PHE A 1 84  ? -1.069  6.965   -0.069  1.00 35.47 ? 72  PHE A O   1 
ATOM   552  C CB  . PHE A 1 84  ? -3.258  9.294   -0.351  1.00 32.11 ? 72  PHE A CB  1 
ATOM   553  C CG  . PHE A 1 84  ? -4.225  10.235  -1.012  1.00 32.12 ? 72  PHE A CG  1 
ATOM   554  C CD1 . PHE A 1 84  ? -5.310  9.749   -1.744  1.00 31.89 ? 72  PHE A CD1 1 
ATOM   555  C CD2 . PHE A 1 84  ? -4.050  11.612  -0.912  1.00 32.55 ? 72  PHE A CD2 1 
ATOM   556  C CE1 . PHE A 1 84  ? -6.208  10.621  -2.365  1.00 32.89 ? 72  PHE A CE1 1 
ATOM   557  C CE2 . PHE A 1 84  ? -4.950  12.494  -1.526  1.00 32.75 ? 72  PHE A CE2 1 
ATOM   558  C CZ  . PHE A 1 84  ? -6.030  11.996  -2.256  1.00 31.58 ? 72  PHE A CZ  1 
ATOM   559  N N   . VAL A 1 85  ? 0.009   8.863   -0.624  1.00 33.19 ? 73  VAL A N   1 
ATOM   560  C CA  . VAL A 1 85  ? 1.252   8.506   0.032   1.00 34.15 ? 73  VAL A CA  1 
ATOM   561  C C   . VAL A 1 85  ? 1.725   9.741   0.787   1.00 36.11 ? 73  VAL A C   1 
ATOM   562  O O   . VAL A 1 85  ? 1.931   10.795  0.189   1.00 35.38 ? 73  VAL A O   1 
ATOM   563  C CB  . VAL A 1 85  ? 2.344   8.071   -0.973  1.00 34.59 ? 73  VAL A CB  1 
ATOM   564  C CG1 . VAL A 1 85  ? 3.526   7.433   -0.241  1.00 36.08 ? 73  VAL A CG1 1 
ATOM   565  C CG2 . VAL A 1 85  ? 1.790   7.099   -2.002  1.00 34.22 ? 73  VAL A CG2 1 
ATOM   566  N N   . LEU A 1 86  ? 1.859   9.619   2.102   1.00 37.76 ? 74  LEU A N   1 
ATOM   567  C CA  . LEU A 1 86  ? 2.323   10.727  2.919   1.00 38.98 ? 74  LEU A CA  1 
ATOM   568  C C   . LEU A 1 86  ? 3.730   10.413  3.384   1.00 40.76 ? 74  LEU A C   1 
ATOM   569  O O   . LEU A 1 86  ? 3.942   9.436   4.100   1.00 42.57 ? 74  LEU A O   1 
ATOM   570  C CB  . LEU A 1 86  ? 1.386   10.938  4.113   1.00 38.11 ? 74  LEU A CB  1 
ATOM   571  C CG  . LEU A 1 86  ? 1.840   11.870  5.246   1.00 38.39 ? 74  LEU A CG  1 
ATOM   572  C CD1 . LEU A 1 86  ? 1.815   13.343  4.824   1.00 35.60 ? 74  LEU A CD1 1 
ATOM   573  C CD2 . LEU A 1 86  ? 0.981   11.633  6.491   1.00 37.71 ? 74  LEU A CD2 1 
ATOM   574  N N   . ARG A 1 87  ? 4.697   11.227  2.979   1.00 43.25 ? 75  ARG A N   1 
ATOM   575  C CA  . ARG A 1 87  ? 6.078   10.905  3.315   1.00 46.82 ? 75  ARG A CA  1 
ATOM   576  C C   . ARG A 1 87  ? 6.775   11.782  4.328   1.00 48.49 ? 75  ARG A C   1 
ATOM   577  O O   . ARG A 1 87  ? 7.406   11.266  5.250   1.00 51.52 ? 75  ARG A O   1 
ATOM   578  C CB  . ARG A 1 87  ? 6.923   10.646  2.072   1.00 48.13 ? 75  ARG A CB  1 
ATOM   579  C CG  . ARG A 1 87  ? 7.029   9.169   1.830   1.00 50.18 ? 75  ARG A CG  1 
ATOM   580  C CD  . ARG A 1 87  ? 7.450   8.830   0.443   1.00 51.92 ? 75  ARG A CD  1 
ATOM   581  N NE  . ARG A 1 87  ? 7.277   7.398   0.243   1.00 53.55 ? 75  ARG A NE  1 
ATOM   582  C CZ  . ARG A 1 87  ? 7.248   6.803   -0.942  1.00 54.48 ? 75  ARG A CZ  1 
ATOM   583  N NH1 . ARG A 1 87  ? 7.386   7.524   -2.049  1.00 54.57 ? 75  ARG A NH1 1 
ATOM   584  N NH2 . ARG A 1 87  ? 7.080   5.489   -1.017  1.00 53.16 ? 75  ARG A NH2 1 
ATOM   585  N N   . GLN A 1 88  ? 6.688   13.092  4.199   1.00 49.24 ? 76  GLN A N   1 
ATOM   586  C CA  . GLN A 1 88  ? 7.272   13.895  5.267   1.00 51.03 ? 76  GLN A CA  1 
ATOM   587  C C   . GLN A 1 88  ? 6.234   14.877  5.748   1.00 50.35 ? 76  GLN A C   1 
ATOM   588  O O   . GLN A 1 88  ? 5.406   14.543  6.593   1.00 50.41 ? 76  GLN A O   1 
ATOM   589  C CB  . GLN A 1 88  ? 8.575   14.553  4.810   1.00 53.68 ? 76  GLN A CB  1 
ATOM   590  C CG  . GLN A 1 88  ? 9.641   14.562  5.910   1.00 58.53 ? 76  GLN A CG  1 
ATOM   591  C CD  . GLN A 1 88  ? 10.921  13.814  5.501   1.00 60.77 ? 76  GLN A CD  1 
ATOM   592  O OE1 . GLN A 1 88  ? 11.370  13.885  4.343   1.00 63.12 ? 76  GLN A OE1 1 
ATOM   593  N NE2 . GLN A 1 88  ? 11.515  13.089  6.461   1.00 61.48 ? 76  GLN A NE2 1 
ATOM   594  N N   . SER A 1 89  ? 6.260   16.079  5.191   1.00 49.96 ? 77  SER A N   1 
ATOM   595  C CA  . SER A 1 89  ? 5.176   17.028  5.388   1.00 48.95 ? 77  SER A CA  1 
ATOM   596  C C   . SER A 1 89  ? 4.326   17.086  4.114   1.00 45.81 ? 77  SER A C   1 
ATOM   597  O O   . SER A 1 89  ? 3.372   17.861  4.038   1.00 46.64 ? 77  SER A O   1 
ATOM   598  C CB  . SER A 1 89  ? 5.742   18.409  5.760   1.00 50.55 ? 77  SER A CB  1 
ATOM   599  O OG  . SER A 1 89  ? 4.825   19.466  5.393   1.00 53.71 ? 77  SER A OG  1 
ATOM   600  N N   . LYS A 1 90  ? 4.673   16.253  3.128   1.00 42.46 ? 78  LYS A N   1 
ATOM   601  C CA  . LYS A 1 90  ? 4.035   16.279  1.801   1.00 38.70 ? 78  LYS A CA  1 
ATOM   602  C C   . LYS A 1 90  ? 3.058   15.136  1.629   1.00 34.18 ? 78  LYS A C   1 
ATOM   603  O O   . LYS A 1 90  ? 3.462   13.980  1.575   1.00 30.30 ? 78  LYS A O   1 
ATOM   604  C CB  . LYS A 1 90  ? 5.083   16.173  0.683   1.00 40.90 ? 78  LYS A CB  1 
ATOM   605  C CG  . LYS A 1 90  ? 6.132   17.266  0.679   1.00 45.31 ? 78  LYS A CG  1 
ATOM   606  C CD  . LYS A 1 90  ? 7.132   17.071  -0.460  1.00 48.70 ? 78  LYS A CD  1 
ATOM   607  C CE  . LYS A 1 90  ? 6.692   17.834  -1.717  1.00 50.32 ? 78  LYS A CE  1 
ATOM   608  N NZ  . LYS A 1 90  ? 6.335   19.266  -1.383  1.00 52.17 ? 78  LYS A NZ  1 
ATOM   609  N N   . LEU A 1 91  ? 1.774   15.461  1.519   1.00 32.45 ? 79  LEU A N   1 
ATOM   610  C CA  . LEU A 1 91  ? 0.746   14.463  1.239   1.00 31.55 ? 79  LEU A CA  1 
ATOM   611  C C   . LEU A 1 91  ? 0.516   14.402  -0.264  1.00 32.59 ? 79  LEU A C   1 
ATOM   612  O O   . LEU A 1 91  ? -0.226  15.212  -0.819  1.00 32.27 ? 79  LEU A O   1 
ATOM   613  C CB  . LEU A 1 91  ? -0.548  14.796  1.995   1.00 29.78 ? 79  LEU A CB  1 
ATOM   614  C CG  . LEU A 1 91  ? -1.825  13.931  1.982   1.00 29.47 ? 79  LEU A CG  1 
ATOM   615  C CD1 . LEU A 1 91  ? -2.871  14.492  1.032   1.00 30.75 ? 79  LEU A CD1 1 
ATOM   616  C CD2 . LEU A 1 91  ? -1.585  12.438  1.714   1.00 28.56 ? 79  LEU A CD2 1 
ATOM   617  N N   . MET A 1 92  ? 1.183   13.453  -0.920  1.00 33.53 ? 80  MET A N   1 
ATOM   618  C CA  . MET A 1 92  ? 1.041   13.275  -2.371  1.00 33.50 ? 80  MET A CA  1 
ATOM   619  C C   . MET A 1 92  ? 0.090   12.138  -2.736  1.00 32.21 ? 80  MET A C   1 
ATOM   620  O O   . MET A 1 92  ? -0.167  11.242  -1.927  1.00 31.08 ? 80  MET A O   1 
ATOM   621  C CB  . MET A 1 92  ? 2.405   13.099  -3.058  1.00 35.00 ? 80  MET A CB  1 
ATOM   622  C CG  . MET A 1 92  ? 3.365   12.155  -2.358  1.00 36.67 ? 80  MET A CG  1 
ATOM   623  S SD  . MET A 1 92  ? 5.079   12.522  -2.807  1.00 42.50 ? 80  MET A SD  1 
ATOM   624  C CE  . MET A 1 92  ? 5.943   11.907  -1.347  1.00 40.99 ? 80  MET A CE  1 
ATOM   625  N N   . TYR A 1 93  ? -0.448  12.204  -3.953  1.00 30.55 ? 81  TYR A N   1 
ATOM   626  C CA  . TYR A 1 93  ? -1.314  11.148  -4.469  1.00 30.32 ? 81  TYR A CA  1 
ATOM   627  C C   . TYR A 1 93  ? -1.049  10.836  -5.942  1.00 29.99 ? 81  TYR A C   1 
ATOM   628  O O   . TYR A 1 93  ? -0.524  11.667  -6.691  1.00 27.40 ? 81  TYR A O   1 
ATOM   629  C CB  . TYR A 1 93  ? -2.794  11.458  -4.219  1.00 31.52 ? 81  TYR A CB  1 
ATOM   630  C CG  . TYR A 1 93  ? -3.294  12.739  -4.844  1.00 33.47 ? 81  TYR A CG  1 
ATOM   631  C CD1 . TYR A 1 93  ? -3.988  12.716  -6.044  1.00 34.80 ? 81  TYR A CD1 1 
ATOM   632  C CD2 . TYR A 1 93  ? -3.088  13.973  -4.223  1.00 36.45 ? 81  TYR A CD2 1 
ATOM   633  C CE1 . TYR A 1 93  ? -4.453  13.884  -6.626  1.00 38.98 ? 81  TYR A CE1 1 
ATOM   634  C CE2 . TYR A 1 93  ? -3.555  15.154  -4.794  1.00 38.41 ? 81  TYR A CE2 1 
ATOM   635  C CZ  . TYR A 1 93  ? -4.234  15.098  -5.998  1.00 39.74 ? 81  TYR A CZ  1 
ATOM   636  O OH  . TYR A 1 93  ? -4.709  16.251  -6.579  1.00 42.41 ? 81  TYR A OH  1 
ATOM   637  N N   . PHE A 1 94  ? -1.419  9.621   -6.338  1.00 29.55 ? 82  PHE A N   1 
ATOM   638  C CA  . PHE A 1 94  ? -1.094  9.086   -7.649  1.00 28.42 ? 82  PHE A CA  1 
ATOM   639  C C   . PHE A 1 94  ? -2.337  8.529   -8.338  1.00 29.55 ? 82  PHE A C   1 
ATOM   640  O O   . PHE A 1 94  ? -3.391  8.398   -7.714  1.00 29.15 ? 82  PHE A O   1 
ATOM   641  C CB  . PHE A 1 94  ? -0.031  7.993   -7.509  1.00 27.05 ? 82  PHE A CB  1 
ATOM   642  C CG  . PHE A 1 94  ? 1.266   8.471   -6.907  1.00 27.10 ? 82  PHE A CG  1 
ATOM   643  C CD1 . PHE A 1 94  ? 1.419   8.576   -5.521  1.00 28.32 ? 82  PHE A CD1 1 
ATOM   644  C CD2 . PHE A 1 94  ? 2.341   8.792   -7.718  1.00 25.10 ? 82  PHE A CD2 1 
ATOM   645  C CE1 . PHE A 1 94  ? 2.625   9.014   -4.960  1.00 28.74 ? 82  PHE A CE1 1 
ATOM   646  C CE2 . PHE A 1 94  ? 3.553   9.225   -7.163  1.00 28.55 ? 82  PHE A CE2 1 
ATOM   647  C CZ  . PHE A 1 94  ? 3.694   9.335   -5.781  1.00 27.18 ? 82  PHE A CZ  1 
ATOM   648  N N   . GLU A 1 95  ? -2.215  8.223   -9.627  1.00 30.19 ? 83  GLU A N   1 
ATOM   649  C CA  . GLU A 1 95  ? -3.289  7.579   -10.377 1.00 31.02 ? 83  GLU A CA  1 
ATOM   650  C C   . GLU A 1 95  ? -3.540  6.154   -9.859  1.00 30.60 ? 83  GLU A C   1 
ATOM   651  O O   . GLU A 1 95  ? -4.689  5.771   -9.620  1.00 29.81 ? 83  GLU A O   1 
ATOM   652  C CB  . GLU A 1 95  ? -2.952  7.562   -11.872 1.00 34.26 ? 83  GLU A CB  1 
ATOM   653  C CG  . GLU A 1 95  ? -4.017  6.940   -12.772 1.00 39.51 ? 83  GLU A CG  1 
ATOM   654  C CD  . GLU A 1 95  ? -3.547  6.788   -14.215 1.00 41.71 ? 83  GLU A CD  1 
ATOM   655  O OE1 . GLU A 1 95  ? -3.727  7.734   -15.011 1.00 43.26 ? 83  GLU A OE1 1 
ATOM   656  O OE2 . GLU A 1 95  ? -3.003  5.715   -14.556 1.00 39.61 ? 83  GLU A OE2 1 
ATOM   657  N N   . ASN A 1 96  ? -2.458  5.389   -9.686  1.00 29.81 ? 84  ASN A N   1 
ATOM   658  C CA  . ASN A 1 96  ? -2.522  3.993   -9.229  1.00 32.21 ? 84  ASN A CA  1 
ATOM   659  C C   . ASN A 1 96  ? -1.676  3.771   -7.975  1.00 33.36 ? 84  ASN A C   1 
ATOM   660  O O   . ASN A 1 96  ? -0.830  4.599   -7.623  1.00 33.39 ? 84  ASN A O   1 
ATOM   661  C CB  . ASN A 1 96  ? -2.034  3.011   -10.318 1.00 31.26 ? 84  ASN A CB  1 
ATOM   662  C CG  . ASN A 1 96  ? -2.827  3.109   -11.612 1.00 37.01 ? 84  ASN A CG  1 
ATOM   663  O OD1 . ASN A 1 96  ? -4.017  2.778   -11.665 1.00 37.71 ? 84  ASN A OD1 1 
ATOM   664  N ND2 . ASN A 1 96  ? -2.161  3.554   -12.675 1.00 39.02 ? 84  ASN A ND2 1 
ATOM   665  N N   . ASP A 1 97  ? -1.900  2.624   -7.332  1.00 33.39 ? 85  ASP A N   1 
ATOM   666  C CA  . ASP A 1 97  ? -1.073  2.150   -6.229  1.00 34.42 ? 85  ASP A CA  1 
ATOM   667  C C   . ASP A 1 97  ? 0.323   1.712   -6.689  1.00 35.80 ? 85  ASP A C   1 
ATOM   668  O O   . ASP A 1 97  ? 1.177   1.368   -5.870  1.00 36.48 ? 85  ASP A O   1 
ATOM   669  C CB  . ASP A 1 97  ? -1.779  1.015   -5.493  1.00 33.26 ? 85  ASP A CB  1 
ATOM   670  C CG  . ASP A 1 97  ? -2.181  -0.120  -6.414  1.00 32.92 ? 85  ASP A CG  1 
ATOM   671  O OD1 . ASP A 1 97  ? -2.020  -1.286  -5.997  1.00 27.73 ? 85  ASP A OD1 1 
ATOM   672  O OD2 . ASP A 1 97  ? -2.649  0.148   -7.548  1.00 32.02 ? 85  ASP A OD2 1 
ATOM   673  N N   . SER A 1 98  ? 0.543   1.733   -8.003  1.00 37.08 ? 86  SER A N   1 
ATOM   674  C CA  . SER A 1 98  ? 1.861   1.491   -8.587  1.00 38.03 ? 86  SER A CA  1 
ATOM   675  C C   . SER A 1 98  ? 2.773   2.717   -8.440  1.00 38.22 ? 86  SER A C   1 
ATOM   676  O O   . SER A 1 98  ? 3.998   2.612   -8.572  1.00 38.30 ? 86  SER A O   1 
ATOM   677  C CB  . SER A 1 98  ? 1.716   1.133   -10.063 1.00 39.09 ? 86  SER A CB  1 
ATOM   678  O OG  . SER A 1 98  ? 1.132   2.208   -10.784 1.00 41.61 ? 86  SER A OG  1 
ATOM   679  N N   . GLU A 1 99  ? 2.163   3.877   -8.184  1.00 37.22 ? 87  GLU A N   1 
ATOM   680  C CA  . GLU A 1 99  ? 2.894   5.126   -7.953  1.00 37.08 ? 87  GLU A CA  1 
ATOM   681  C C   . GLU A 1 99  ? 3.721   5.539   -9.171  1.00 36.64 ? 87  GLU A C   1 
ATOM   682  O O   . GLU A 1 99  ? 4.840   6.035   -9.042  1.00 37.14 ? 87  GLU A O   1 
ATOM   683  C CB  . GLU A 1 99  ? 3.780   5.008   -6.704  1.00 37.03 ? 87  GLU A CB  1 
ATOM   684  C CG  . GLU A 1 99  ? 3.001   5.005   -5.411  1.00 36.81 ? 87  GLU A CG  1 
ATOM   685  C CD  . GLU A 1 99  ? 3.744   4.362   -4.259  1.00 36.67 ? 87  GLU A CD  1 
ATOM   686  O OE1 . GLU A 1 99  ? 4.975   4.541   -4.140  1.00 37.03 ? 87  GLU A OE1 1 
ATOM   687  O OE2 . GLU A 1 99  ? 3.078   3.678   -3.452  1.00 38.58 ? 87  GLU A OE2 1 
ATOM   688  N N   . GLU A 1 100 ? 3.153   5.329   -10.354 1.00 37.64 ? 88  GLU A N   1 
ATOM   689  C CA  . GLU A 1 100 ? 3.847   5.598   -11.608 1.00 39.39 ? 88  GLU A CA  1 
ATOM   690  C C   . GLU A 1 100 ? 3.549   7.006   -12.127 1.00 39.19 ? 88  GLU A C   1 
ATOM   691  O O   . GLU A 1 100 ? 4.385   7.614   -12.810 1.00 38.90 ? 88  GLU A O   1 
ATOM   692  C CB  . GLU A 1 100 ? 3.473   4.552   -12.670 1.00 40.64 ? 88  GLU A CB  1 
ATOM   693  C CG  . GLU A 1 100 ? 4.027   3.153   -12.417 1.00 44.44 ? 88  GLU A CG  1 
ATOM   694  C CD  . GLU A 1 100 ? 3.802   2.203   -13.595 1.00 46.57 ? 88  GLU A CD  1 
ATOM   695  O OE1 . GLU A 1 100 ? 2.625   1.867   -13.885 1.00 45.31 ? 88  GLU A OE1 1 
ATOM   696  O OE2 . GLU A 1 100 ? 4.811   1.787   -14.220 1.00 44.20 ? 88  GLU A OE2 1 
ATOM   697  N N   . LYS A 1 101 ? 2.361   7.514   -11.796 1.00 38.09 ? 89  LYS A N   1 
ATOM   698  C CA  . LYS A 1 101 ? 1.901   8.802   -12.305 1.00 37.74 ? 89  LYS A CA  1 
ATOM   699  C C   . LYS A 1 101 ? 1.461   9.710   -11.163 1.00 36.43 ? 89  LYS A C   1 
ATOM   700  O O   . LYS A 1 101 ? 0.366   9.550   -10.622 1.00 36.40 ? 89  LYS A O   1 
ATOM   701  C CB  . LYS A 1 101 ? 0.755   8.592   -13.298 1.00 38.58 ? 89  LYS A CB  1 
ATOM   702  C CG  . LYS A 1 101 ? 0.563   9.731   -14.281 1.00 42.91 ? 89  LYS A CG  1 
ATOM   703  C CD  . LYS A 1 101 ? -0.438  9.383   -15.390 1.00 42.92 ? 89  LYS A CD  1 
ATOM   704  C CE  . LYS A 1 101 ? 0.151   8.425   -16.416 1.00 45.85 ? 89  LYS A CE  1 
ATOM   705  N NZ  . LYS A 1 101 ? 1.394   8.965   -17.053 1.00 47.93 ? 89  LYS A NZ  1 
ATOM   706  N N   . LEU A 1 102 ? 2.326   10.656  -10.807 1.00 35.03 ? 90  LEU A N   1 
ATOM   707  C CA  . LEU A 1 102 ? 2.041   11.628  -9.753  1.00 33.95 ? 90  LEU A CA  1 
ATOM   708  C C   . LEU A 1 102 ? 0.914   12.548  -10.175 1.00 35.04 ? 90  LEU A C   1 
ATOM   709  O O   . LEU A 1 102 ? 0.981   13.190  -11.227 1.00 36.08 ? 90  LEU A O   1 
ATOM   710  C CB  . LEU A 1 102 ? 3.290   12.446  -9.404  1.00 34.33 ? 90  LEU A CB  1 
ATOM   711  C CG  . LEU A 1 102 ? 3.164   13.588  -8.387  1.00 35.72 ? 90  LEU A CG  1 
ATOM   712  C CD1 . LEU A 1 102 ? 2.579   13.111  -7.055  1.00 35.94 ? 90  LEU A CD1 1 
ATOM   713  C CD2 . LEU A 1 102 ? 4.516   14.243  -8.174  1.00 34.81 ? 90  LEU A CD2 1 
ATOM   714  N N   . LYS A 1 103 ? -0.117  12.614  -9.340  1.00 35.96 ? 91  LYS A N   1 
ATOM   715  C CA  . LYS A 1 103 ? -1.328  13.352  -9.670  1.00 34.79 ? 91  LYS A CA  1 
ATOM   716  C C   . LYS A 1 103 ? -1.429  14.669  -8.903  1.00 34.37 ? 91  LYS A C   1 
ATOM   717  O O   . LYS A 1 103 ? -2.072  15.608  -9.370  1.00 34.96 ? 91  LYS A O   1 
ATOM   718  C CB  . LYS A 1 103 ? -2.559  12.479  -9.408  1.00 35.40 ? 91  LYS A CB  1 
ATOM   719  C CG  . LYS A 1 103 ? -3.634  12.582  -10.464 1.00 38.03 ? 91  LYS A CG  1 
ATOM   720  C CD  . LYS A 1 103 ? -3.227  11.857  -11.739 1.00 38.64 ? 91  LYS A CD  1 
ATOM   721  C CE  . LYS A 1 103 ? -3.873  12.499  -12.965 1.00 39.11 ? 91  LYS A CE  1 
ATOM   722  N NZ  . LYS A 1 103 ? -3.324  11.930  -14.230 1.00 39.72 ? 91  LYS A NZ  1 
ATOM   723  N N   . GLY A 1 104 ? -0.792  14.743  -7.732  1.00 34.22 ? 92  GLY A N   1 
ATOM   724  C CA  . GLY A 1 104 ? -0.821  15.963  -6.920  1.00 33.77 ? 92  GLY A CA  1 
ATOM   725  C C   . GLY A 1 104 ? -0.056  15.896  -5.612  1.00 33.27 ? 92  GLY A C   1 
ATOM   726  O O   . GLY A 1 104 ? 0.279   14.812  -5.133  1.00 31.98 ? 92  GLY A O   1 
ATOM   727  N N   . THR A 1 105 ? 0.200   17.063  -5.023  1.00 33.43 ? 93  THR A N   1 
ATOM   728  C CA  . THR A 1 105 ? 0.983   17.162  -3.795  1.00 34.20 ? 93  THR A CA  1 
ATOM   729  C C   . THR A 1 105 ? 0.463   18.276  -2.901  1.00 35.08 ? 93  THR A C   1 
ATOM   730  O O   . THR A 1 105 ? 0.296   19.417  -3.345  1.00 36.30 ? 93  THR A O   1 
ATOM   731  C CB  . THR A 1 105 ? 2.484   17.393  -4.096  1.00 33.45 ? 93  THR A CB  1 
ATOM   732  O OG1 . THR A 1 105 ? 3.071   16.172  -4.569  1.00 35.27 ? 93  THR A OG1 1 
ATOM   733  C CG2 . THR A 1 105 ? 3.234   17.839  -2.859  1.00 35.77 ? 93  THR A CG2 1 
ATOM   734  N N   . VAL A 1 106 ? 0.215   17.936  -1.641  1.00 35.22 ? 94  VAL A N   1 
ATOM   735  C CA  . VAL A 1 106 ? -0.239  18.907  -0.663  1.00 35.95 ? 94  VAL A CA  1 
ATOM   736  C C   . VAL A 1 106 ? 0.757   18.969  0.483   1.00 37.05 ? 94  VAL A C   1 
ATOM   737  O O   . VAL A 1 106 ? 1.146   17.941  1.033   1.00 38.44 ? 94  VAL A O   1 
ATOM   738  C CB  . VAL A 1 106 ? -1.655  18.570  -0.145  1.00 36.56 ? 94  VAL A CB  1 
ATOM   739  C CG1 . VAL A 1 106 ? -2.098  19.557  0.954   1.00 35.34 ? 94  VAL A CG1 1 
ATOM   740  C CG2 . VAL A 1 106 ? -2.653  18.568  -1.303  1.00 35.71 ? 94  VAL A CG2 1 
ATOM   741  N N   . GLU A 1 107 ? 1.186   20.182  0.817   1.00 39.01 ? 95  GLU A N   1 
ATOM   742  C CA  . GLU A 1 107 ? 2.094   20.392  1.939   1.00 40.76 ? 95  GLU A CA  1 
ATOM   743  C C   . GLU A 1 107 ? 1.249   20.573  3.198   1.00 38.96 ? 95  GLU A C   1 
ATOM   744  O O   . GLU A 1 107 ? 0.668   21.637  3.416   1.00 39.11 ? 95  GLU A O   1 
ATOM   745  C CB  . GLU A 1 107 ? 2.993   21.609  1.688   1.00 43.12 ? 95  GLU A CB  1 
ATOM   746  C CG  . GLU A 1 107 ? 4.208   21.702  2.612   1.00 48.72 ? 95  GLU A CG  1 
ATOM   747  C CD  . GLU A 1 107 ? 5.338   20.750  2.221   1.00 50.87 ? 95  GLU A CD  1 
ATOM   748  O OE1 . GLU A 1 107 ? 5.548   20.521  0.990   1.00 51.54 ? 95  GLU A OE1 1 
ATOM   749  O OE2 . GLU A 1 107 ? 6.024   20.238  3.158   1.00 51.45 ? 95  GLU A OE2 1 
ATOM   750  N N   . VAL A 1 108 ? 1.183   19.516  4.005   1.00 37.48 ? 96  VAL A N   1 
ATOM   751  C CA  . VAL A 1 108 ? 0.314   19.453  5.186   1.00 38.01 ? 96  VAL A CA  1 
ATOM   752  C C   . VAL A 1 108 ? 0.543   20.611  6.159   1.00 38.55 ? 96  VAL A C   1 
ATOM   753  O O   . VAL A 1 108 ? -0.408  21.222  6.635   1.00 38.56 ? 96  VAL A O   1 
ATOM   754  C CB  . VAL A 1 108 ? 0.447   18.080  5.949   1.00 37.18 ? 96  VAL A CB  1 
ATOM   755  C CG1 . VAL A 1 108 ? -0.603  17.972  7.047   1.00 35.62 ? 96  VAL A CG1 1 
ATOM   756  C CG2 . VAL A 1 108 ? 0.303   16.900  4.987   1.00 33.21 ? 96  VAL A CG2 1 
ATOM   757  N N   . ARG A 1 109 ? 1.807   20.928  6.436   1.00 40.47 ? 97  ARG A N   1 
ATOM   758  C CA  . ARG A 1 109 ? 2.135   21.956  7.428   1.00 41.97 ? 97  ARG A CA  1 
ATOM   759  C C   . ARG A 1 109 ? 1.810   23.389  6.994   1.00 42.40 ? 97  ARG A C   1 
ATOM   760  O O   . ARG A 1 109 ? 2.088   24.346  7.716   1.00 43.94 ? 97  ARG A O   1 
ATOM   761  C CB  . ARG A 1 109 ? 3.590   21.820  7.873   1.00 42.86 ? 97  ARG A CB  1 
ATOM   762  C CG  . ARG A 1 109 ? 3.833   20.543  8.653   1.00 46.09 ? 97  ARG A CG  1 
ATOM   763  C CD  . ARG A 1 109 ? 5.155   20.558  9.372   1.00 46.56 ? 97  ARG A CD  1 
ATOM   764  N NE  . ARG A 1 109 ? 6.281   20.571  8.442   1.00 47.78 ? 97  ARG A NE  1 
ATOM   765  C CZ  . ARG A 1 109 ? 7.550   20.407  8.805   1.00 49.09 ? 97  ARG A CZ  1 
ATOM   766  N NH1 . ARG A 1 109 ? 7.866   20.207  10.084  1.00 49.83 ? 97  ARG A NH1 1 
ATOM   767  N NH2 . ARG A 1 109 ? 8.506   20.437  7.887   1.00 50.63 ? 97  ARG A NH2 1 
ATOM   768  N N   . SER A 1 110 ? 1.203   23.527  5.824   1.00 41.96 ? 98  SER A N   1 
ATOM   769  C CA  . SER A 1 110 ? 0.763   24.824  5.346   1.00 42.81 ? 98  SER A CA  1 
ATOM   770  C C   . SER A 1 110 ? -0.751  24.916  5.401   1.00 43.28 ? 98  SER A C   1 
ATOM   771  O O   . SER A 1 110 ? -1.329  25.949  5.070   1.00 44.72 ? 98  SER A O   1 
ATOM   772  C CB  . SER A 1 110 ? 1.263   25.065  3.921   1.00 43.05 ? 98  SER A CB  1 
ATOM   773  O OG  . SER A 1 110 ? 2.672   25.195  3.912   1.00 44.81 ? 98  SER A OG  1 
ATOM   774  N N   . ALA A 1 111 ? -1.391  23.829  5.823   1.00 43.34 ? 99  ALA A N   1 
ATOM   775  C CA  . ALA A 1 111 ? -2.840  23.807  5.975   1.00 44.79 ? 99  ALA A CA  1 
ATOM   776  C C   . ALA A 1 111 ? -3.286  24.663  7.160   1.00 45.98 ? 99  ALA A C   1 
ATOM   777  O O   . ALA A 1 111 ? -2.560  24.792  8.148   1.00 44.79 ? 99  ALA A O   1 
ATOM   778  C CB  . ALA A 1 111 ? -3.326  22.382  6.135   1.00 44.51 ? 99  ALA A CB  1 
ATOM   779  N N   . LYS A 1 112 ? -4.475  25.253  7.051   1.00 47.48 ? 100 LYS A N   1 
ATOM   780  C CA  . LYS A 1 112 ? -5.069  26.012  8.152   1.00 49.18 ? 100 LYS A CA  1 
ATOM   781  C C   . LYS A 1 112 ? -5.413  25.087  9.315   1.00 49.12 ? 100 LYS A C   1 
ATOM   782  O O   . LYS A 1 112 ? -5.108  25.380  10.473  1.00 49.82 ? 100 LYS A O   1 
ATOM   783  C CB  . LYS A 1 112 ? -6.324  26.752  7.686   1.00 52.98 ? 100 LYS A CB  1 
ATOM   784  C CG  . LYS A 1 112 ? -6.954  27.634  8.766   1.00 58.64 ? 100 LYS A CG  1 
ATOM   785  C CD  . LYS A 1 112 ? -8.330  28.158  8.355   1.00 60.24 ? 100 LYS A CD  1 
ATOM   786  C CE  . LYS A 1 112 ? -8.913  29.054  9.441   1.00 61.37 ? 100 LYS A CE  1 
ATOM   787  N NZ  . LYS A 1 112 ? -8.154  30.331  9.605   1.00 60.14 ? 100 LYS A NZ  1 
ATOM   788  N N   . GLU A 1 113 ? -6.056  23.970  8.994   1.00 48.73 ? 101 GLU A N   1 
ATOM   789  C CA  . GLU A 1 113 ? -6.399  22.959  9.985   1.00 49.11 ? 101 GLU A CA  1 
ATOM   790  C C   . GLU A 1 113 ? -6.829  21.665  9.315   1.00 48.32 ? 101 GLU A C   1 
ATOM   791  O O   . GLU A 1 113 ? -7.122  21.640  8.117   1.00 48.23 ? 101 GLU A O   1 
ATOM   792  C CB  . GLU A 1 113 ? -7.496  23.463  10.931  1.00 50.45 ? 101 GLU A CB  1 
ATOM   793  C CG  . GLU A 1 113 ? -8.791  23.884  10.247  1.00 54.43 ? 101 GLU A CG  1 
ATOM   794  C CD  . GLU A 1 113 ? -9.836  24.366  11.238  1.00 56.62 ? 101 GLU A CD  1 
ATOM   795  O OE1 . GLU A 1 113 ? -10.667 25.225  10.852  1.00 56.94 ? 101 GLU A OE1 1 
ATOM   796  O OE2 . GLU A 1 113 ? -9.830  23.893  12.401  1.00 60.17 ? 101 GLU A OE2 1 
ATOM   797  N N   . ILE A 1 114 ? -6.845  20.594  10.101  1.00 47.09 ? 102 ILE A N   1 
ATOM   798  C CA  . ILE A 1 114 ? -7.364  19.302  9.664   1.00 45.82 ? 102 ILE A CA  1 
ATOM   799  C C   . ILE A 1 114 ? -8.615  19.025  10.492  1.00 43.47 ? 102 ILE A C   1 
ATOM   800  O O   . ILE A 1 114 ? -8.628  19.274  11.700  1.00 42.73 ? 102 ILE A O   1 
ATOM   801  C CB  . ILE A 1 114 ? -6.301  18.168  9.830   1.00 45.36 ? 102 ILE A CB  1 
ATOM   802  C CG1 . ILE A 1 114 ? -5.164  18.347  8.825   1.00 46.90 ? 102 ILE A CG1 1 
ATOM   803  C CG2 . ILE A 1 114 ? -6.887  16.820  9.548   1.00 43.97 ? 102 ILE A CG2 1 
ATOM   804  C CD1 . ILE A 1 114 ? -4.026  19.172  9.336   1.00 47.52 ? 102 ILE A CD1 1 
ATOM   805  N N   . ILE A 1 115 ? -9.667  18.541  9.834   1.00 41.77 ? 103 ILE A N   1 
ATOM   806  C CA  . ILE A 1 115 ? -10.946 18.288  10.498  1.00 40.96 ? 103 ILE A CA  1 
ATOM   807  C C   . ILE A 1 115 ? -11.332 16.812  10.435  1.00 41.02 ? 103 ILE A C   1 
ATOM   808  O O   . ILE A 1 115 ? -11.323 16.190  9.367   1.00 41.15 ? 103 ILE A O   1 
ATOM   809  C CB  . ILE A 1 115 ? -12.080 19.208  9.943   1.00 40.38 ? 103 ILE A CB  1 
ATOM   810  C CG1 . ILE A 1 115 ? -11.791 20.684  10.269  1.00 40.20 ? 103 ILE A CG1 1 
ATOM   811  C CG2 . ILE A 1 115 ? -13.453 18.792  10.458  1.00 38.33 ? 103 ILE A CG2 1 
ATOM   812  C CD1 . ILE A 1 115 ? -11.589 20.992  11.771  1.00 40.68 ? 103 ILE A CD1 1 
ATOM   813  N N   . ASP A 1 116 ? -11.660 16.267  11.598  1.00 41.06 ? 104 ASP A N   1 
ATOM   814  C CA  . ASP A 1 116 ? -12.030 14.873  11.733  1.00 41.57 ? 104 ASP A CA  1 
ATOM   815  C C   . ASP A 1 116 ? -13.521 14.714  11.490  1.00 42.12 ? 104 ASP A C   1 
ATOM   816  O O   . ASP A 1 116 ? -14.337 15.046  12.352  1.00 42.51 ? 104 ASP A O   1 
ATOM   817  C CB  . ASP A 1 116 ? -11.660 14.376  13.134  1.00 43.44 ? 104 ASP A CB  1 
ATOM   818  C CG  . ASP A 1 116 ? -11.957 12.905  13.327  1.00 45.82 ? 104 ASP A CG  1 
ATOM   819  O OD1 . ASP A 1 116 ? -12.940 12.413  12.741  1.00 46.62 ? 104 ASP A OD1 1 
ATOM   820  O OD2 . ASP A 1 116 ? -11.220 12.240  14.086  1.00 46.99 ? 104 ASP A OD2 1 
ATOM   821  N N   . ASN A 1 117 ? -13.865 14.194  10.316  1.00 41.21 ? 105 ASN A N   1 
ATOM   822  C CA  . ASN A 1 117 ? -15.257 13.970  9.959   1.00 41.59 ? 105 ASN A CA  1 
ATOM   823  C C   . ASN A 1 117 ? -15.614 12.498  9.779   1.00 42.46 ? 105 ASN A C   1 
ATOM   824  O O   . ASN A 1 117 ? -16.541 12.178  9.031   1.00 42.06 ? 105 ASN A O   1 
ATOM   825  C CB  . ASN A 1 117 ? -15.611 14.755  8.695   1.00 42.44 ? 105 ASN A CB  1 
ATOM   826  C CG  . ASN A 1 117 ? -15.792 16.230  8.959   1.00 42.47 ? 105 ASN A CG  1 
ATOM   827  O OD1 . ASN A 1 117 ? -16.260 16.628  10.020  1.00 43.20 ? 105 ASN A OD1 1 
ATOM   828  N ND2 . ASN A 1 117 ? -15.424 17.050  7.990   1.00 41.99 ? 105 ASN A ND2 1 
ATOM   829  N N   . THR A 1 118 ? -14.899 11.607  10.474  1.00 42.57 ? 106 THR A N   1 
ATOM   830  C CA  . THR A 1 118 ? -15.104 10.166  10.292  1.00 43.53 ? 106 THR A CA  1 
ATOM   831  C C   . THR A 1 118 ? -16.524 9.737   10.634  1.00 44.88 ? 106 THR A C   1 
ATOM   832  O O   . THR A 1 118 ? -16.980 8.687   10.186  1.00 46.17 ? 106 THR A O   1 
ATOM   833  C CB  . THR A 1 118 ? -14.146 9.272   11.119  1.00 42.69 ? 106 THR A CB  1 
ATOM   834  O OG1 . THR A 1 118 ? -14.785 8.898   12.355  1.00 43.36 ? 106 THR A OG1 1 
ATOM   835  C CG2 . THR A 1 118 ? -12.813 9.951   11.399  1.00 40.57 ? 106 THR A CG2 1 
ATOM   836  N N   . ASN A 1 119 ? -17.218 10.549  11.427  1.00 46.44 ? 107 ASN A N   1 
ATOM   837  C CA  . ASN A 1 119 ? -18.548 10.196  11.885  1.00 47.44 ? 107 ASN A CA  1 
ATOM   838  C C   . ASN A 1 119 ? -19.661 10.631  10.934  1.00 46.44 ? 107 ASN A C   1 
ATOM   839  O O   . ASN A 1 119 ? -20.779 10.130  11.026  1.00 48.12 ? 107 ASN A O   1 
ATOM   840  C CB  . ASN A 1 119 ? -18.784 10.730  13.301  1.00 51.76 ? 107 ASN A CB  1 
ATOM   841  C CG  . ASN A 1 119 ? -19.597 9.772   14.169  1.00 56.16 ? 107 ASN A CG  1 
ATOM   842  O OD1 . ASN A 1 119 ? -20.072 10.148  15.244  1.00 59.51 ? 107 ASN A OD1 1 
ATOM   843  N ND2 . ASN A 1 119 ? -19.752 8.529   13.712  1.00 56.68 ? 107 ASN A ND2 1 
ATOM   844  N N   . LYS A 1 120 ? -19.360 11.542  10.012  1.00 44.99 ? 108 LYS A N   1 
ATOM   845  C CA  . LYS A 1 120 ? -20.367 11.985  9.043   1.00 43.94 ? 108 LYS A CA  1 
ATOM   846  C C   . LYS A 1 120 ? -20.214 11.359  7.661   1.00 43.53 ? 108 LYS A C   1 
ATOM   847  O O   . LYS A 1 120 ? -21.203 11.184  6.951   1.00 43.87 ? 108 LYS A O   1 
ATOM   848  C CB  . LYS A 1 120 ? -20.423 13.513  8.934   1.00 45.57 ? 108 LYS A CB  1 
ATOM   849  C CG  . LYS A 1 120 ? -19.261 14.166  8.201   1.00 48.01 ? 108 LYS A CG  1 
ATOM   850  C CD  . LYS A 1 120 ? -19.511 15.652  7.947   1.00 49.69 ? 108 LYS A CD  1 
ATOM   851  C CE  . LYS A 1 120 ? -20.369 15.886  6.707   1.00 50.45 ? 108 LYS A CE  1 
ATOM   852  N NZ  . LYS A 1 120 ? -20.547 17.375  6.464   1.00 49.96 ? 108 LYS A NZ  1 
ATOM   853  N N   . GLU A 1 121 ? -18.984 11.022  7.277   1.00 41.36 ? 109 GLU A N   1 
ATOM   854  C CA  . GLU A 1 121 ? -18.734 10.527  5.927   1.00 41.01 ? 109 GLU A CA  1 
ATOM   855  C C   . GLU A 1 121 ? -17.484 9.651   5.823   1.00 40.66 ? 109 GLU A C   1 
ATOM   856  O O   . GLU A 1 121 ? -17.039 9.321   4.722   1.00 40.01 ? 109 GLU A O   1 
ATOM   857  C CB  . GLU A 1 121 ? -18.663 11.701  4.938   1.00 40.37 ? 109 GLU A CB  1 
ATOM   858  C CG  . GLU A 1 121 ? -17.612 12.762  5.264   1.00 40.63 ? 109 GLU A CG  1 
ATOM   859  C CD  . GLU A 1 121 ? -17.780 14.035  4.439   1.00 41.71 ? 109 GLU A CD  1 
ATOM   860  O OE1 . GLU A 1 121 ? -17.015 14.998  4.665   1.00 40.65 ? 109 GLU A OE1 1 
ATOM   861  O OE2 . GLU A 1 121 ? -18.675 14.081  3.565   1.00 42.91 ? 109 GLU A OE2 1 
ATOM   862  N N   . ASN A 1 122 ? -16.942 9.257   6.975   1.00 39.05 ? 110 ASN A N   1 
ATOM   863  C CA  . ASN A 1 122 ? -15.634 8.597   7.039   1.00 38.06 ? 110 ASN A CA  1 
ATOM   864  C C   . ASN A 1 122 ? -14.575 9.427   6.312   1.00 36.89 ? 110 ASN A C   1 
ATOM   865  O O   . ASN A 1 122 ? -13.736 8.903   5.576   1.00 37.28 ? 110 ASN A O   1 
ATOM   866  C CB  . ASN A 1 122 ? -15.700 7.156   6.508   1.00 38.59 ? 110 ASN A CB  1 
ATOM   867  C CG  . ASN A 1 122 ? -16.557 6.252   7.377   1.00 38.59 ? 110 ASN A CG  1 
ATOM   868  O OD1 . ASN A 1 122 ? -17.377 5.495   6.873   1.00 37.92 ? 110 ASN A OD1 1 
ATOM   869  N ND2 . ASN A 1 122 ? -16.376 6.335   8.687   1.00 40.94 ? 110 ASN A ND2 1 
ATOM   870  N N   . GLY A 1 123 ? -14.622 10.733  6.545   1.00 36.36 ? 111 GLY A N   1 
ATOM   871  C CA  . GLY A 1 123 ? -13.784 11.666  5.813   1.00 35.73 ? 111 GLY A CA  1 
ATOM   872  C C   . GLY A 1 123 ? -12.895 12.535  6.673   1.00 35.05 ? 111 GLY A C   1 
ATOM   873  O O   . GLY A 1 123 ? -13.048 12.601  7.892   1.00 35.03 ? 111 GLY A O   1 
ATOM   874  N N   . ILE A 1 124 ? -11.948 13.186  6.007   1.00 34.75 ? 112 ILE A N   1 
ATOM   875  C CA  . ILE A 1 124 ? -11.038 14.148  6.606   1.00 33.67 ? 112 ILE A CA  1 
ATOM   876  C C   . ILE A 1 124 ? -10.998 15.367  5.678   1.00 34.73 ? 112 ILE A C   1 
ATOM   877  O O   . ILE A 1 124 ? -11.040 15.230  4.451   1.00 34.56 ? 112 ILE A O   1 
ATOM   878  C CB  . ILE A 1 124 ? -9.599  13.568  6.773   1.00 33.98 ? 112 ILE A CB  1 
ATOM   879  C CG1 . ILE A 1 124 ? -9.607  12.164  7.384   1.00 35.94 ? 112 ILE A CG1 1 
ATOM   880  C CG2 . ILE A 1 124 ? -8.746  14.466  7.633   1.00 34.48 ? 112 ILE A CG2 1 
ATOM   881  C CD1 . ILE A 1 124 ? -9.556  11.029  6.354   1.00 37.15 ? 112 ILE A CD1 1 
ATOM   882  N N   . ASP A 1 125 ? -10.934 16.558  6.263   1.00 35.95 ? 113 ASP A N   1 
ATOM   883  C CA  . ASP A 1 125 ? -10.810 17.785  5.483   1.00 35.90 ? 113 ASP A CA  1 
ATOM   884  C C   . ASP A 1 125 ? -9.461  18.427  5.751   1.00 36.95 ? 113 ASP A C   1 
ATOM   885  O O   . ASP A 1 125 ? -9.008  18.468  6.896   1.00 38.72 ? 113 ASP A O   1 
ATOM   886  C CB  . ASP A 1 125 ? -11.947 18.760  5.809   1.00 34.52 ? 113 ASP A CB  1 
ATOM   887  C CG  . ASP A 1 125 ? -13.215 18.460  5.026   1.00 35.16 ? 113 ASP A CG  1 
ATOM   888  O OD1 . ASP A 1 125 ? -14.276 19.052  5.330   1.00 32.73 ? 113 ASP A OD1 1 
ATOM   889  O OD2 . ASP A 1 125 ? -13.149 17.627  4.099   1.00 37.41 ? 113 ASP A OD2 1 
ATOM   890  N N   . ILE A 1 126 ? -8.807  18.898  4.694   1.00 36.11 ? 114 ILE A N   1 
ATOM   891  C CA  . ILE A 1 126 ? -7.586  19.679  4.849   1.00 36.31 ? 114 ILE A CA  1 
ATOM   892  C C   . ILE A 1 126 ? -7.906  21.081  4.348   1.00 37.57 ? 114 ILE A C   1 
ATOM   893  O O   . ILE A 1 126 ? -7.961  21.320  3.141   1.00 37.07 ? 114 ILE A O   1 
ATOM   894  C CB  . ILE A 1 126 ? -6.376  19.063  4.079   1.00 35.36 ? 114 ILE A CB  1 
ATOM   895  C CG1 . ILE A 1 126 ? -6.202  17.569  4.419   1.00 32.11 ? 114 ILE A CG1 1 
ATOM   896  C CG2 . ILE A 1 126 ? -5.093  19.848  4.384   1.00 33.22 ? 114 ILE A CG2 1 
ATOM   897  C CD1 . ILE A 1 126 ? -4.989  16.913  3.749   1.00 26.12 ? 114 ILE A CD1 1 
ATOM   898  N N   . ILE A 1 127 ? -8.148  21.998  5.286   1.00 40.68 ? 115 ILE A N   1 
ATOM   899  C CA  . ILE A 1 127 ? -8.537  23.369  4.943   1.00 42.31 ? 115 ILE A CA  1 
ATOM   900  C C   . ILE A 1 127 ? -7.318  24.191  4.557   1.00 43.87 ? 115 ILE A C   1 
ATOM   901  O O   . ILE A 1 127 ? -6.488  24.527  5.394   1.00 43.00 ? 115 ILE A O   1 
ATOM   902  C CB  . ILE A 1 127 ? -9.335  24.050  6.076   1.00 41.85 ? 115 ILE A CB  1 
ATOM   903  C CG1 . ILE A 1 127 ? -10.519 23.157  6.496   1.00 42.44 ? 115 ILE A CG1 1 
ATOM   904  C CG2 . ILE A 1 127 ? -9.799  25.448  5.629   1.00 40.72 ? 115 ILE A CG2 1 
ATOM   905  C CD1 . ILE A 1 127 ? -11.469 23.821  7.531   1.00 42.97 ? 115 ILE A CD1 1 
ATOM   906  N N   . MET A 1 128 ? -7.215  24.491  3.268   1.00 47.53 ? 116 MET A N   1 
ATOM   907  C CA  . MET A 1 128 ? -6.056  25.189  2.731   1.00 51.00 ? 116 MET A CA  1 
ATOM   908  C C   . MET A 1 128 ? -6.295  26.699  2.685   1.00 52.55 ? 116 MET A C   1 
ATOM   909  O O   . MET A 1 128 ? -6.960  27.252  3.569   1.00 52.22 ? 116 MET A O   1 
ATOM   910  C CB  . MET A 1 128 ? -5.701  24.638  1.345   1.00 51.69 ? 116 MET A CB  1 
ATOM   911  C CG  . MET A 1 128 ? -4.213  24.455  1.125   1.00 52.12 ? 116 MET A CG  1 
ATOM   912  S SD  . MET A 1 128 ? -3.503  23.324  2.337   1.00 53.20 ? 116 MET A SD  1 
ATOM   913  C CE  . MET A 1 128 ? -1.818  23.207  1.737   1.00 50.69 ? 116 MET A CE  1 
ATOM   914  N N   . ALA A 1 129 ? -5.757  27.352  1.650   1.00 54.38 ? 117 ALA A N   1 
ATOM   915  C CA  . ALA A 1 129 ? -5.793  28.812  1.516   1.00 54.81 ? 117 ALA A CA  1 
ATOM   916  C C   . ALA A 1 129 ? -7.219  29.344  1.298   1.00 54.99 ? 117 ALA A C   1 
ATOM   917  O O   . ALA A 1 129 ? -7.782  30.047  2.151   1.00 54.75 ? 117 ALA A O   1 
ATOM   918  C CB  . ALA A 1 129 ? -4.887  29.239  0.365   1.00 53.41 ? 117 ALA A CB  1 
ATOM   919  N N   . ASP A 1 130 ? -7.790  28.970  0.152   1.00 55.32 ? 118 ASP A N   1 
ATOM   920  C CA  . ASP A 1 130 ? -9.116  29.444  -0.243  1.00 55.41 ? 118 ASP A CA  1 
ATOM   921  C C   . ASP A 1 130 ? -10.050 28.252  -0.439  1.00 54.64 ? 118 ASP A C   1 
ATOM   922  O O   . ASP A 1 130 ? -11.246 28.413  -0.705  1.00 54.86 ? 118 ASP A O   1 
ATOM   923  C CB  . ASP A 1 130 ? -8.995  30.230  -1.550  1.00 58.71 ? 118 ASP A CB  1 
ATOM   924  C CG  . ASP A 1 130 ? -7.978  29.609  -2.511  1.00 61.27 ? 118 ASP A CG  1 
ATOM   925  O OD1 . ASP A 1 130 ? -6.926  30.254  -2.763  1.00 62.32 ? 118 ASP A OD1 1 
ATOM   926  O OD2 . ASP A 1 130 ? -8.219  28.475  -2.997  1.00 61.75 ? 118 ASP A OD2 1 
ATOM   927  N N   . ARG A 1 131 ? -9.479  27.057  -0.300  1.00 52.03 ? 119 ARG A N   1 
ATOM   928  C CA  . ARG A 1 131 ? -10.176 25.812  -0.592  1.00 49.23 ? 119 ARG A CA  1 
ATOM   929  C C   . ARG A 1 131 ? -9.850  24.732  0.428   1.00 47.11 ? 119 ARG A C   1 
ATOM   930  O O   . ARG A 1 131 ? -8.861  24.823  1.154   1.00 47.02 ? 119 ARG A O   1 
ATOM   931  C CB  . ARG A 1 131 ? -9.799  25.315  -1.985  1.00 49.91 ? 119 ARG A CB  1 
ATOM   932  C CG  . ARG A 1 131 ? -8.323  24.962  -2.141  1.00 49.52 ? 119 ARG A CG  1 
ATOM   933  C CD  . ARG A 1 131 ? -8.035  24.512  -3.547  1.00 50.10 ? 119 ARG A CD  1 
ATOM   934  N NE  . ARG A 1 131 ? -8.190  25.594  -4.519  1.00 49.18 ? 119 ARG A NE  1 
ATOM   935  C CZ  . ARG A 1 131 ? -8.452  25.415  -5.812  1.00 48.64 ? 119 ARG A CZ  1 
ATOM   936  N NH1 . ARG A 1 131 ? -8.607  24.193  -6.310  1.00 47.94 ? 119 ARG A NH1 1 
ATOM   937  N NH2 . ARG A 1 131 ? -8.568  26.465  -6.610  1.00 49.96 ? 119 ARG A NH2 1 
ATOM   938  N N   . THR A 1 132 ? -10.694 23.706  0.467   1.00 44.19 ? 120 THR A N   1 
ATOM   939  C CA  . THR A 1 132 ? -10.467 22.567  1.344   1.00 42.04 ? 120 THR A CA  1 
ATOM   940  C C   . THR A 1 132 ? -10.386 21.266  0.542   1.00 38.16 ? 120 THR A C   1 
ATOM   941  O O   . THR A 1 132 ? -11.196 21.023  -0.354  1.00 35.20 ? 120 THR A O   1 
ATOM   942  C CB  . THR A 1 132 ? -11.532 22.458  2.475   1.00 41.70 ? 120 THR A CB  1 
ATOM   943  O OG1 . THR A 1 132 ? -12.651 21.690  2.023   1.00 43.70 ? 120 THR A OG1 1 
ATOM   944  C CG2 . THR A 1 132 ? -12.009 23.831  2.930   1.00 42.25 ? 120 THR A CG2 1 
ATOM   945  N N   . PHE A 1 133 ? -9.399  20.439  0.867   1.00 34.83 ? 121 PHE A N   1 
ATOM   946  C CA  . PHE A 1 133 ? -9.267  19.138  0.229   1.00 33.51 ? 121 PHE A CA  1 
ATOM   947  C C   . PHE A 1 133 ? -10.067 18.123  1.024   1.00 32.43 ? 121 PHE A C   1 
ATOM   948  O O   . PHE A 1 133 ? -9.804  17.909  2.208   1.00 32.79 ? 121 PHE A O   1 
ATOM   949  C CB  . PHE A 1 133 ? -7.800  18.714  0.152   1.00 33.51 ? 121 PHE A CB  1 
ATOM   950  C CG  . PHE A 1 133 ? -6.950  19.610  -0.705  1.00 34.81 ? 121 PHE A CG  1 
ATOM   951  C CD1 . PHE A 1 133 ? -6.408  20.786  -0.189  1.00 35.62 ? 121 PHE A CD1 1 
ATOM   952  C CD2 . PHE A 1 133 ? -6.681  19.279  -2.017  1.00 34.72 ? 121 PHE A CD2 1 
ATOM   953  C CE1 . PHE A 1 133 ? -5.621  21.616  -0.975  1.00 34.82 ? 121 PHE A CE1 1 
ATOM   954  C CE2 . PHE A 1 133 ? -5.893  20.107  -2.811  1.00 37.08 ? 121 PHE A CE2 1 
ATOM   955  C CZ  . PHE A 1 133 ? -5.364  21.276  -2.290  1.00 35.45 ? 121 PHE A CZ  1 
ATOM   956  N N   . HIS A 1 134 ? -11.057 17.515  0.376   1.00 31.65 ? 122 HIS A N   1 
ATOM   957  C CA  . HIS A 1 134 ? -11.817 16.429  0.991   1.00 33.34 ? 122 HIS A CA  1 
ATOM   958  C C   . HIS A 1 134 ? -11.163 15.073  0.714   1.00 32.87 ? 122 HIS A C   1 
ATOM   959  O O   . HIS A 1 134 ? -10.922 14.713  -0.433  1.00 33.00 ? 122 HIS A O   1 
ATOM   960  C CB  . HIS A 1 134 ? -13.271 16.429  0.507   1.00 33.20 ? 122 HIS A CB  1 
ATOM   961  C CG  . HIS A 1 134 ? -13.990 17.714  0.765   1.00 35.05 ? 122 HIS A CG  1 
ATOM   962  N ND1 . HIS A 1 134 ? -14.594 18.000  1.971   1.00 35.90 ? 122 HIS A ND1 1 
ATOM   963  C CD2 . HIS A 1 134 ? -14.202 18.791  -0.028  1.00 35.59 ? 122 HIS A CD2 1 
ATOM   964  C CE1 . HIS A 1 134 ? -15.145 19.200  1.911   1.00 35.94 ? 122 HIS A CE1 1 
ATOM   965  N NE2 . HIS A 1 134 ? -14.921 19.701  0.709   1.00 36.89 ? 122 HIS A NE2 1 
ATOM   966  N N   . LEU A 1 135 ? -10.868 14.340  1.783   1.00 32.58 ? 123 LEU A N   1 
ATOM   967  C CA  . LEU A 1 135 ? -10.344 12.982  1.685   1.00 32.16 ? 123 LEU A CA  1 
ATOM   968  C C   . LEU A 1 135 ? -11.354 12.027  2.304   1.00 32.84 ? 123 LEU A C   1 
ATOM   969  O O   . LEU A 1 135 ? -11.597 12.074  3.506   1.00 33.16 ? 123 LEU A O   1 
ATOM   970  C CB  . LEU A 1 135 ? -8.997  12.859  2.408   1.00 31.94 ? 123 LEU A CB  1 
ATOM   971  C CG  . LEU A 1 135 ? -7.823  13.764  2.023   1.00 31.75 ? 123 LEU A CG  1 
ATOM   972  C CD1 . LEU A 1 135 ? -6.602  13.439  2.860   1.00 33.44 ? 123 LEU A CD1 1 
ATOM   973  C CD2 . LEU A 1 135 ? -7.490  13.640  0.553   1.00 35.35 ? 123 LEU A CD2 1 
ATOM   974  N N   . ILE A 1 136 ? -11.958 11.175  1.479   1.00 33.86 ? 124 ILE A N   1 
ATOM   975  C CA  . ILE A 1 136 ? -12.961 10.227  1.962   1.00 34.89 ? 124 ILE A CA  1 
ATOM   976  C C   . ILE A 1 136 ? -12.439 8.799   1.846   1.00 36.45 ? 124 ILE A C   1 
ATOM   977  O O   . ILE A 1 136 ? -11.978 8.382   0.779   1.00 38.23 ? 124 ILE A O   1 
ATOM   978  C CB  . ILE A 1 136 ? -14.342 10.405  1.250   1.00 34.59 ? 124 ILE A CB  1 
ATOM   979  C CG1 . ILE A 1 136 ? -15.120 11.589  1.835   1.00 35.18 ? 124 ILE A CG1 1 
ATOM   980  C CG2 . ILE A 1 136 ? -15.224 9.177   1.424   1.00 29.79 ? 124 ILE A CG2 1 
ATOM   981  C CD1 . ILE A 1 136 ? -14.637 12.958  1.421   1.00 34.50 ? 124 ILE A CD1 1 
ATOM   982  N N   . ALA A 1 137 ? -12.499 8.077   2.965   1.00 37.06 ? 125 ALA A N   1 
ATOM   983  C CA  . ALA A 1 137 ? -12.111 6.673   3.044   1.00 37.42 ? 125 ALA A CA  1 
ATOM   984  C C   . ALA A 1 137 ? -13.346 5.771   3.018   1.00 37.79 ? 125 ALA A C   1 
ATOM   985  O O   . ALA A 1 137 ? -14.463 6.243   2.801   1.00 36.83 ? 125 ALA A O   1 
ATOM   986  C CB  . ALA A 1 137 ? -11.292 6.430   4.308   1.00 37.33 ? 125 ALA A CB  1 
ATOM   987  N N   . GLU A 1 138 ? -13.139 4.475   3.249   1.00 38.49 ? 126 GLU A N   1 
ATOM   988  C CA  . GLU A 1 138 ? -14.229 3.494   3.210   1.00 40.03 ? 126 GLU A CA  1 
ATOM   989  C C   . GLU A 1 138 ? -14.557 2.879   4.572   1.00 37.66 ? 126 GLU A C   1 
ATOM   990  O O   . GLU A 1 138 ? -15.445 2.036   4.679   1.00 40.08 ? 126 GLU A O   1 
ATOM   991  C CB  . GLU A 1 138 ? -13.918 2.387   2.200   1.00 43.58 ? 126 GLU A CB  1 
ATOM   992  C CG  . GLU A 1 138 ? -14.225 2.764   0.763   1.00 49.96 ? 126 GLU A CG  1 
ATOM   993  C CD  . GLU A 1 138 ? -14.148 1.572   -0.167  1.00 53.52 ? 126 GLU A CD  1 
ATOM   994  O OE1 . GLU A 1 138 ? -13.052 0.978   -0.286  1.00 53.92 ? 126 GLU A OE1 1 
ATOM   995  O OE2 . GLU A 1 138 ? -15.186 1.227   -0.777  1.00 55.93 ? 126 GLU A OE2 1 
ATOM   996  N N   . SER A 1 139 ? -13.837 3.301   5.602   1.00 34.16 ? 127 SER A N   1 
ATOM   997  C CA  . SER A 1 139 ? -14.076 2.823   6.954   1.00 33.03 ? 127 SER A CA  1 
ATOM   998  C C   . SER A 1 139 ? -13.706 3.894   7.984   1.00 34.20 ? 127 SER A C   1 
ATOM   999  O O   . SER A 1 139 ? -12.802 4.699   7.740   1.00 33.38 ? 127 SER A O   1 
ATOM   1000 C CB  . SER A 1 139 ? -13.282 1.541   7.206   1.00 32.61 ? 127 SER A CB  1 
ATOM   1001 O OG  . SER A 1 139 ? -11.892 1.769   7.082   1.00 29.32 ? 127 SER A OG  1 
ATOM   1002 N N   . PRO A 1 140 ? -14.404 3.908   9.141   1.00 32.92 ? 128 PRO A N   1 
ATOM   1003 C CA  . PRO A 1 140 ? -14.074 4.838   10.223  1.00 32.24 ? 128 PRO A CA  1 
ATOM   1004 C C   . PRO A 1 140 ? -12.627 4.722   10.720  1.00 31.69 ? 128 PRO A C   1 
ATOM   1005 O O   . PRO A 1 140 ? -12.013 5.742   11.045  1.00 29.79 ? 128 PRO A O   1 
ATOM   1006 C CB  . PRO A 1 140 ? -15.062 4.455   11.335  1.00 33.30 ? 128 PRO A CB  1 
ATOM   1007 C CG  . PRO A 1 140 ? -15.511 3.078   11.001  1.00 32.03 ? 128 PRO A CG  1 
ATOM   1008 C CD  . PRO A 1 140 ? -15.542 3.047   9.503   1.00 32.07 ? 128 PRO A CD  1 
ATOM   1009 N N   . GLU A 1 141 ? -12.092 3.503   10.770  1.00 30.42 ? 129 GLU A N   1 
ATOM   1010 C CA  . GLU A 1 141 ? -10.724 3.281   11.259  1.00 32.56 ? 129 GLU A CA  1 
ATOM   1011 C C   . GLU A 1 141 ? -9.689  3.861   10.308  1.00 32.78 ? 129 GLU A C   1 
ATOM   1012 O O   . GLU A 1 141 ? -8.717  4.492   10.739  1.00 34.11 ? 129 GLU A O   1 
ATOM   1013 C CB  . GLU A 1 141 ? -10.442 1.794   11.541  1.00 33.39 ? 129 GLU A CB  1 
ATOM   1014 C CG  . GLU A 1 141 ? -11.056 0.815   10.548  1.00 37.04 ? 129 GLU A CG  1 
ATOM   1015 C CD  . GLU A 1 141 ? -12.410 0.284   10.991  1.00 36.79 ? 129 GLU A CD  1 
ATOM   1016 O OE1 . GLU A 1 141 ? -13.361 0.310   10.182  1.00 38.82 ? 129 GLU A OE1 1 
ATOM   1017 O OE2 . GLU A 1 141 ? -12.524 -0.170  12.145  1.00 35.52 ? 129 GLU A OE2 1 
ATOM   1018 N N   . ASP A 1 142 ? -9.919  3.664   9.014   1.00 33.16 ? 130 ASP A N   1 
ATOM   1019 C CA  . ASP A 1 142 ? -9.058  4.221   7.984   1.00 32.63 ? 130 ASP A CA  1 
ATOM   1020 C C   . ASP A 1 142 ? -9.054  5.752   8.039   1.00 32.22 ? 130 ASP A C   1 
ATOM   1021 O O   . ASP A 1 142 ? -7.996  6.385   7.942   1.00 32.50 ? 130 ASP A O   1 
ATOM   1022 C CB  . ASP A 1 142 ? -9.503  3.723   6.607   1.00 33.28 ? 130 ASP A CB  1 
ATOM   1023 C CG  . ASP A 1 142 ? -8.417  3.852   5.568   1.00 33.67 ? 130 ASP A CG  1 
ATOM   1024 O OD1 . ASP A 1 142 ? -8.751  4.119   4.387   1.00 34.07 ? 130 ASP A OD1 1 
ATOM   1025 O OD2 . ASP A 1 142 ? -7.229  3.698   5.935   1.00 32.34 ? 130 ASP A OD2 1 
ATOM   1026 N N   . ALA A 1 143 ? -10.238 6.336   8.211   1.00 31.85 ? 131 ALA A N   1 
ATOM   1027 C CA  . ALA A 1 143 ? -10.389 7.784   8.341   1.00 32.35 ? 131 ALA A CA  1 
ATOM   1028 C C   . ALA A 1 143 ? -9.728  8.301   9.610   1.00 33.99 ? 131 ALA A C   1 
ATOM   1029 O O   . ALA A 1 143 ? -9.151  9.393   9.616   1.00 35.51 ? 131 ALA A O   1 
ATOM   1030 C CB  . ALA A 1 143 ? -11.856 8.170   8.323   1.00 31.16 ? 131 ALA A CB  1 
ATOM   1031 N N   . SER A 1 144 ? -9.816  7.513   10.681  1.00 34.72 ? 132 SER A N   1 
ATOM   1032 C CA  . SER A 1 144 ? -9.202  7.873   11.957  1.00 34.44 ? 132 SER A CA  1 
ATOM   1033 C C   . SER A 1 144 ? -7.683  7.858   11.864  1.00 33.02 ? 132 SER A C   1 
ATOM   1034 O O   . SER A 1 144 ? -7.024  8.742   12.411  1.00 34.34 ? 132 SER A O   1 
ATOM   1035 C CB  . SER A 1 144 ? -9.669  6.939   13.069  1.00 34.14 ? 132 SER A CB  1 
ATOM   1036 O OG  . SER A 1 144 ? -11.073 7.009   13.210  1.00 35.12 ? 132 SER A OG  1 
ATOM   1037 N N   . GLN A 1 145 ? -7.138  6.856   11.171  1.00 32.39 ? 133 GLN A N   1 
ATOM   1038 C CA  . GLN A 1 145 ? -5.693  6.737   10.987  1.00 32.48 ? 133 GLN A CA  1 
ATOM   1039 C C   . GLN A 1 145 ? -5.152  7.916   10.176  1.00 32.38 ? 133 GLN A C   1 
ATOM   1040 O O   . GLN A 1 145 ? -4.191  8.557   10.586  1.00 34.10 ? 133 GLN A O   1 
ATOM   1041 C CB  . GLN A 1 145 ? -5.332  5.411   10.315  1.00 33.14 ? 133 GLN A CB  1 
ATOM   1042 C CG  . GLN A 1 145 ? -5.546  4.176   11.183  1.00 35.55 ? 133 GLN A CG  1 
ATOM   1043 C CD  . GLN A 1 145 ? -5.451  2.872   10.403  1.00 37.54 ? 133 GLN A CD  1 
ATOM   1044 O OE1 . GLN A 1 145 ? -5.051  1.851   10.949  1.00 37.11 ? 133 GLN A OE1 1 
ATOM   1045 N NE2 . GLN A 1 145 ? -5.816  2.903   9.120   1.00 40.68 ? 133 GLN A NE2 1 
ATOM   1046 N N   . TRP A 1 146 ? -5.785  8.207   9.041   1.00 30.54 ? 134 TRP A N   1 
ATOM   1047 C CA  . TRP A 1 146 ? -5.405  9.361   8.229   1.00 30.70 ? 134 TRP A CA  1 
ATOM   1048 C C   . TRP A 1 146 ? -5.448  10.660  9.019   1.00 31.00 ? 134 TRP A C   1 
ATOM   1049 O O   . TRP A 1 146 ? -4.462  11.391  9.051   1.00 32.89 ? 134 TRP A O   1 
ATOM   1050 C CB  . TRP A 1 146 ? -6.284  9.488   6.979   1.00 27.33 ? 134 TRP A CB  1 
ATOM   1051 C CG  . TRP A 1 146 ? -5.811  8.674   5.817   1.00 24.79 ? 134 TRP A CG  1 
ATOM   1052 C CD1 . TRP A 1 146 ? -6.468  7.633   5.223   1.00 23.09 ? 134 TRP A CD1 1 
ATOM   1053 C CD2 . TRP A 1 146 ? -4.585  8.838   5.096   1.00 24.67 ? 134 TRP A CD2 1 
ATOM   1054 N NE1 . TRP A 1 146 ? -5.723  7.135   4.181   1.00 22.64 ? 134 TRP A NE1 1 
ATOM   1055 C CE2 . TRP A 1 146 ? -4.565  7.861   4.077   1.00 23.81 ? 134 TRP A CE2 1 
ATOM   1056 C CE3 . TRP A 1 146 ? -3.495  9.716   5.215   1.00 25.04 ? 134 TRP A CE3 1 
ATOM   1057 C CZ2 . TRP A 1 146 ? -3.499  7.730   3.182   1.00 23.21 ? 134 TRP A CZ2 1 
ATOM   1058 C CZ3 . TRP A 1 146 ? -2.437  9.588   4.320   1.00 25.54 ? 134 TRP A CZ3 1 
ATOM   1059 C CH2 . TRP A 1 146 ? -2.449  8.600   3.318   1.00 22.74 ? 134 TRP A CH2 1 
ATOM   1060 N N   . PHE A 1 147 ? -6.586  10.940  9.650   1.00 31.82 ? 135 PHE A N   1 
ATOM   1061 C CA  . PHE A 1 147 ? -6.729  12.133  10.491  1.00 33.01 ? 135 PHE A CA  1 
ATOM   1062 C C   . PHE A 1 147 ? -5.614  12.227  11.530  1.00 31.02 ? 135 PHE A C   1 
ATOM   1063 O O   . PHE A 1 147 ? -5.023  13.285  11.701  1.00 31.95 ? 135 PHE A O   1 
ATOM   1064 C CB  . PHE A 1 147 ? -8.111  12.182  11.165  1.00 34.79 ? 135 PHE A CB  1 
ATOM   1065 C CG  . PHE A 1 147 ? -8.260  13.296  12.163  1.00 35.70 ? 135 PHE A CG  1 
ATOM   1066 C CD1 . PHE A 1 147 ? -8.502  14.602  11.739  1.00 37.26 ? 135 PHE A CD1 1 
ATOM   1067 C CD2 . PHE A 1 147 ? -8.140  13.045  13.528  1.00 33.95 ? 135 PHE A CD2 1 
ATOM   1068 C CE1 . PHE A 1 147 ? -8.632  15.650  12.661  1.00 35.50 ? 135 PHE A CE1 1 
ATOM   1069 C CE2 . PHE A 1 147 ? -8.265  14.082  14.462  1.00 34.50 ? 135 PHE A CE2 1 
ATOM   1070 C CZ  . PHE A 1 147 ? -8.516  15.386  14.025  1.00 34.95 ? 135 PHE A CZ  1 
ATOM   1071 N N   . SER A 1 148 ? -5.333  11.115  12.205  1.00 30.78 ? 136 SER A N   1 
ATOM   1072 C CA  . SER A 1 148 ? -4.289  11.043  13.227  1.00 31.79 ? 136 SER A CA  1 
ATOM   1073 C C   . SER A 1 148 ? -2.902  11.465  12.724  1.00 31.44 ? 136 SER A C   1 
ATOM   1074 O O   . SER A 1 148 ? -2.292  12.369  13.295  1.00 32.27 ? 136 SER A O   1 
ATOM   1075 C CB  . SER A 1 148 ? -4.231  9.633   13.819  1.00 31.39 ? 136 SER A CB  1 
ATOM   1076 O OG  . SER A 1 148 ? -3.305  9.569   14.884  1.00 33.91 ? 136 SER A OG  1 
ATOM   1077 N N   . VAL A 1 149 ? -2.417  10.816  11.663  1.00 31.17 ? 137 VAL A N   1 
ATOM   1078 C CA  . VAL A 1 149 ? -1.104  11.134  11.079  1.00 32.60 ? 137 VAL A CA  1 
ATOM   1079 C C   . VAL A 1 149 ? -1.029  12.547  10.471  1.00 32.99 ? 137 VAL A C   1 
ATOM   1080 O O   . VAL A 1 149 ? 0.014   13.208  10.550  1.00 31.55 ? 137 VAL A O   1 
ATOM   1081 C CB  . VAL A 1 149 ? -0.625  10.074  10.030  1.00 33.13 ? 137 VAL A CB  1 
ATOM   1082 C CG1 . VAL A 1 149 ? -0.240  8.779   10.708  1.00 34.10 ? 137 VAL A CG1 1 
ATOM   1083 C CG2 . VAL A 1 149 ? -1.676  9.816   8.946   1.00 33.56 ? 137 VAL A CG2 1 
ATOM   1084 N N   . LEU A 1 150 ? -2.129  12.992  9.865   1.00 32.87 ? 138 LEU A N   1 
ATOM   1085 C CA  . LEU A 1 150 ? -2.217  14.325  9.259   1.00 33.92 ? 138 LEU A CA  1 
ATOM   1086 C C   . LEU A 1 150 ? -2.224  15.410  10.330  1.00 35.45 ? 138 LEU A C   1 
ATOM   1087 O O   . LEU A 1 150 ? -1.546  16.438  10.204  1.00 35.02 ? 138 LEU A O   1 
ATOM   1088 C CB  . LEU A 1 150 ? -3.471  14.435  8.389   1.00 32.41 ? 138 LEU A CB  1 
ATOM   1089 C CG  . LEU A 1 150 ? -3.448  14.138  6.880   1.00 32.53 ? 138 LEU A CG  1 
ATOM   1090 C CD1 . LEU A 1 150 ? -2.242  13.338  6.422   1.00 31.89 ? 138 LEU A CD1 1 
ATOM   1091 C CD2 . LEU A 1 150 ? -4.754  13.458  6.452   1.00 32.26 ? 138 LEU A CD2 1 
ATOM   1092 N N   . SER A 1 151 ? -2.996  15.166  11.384  1.00 35.80 ? 139 SER A N   1 
ATOM   1093 C CA  . SER A 1 151 ? -3.067  16.071  12.518  1.00 36.89 ? 139 SER A CA  1 
ATOM   1094 C C   . SER A 1 151 ? -1.719  16.193  13.226  1.00 36.60 ? 139 SER A C   1 
ATOM   1095 O O   . SER A 1 151 ? -1.381  17.264  13.737  1.00 38.96 ? 139 SER A O   1 
ATOM   1096 C CB  . SER A 1 151 ? -4.143  15.618  13.506  1.00 36.12 ? 139 SER A CB  1 
ATOM   1097 O OG  . SER A 1 151 ? -4.355  16.618  14.489  1.00 39.10 ? 139 SER A OG  1 
ATOM   1098 N N   . GLN A 1 152 ? -0.956  15.103  13.251  1.00 35.03 ? 140 GLN A N   1 
ATOM   1099 C CA  . GLN A 1 152 ? 0.332   15.096  13.930  1.00 36.20 ? 140 GLN A CA  1 
ATOM   1100 C C   . GLN A 1 152 ? 1.413   15.815  13.133  1.00 37.93 ? 140 GLN A C   1 
ATOM   1101 O O   . GLN A 1 152 ? 2.125   16.648  13.695  1.00 39.08 ? 140 GLN A O   1 
ATOM   1102 C CB  . GLN A 1 152 ? 0.779   13.674  14.294  1.00 37.00 ? 140 GLN A CB  1 
ATOM   1103 C CG  . GLN A 1 152 ? 2.110   13.639  15.043  1.00 38.78 ? 140 GLN A CG  1 
ATOM   1104 C CD  . GLN A 1 152 ? 2.393   12.313  15.729  1.00 41.41 ? 140 GLN A CD  1 
ATOM   1105 O OE1 . GLN A 1 152 ? 2.135   11.242  15.183  1.00 40.49 ? 140 GLN A OE1 1 
ATOM   1106 N NE2 . GLN A 1 152 ? 2.947   12.384  16.937  1.00 45.89 ? 140 GLN A NE2 1 
ATOM   1107 N N   . VAL A 1 153 ? 1.539   15.498  11.838  1.00 38.68 ? 141 VAL A N   1 
ATOM   1108 C CA  . VAL A 1 153 ? 2.569   16.125  10.996  1.00 39.39 ? 141 VAL A CA  1 
ATOM   1109 C C   . VAL A 1 153 ? 2.337   17.630  10.880  1.00 39.23 ? 141 VAL A C   1 
ATOM   1110 O O   . VAL A 1 153 ? 3.290   18.404  10.856  1.00 39.55 ? 141 VAL A O   1 
ATOM   1111 C CB  . VAL A 1 153 ? 2.754   15.456  9.584   1.00 40.21 ? 141 VAL A CB  1 
ATOM   1112 C CG1 . VAL A 1 153 ? 3.063   13.966  9.711   1.00 40.45 ? 141 VAL A CG1 1 
ATOM   1113 C CG2 . VAL A 1 153 ? 1.549   15.665  8.689   1.00 41.50 ? 141 VAL A CG2 1 
ATOM   1114 N N   . HIS A 1 154 ? 1.064   18.026  10.854  1.00 39.51 ? 142 HIS A N   1 
ATOM   1115 C CA  . HIS A 1 154 ? 0.655   19.430  10.807  1.00 41.89 ? 142 HIS A CA  1 
ATOM   1116 C C   . HIS A 1 154 ? 1.226   20.293  11.938  1.00 44.26 ? 142 HIS A C   1 
ATOM   1117 O O   . HIS A 1 154 ? 1.575   21.458  11.720  1.00 45.82 ? 142 HIS A O   1 
ATOM   1118 C CB  . HIS A 1 154 ? -0.868  19.528  10.822  1.00 39.89 ? 142 HIS A CB  1 
ATOM   1119 C CG  . HIS A 1 154 ? -1.380  20.925  10.678  1.00 39.44 ? 142 HIS A CG  1 
ATOM   1120 N ND1 . HIS A 1 154 ? -1.879  21.647  11.741  1.00 39.86 ? 142 HIS A ND1 1 
ATOM   1121 C CD2 . HIS A 1 154 ? -1.461  21.739  9.599   1.00 39.50 ? 142 HIS A CD2 1 
ATOM   1122 C CE1 . HIS A 1 154 ? -2.248  22.843  11.322  1.00 39.71 ? 142 HIS A CE1 1 
ATOM   1123 N NE2 . HIS A 1 154 ? -2.004  22.926  10.026  1.00 40.44 ? 142 HIS A NE2 1 
ATOM   1124 N N   . SER A 1 155 ? 1.302   19.721  13.140  1.00 46.31 ? 143 SER A N   1 
ATOM   1125 C CA  . SER A 1 155 ? 1.809   20.426  14.312  1.00 46.07 ? 143 SER A CA  1 
ATOM   1126 C C   . SER A 1 155 ? 3.034   19.697  14.851  1.00 47.00 ? 143 SER A C   1 
ATOM   1127 O O   . SER A 1 155 ? 3.023   19.164  15.961  1.00 48.13 ? 143 SER A O   1 
ATOM   1128 C CB  . SER A 1 155 ? 0.716   20.537  15.381  1.00 46.55 ? 143 SER A CB  1 
ATOM   1129 O OG  . SER A 1 155 ? 0.203   19.256  15.725  1.00 45.13 ? 143 SER A OG  1 
ATOM   1130 N N   . SER A 1 156 ? 4.088   19.663  14.042  1.00 47.24 ? 144 SER A N   1 
ATOM   1131 C CA  . SER A 1 156 ? 5.305   18.938  14.390  1.00 48.13 ? 144 SER A CA  1 
ATOM   1132 C C   . SER A 1 156 ? 6.509   19.552  13.693  1.00 48.76 ? 144 SER A C   1 
ATOM   1133 O O   . SER A 1 156 ? 6.445   19.885  12.509  1.00 47.45 ? 144 SER A O   1 
ATOM   1134 C CB  . SER A 1 156 ? 5.164   17.461  14.005  1.00 49.11 ? 144 SER A CB  1 
ATOM   1135 O OG  . SER A 1 156 ? 6.299   16.711  14.391  1.00 49.28 ? 144 SER A OG  1 
ATOM   1136 N N   . THR A 1 157 ? 7.605   19.699  14.430  1.00 50.18 ? 145 THR A N   1 
ATOM   1137 C CA  . THR A 1 157 ? 8.844   20.237  13.865  1.00 52.65 ? 145 THR A CA  1 
ATOM   1138 C C   . THR A 1 157 ? 9.433   19.243  12.869  1.00 54.11 ? 145 THR A C   1 
ATOM   1139 O O   . THR A 1 157 ? 8.979   18.101  12.793  1.00 54.47 ? 145 THR A O   1 
ATOM   1140 C CB  . THR A 1 157 ? 9.889   20.557  14.957  1.00 52.46 ? 145 THR A CB  1 
ATOM   1141 O OG1 . THR A 1 157 ? 10.240  19.357  15.656  1.00 51.81 ? 145 THR A OG1 1 
ATOM   1142 C CG2 . THR A 1 157 ? 9.347   21.596  15.946  1.00 53.02 ? 145 THR A CG2 1 
ATOM   1143 N N   . ASP A 1 158 ? 10.431  19.685  12.101  1.00 56.43 ? 146 ASP A N   1 
ATOM   1144 C CA  . ASP A 1 158 ? 11.116  18.821  11.136  1.00 59.45 ? 146 ASP A CA  1 
ATOM   1145 C C   . ASP A 1 158 ? 11.703  17.601  11.833  1.00 60.67 ? 146 ASP A C   1 
ATOM   1146 O O   . ASP A 1 158 ? 11.569  16.470  11.348  1.00 61.01 ? 146 ASP A O   1 
ATOM   1147 C CB  . ASP A 1 158 ? 12.228  19.589  10.415  1.00 60.26 ? 146 ASP A CB  1 
ATOM   1148 C CG  . ASP A 1 158 ? 11.693  20.767  9.613   1.00 62.53 ? 146 ASP A CG  1 
ATOM   1149 O OD1 . ASP A 1 158 ? 11.082  20.537  8.542   1.00 61.26 ? 146 ASP A OD1 1 
ATOM   1150 O OD2 . ASP A 1 158 ? 11.895  21.920  10.045  1.00 65.08 ? 146 ASP A OD2 1 
ATOM   1151 N N   . GLN A 1 159 ? 12.336  17.854  12.979  1.00 61.21 ? 147 GLN A N   1 
ATOM   1152 C CA  . GLN A 1 159 ? 12.931  16.817  13.812  1.00 62.37 ? 147 GLN A CA  1 
ATOM   1153 C C   . GLN A 1 159 ? 11.882  15.810  14.290  1.00 61.38 ? 147 GLN A C   1 
ATOM   1154 O O   . GLN A 1 159 ? 12.095  14.593  14.205  1.00 61.28 ? 147 GLN A O   1 
ATOM   1155 C CB  . GLN A 1 159 ? 13.662  17.456  15.003  1.00 64.29 ? 147 GLN A CB  1 
ATOM   1156 C CG  . GLN A 1 159 ? 14.406  16.468  15.901  1.00 68.39 ? 147 GLN A CG  1 
ATOM   1157 C CD  . GLN A 1 159 ? 15.520  15.730  15.169  1.00 71.18 ? 147 GLN A CD  1 
ATOM   1158 O OE1 . GLN A 1 159 ? 15.348  14.583  14.745  1.00 72.16 ? 147 GLN A OE1 1 
ATOM   1159 N NE2 . GLN A 1 159 ? 16.663  16.393  15.010  1.00 72.14 ? 147 GLN A NE2 1 
ATOM   1160 N N   . GLU A 1 160 ? 10.752  16.328  14.778  1.00 60.35 ? 148 GLU A N   1 
ATOM   1161 C CA  . GLU A 1 160 ? 9.669   15.490  15.295  1.00 59.94 ? 148 GLU A CA  1 
ATOM   1162 C C   . GLU A 1 160 ? 8.954   14.683  14.201  1.00 59.86 ? 148 GLU A C   1 
ATOM   1163 O O   . GLU A 1 160 ? 8.267   13.699  14.498  1.00 60.35 ? 148 GLU A O   1 
ATOM   1164 C CB  . GLU A 1 160 ? 8.671   16.338  16.090  1.00 59.02 ? 148 GLU A CB  1 
ATOM   1165 C CG  . GLU A 1 160 ? 9.166   16.771  17.463  1.00 58.74 ? 148 GLU A CG  1 
ATOM   1166 C CD  . GLU A 1 160 ? 8.331   17.884  18.085  1.00 59.35 ? 148 GLU A CD  1 
ATOM   1167 O OE1 . GLU A 1 160 ? 7.252   18.221  17.539  1.00 57.91 ? 148 GLU A OE1 1 
ATOM   1168 O OE2 . GLU A 1 160 ? 8.761   18.424  19.134  1.00 59.68 ? 148 GLU A OE2 1 
ATOM   1169 N N   . ILE A 1 161 ? 9.128   15.105  12.945  1.00 59.14 ? 149 ILE A N   1 
ATOM   1170 C CA  . ILE A 1 161 ? 8.606   14.381  11.780  1.00 58.88 ? 149 ILE A CA  1 
ATOM   1171 C C   . ILE A 1 161 ? 9.577   13.277  11.355  1.00 60.10 ? 149 ILE A C   1 
ATOM   1172 O O   . ILE A 1 161 ? 9.174   12.128  11.158  1.00 59.91 ? 149 ILE A O   1 
ATOM   1173 C CB  . ILE A 1 161 ? 8.292   15.341  10.591  1.00 58.14 ? 149 ILE A CB  1 
ATOM   1174 C CG1 . ILE A 1 161 ? 6.900   15.960  10.764  1.00 56.81 ? 149 ILE A CG1 1 
ATOM   1175 C CG2 . ILE A 1 161 ? 8.371   14.612  9.248   1.00 57.53 ? 149 ILE A CG2 1 
ATOM   1176 C CD1 . ILE A 1 161 ? 6.542   16.988  9.699   1.00 56.44 ? 149 ILE A CD1 1 
ATOM   1177 N N   . ARG A 1 162 ? 10.851  13.578  11.334  1.00 61.22 ? 150 ARG A N   1 
ATOM   1178 C CA  . ARG A 1 162 ? 11.855  12.637  10.917  1.00 62.28 ? 150 ARG A CA  1 
ATOM   1179 C C   . ARG A 1 162 ? 11.964  11.546  11.939  1.00 61.29 ? 150 ARG A C   1 
ATOM   1180 O O   . ARG A 1 162 ? 12.701  10.617  11.799  1.00 61.06 ? 150 ARG A O   1 
ATOM   1181 C CB  . ARG A 1 162 ? 13.191  13.326  10.739  1.00 64.84 ? 150 ARG A CB  1 
ATOM   1182 C CG  . ARG A 1 162 ? 13.124  14.534  9.868   1.00 68.36 ? 150 ARG A CG  1 
ATOM   1183 C CD  . ARG A 1 162 ? 14.489  15.004  9.378   1.00 71.59 ? 150 ARG A CD  1 
ATOM   1184 N NE  . ARG A 1 162 ? 14.320  16.044  8.362   1.00 75.14 ? 150 ARG A NE  1 
ATOM   1185 C CZ  . ARG A 1 162 ? 15.250  16.918  7.992   1.00 75.78 ? 150 ARG A CZ  1 
ATOM   1186 N NH1 . ARG A 1 162 ? 16.442  16.888  8.552   1.00 75.97 ? 150 ARG A NH1 1 
ATOM   1187 N NH2 . ARG A 1 162 ? 14.971  17.828  7.064   1.00 76.03 ? 150 ARG A NH2 1 
ATOM   1188 N N   . GLU A 1 163 ? 11.267  11.722  13.020  1.00 60.81 ? 151 GLU A N   1 
ATOM   1189 C CA  . GLU A 1 163 ? 11.248  10.770  14.122  1.00 61.65 ? 151 GLU A CA  1 
ATOM   1190 C C   . GLU A 1 163 ? 10.052  9.815   14.009  1.00 59.58 ? 151 GLU A C   1 
ATOM   1191 O O   . GLU A 1 163 ? 9.998   8.787   14.697  1.00 59.47 ? 151 GLU A O   1 
ATOM   1192 C CB  . GLU A 1 163 ? 11.204  11.526  15.457  1.00 64.70 ? 151 GLU A CB  1 
ATOM   1193 C CG  . GLU A 1 163 ? 11.451  10.647  16.696  1.00 68.72 ? 151 GLU A CG  1 
ATOM   1194 C CD  . GLU A 1 163 ? 11.547  11.447  17.990  1.00 71.66 ? 151 GLU A CD  1 
ATOM   1195 O OE1 . GLU A 1 163 ? 11.418  12.694  17.947  1.00 71.47 ? 151 GLU A OE1 1 
ATOM   1196 O OE2 . GLU A 1 163 ? 11.756  10.822  19.057  1.00 73.40 ? 151 GLU A OE2 1 
ATOM   1197 N N   . MET A 1 164 ? 9.103   10.159  13.138  1.00 57.01 ? 152 MET A N   1 
ATOM   1198 C CA  . MET A 1 164 ? 7.875   9.380   12.977  1.00 55.10 ? 152 MET A CA  1 
ATOM   1199 C C   . MET A 1 164 ? 8.100   8.055   12.254  1.00 54.57 ? 152 MET A C   1 
ATOM   1200 O O   . MET A 1 164 ? 8.887   7.975   11.307  1.00 53.86 ? 152 MET A O   1 
ATOM   1201 C CB  . MET A 1 164 ? 6.807   10.196  12.251  1.00 53.57 ? 152 MET A CB  1 
ATOM   1202 C CG  . MET A 1 164 ? 6.186   11.288  13.094  1.00 51.42 ? 152 MET A CG  1 
ATOM   1203 S SD  . MET A 1 164 ? 4.893   12.161  12.198  1.00 50.43 ? 152 MET A SD  1 
ATOM   1204 C CE  . MET A 1 164 ? 3.571   10.946  12.219  1.00 49.85 ? 152 MET A CE  1 
ATOM   1205 N N   . HIS A 1 165 ? 7.384   7.028   12.711  1.00 54.23 ? 153 HIS A N   1 
ATOM   1206 C CA  . HIS A 1 165 ? 7.504   5.671   12.178  1.00 54.01 ? 153 HIS A CA  1 
ATOM   1207 C C   . HIS A 1 165 ? 6.647   5.462   10.931  1.00 52.22 ? 153 HIS A C   1 
ATOM   1208 O O   . HIS A 1 165 ? 5.534   5.986   10.839  1.00 52.00 ? 153 HIS A O   1 
ATOM   1209 C CB  . HIS A 1 165 ? 7.096   4.649   13.242  1.00 55.39 ? 153 HIS A CB  1 
ATOM   1210 C CG  . HIS A 1 165 ? 7.762   4.857   14.570  1.00 57.99 ? 153 HIS A CG  1 
ATOM   1211 N ND1 . HIS A 1 165 ? 7.375   5.849   15.452  1.00 59.48 ? 153 HIS A ND1 1 
ATOM   1212 C CD2 . HIS A 1 165 ? 8.781   4.193   15.172  1.00 58.90 ? 153 HIS A CD2 1 
ATOM   1213 C CE1 . HIS A 1 165 ? 8.133   5.792   16.535  1.00 60.28 ? 153 HIS A CE1 1 
ATOM   1214 N NE2 . HIS A 1 165 ? 8.993   4.795   16.391  1.00 60.15 ? 153 HIS A NE2 1 
ATOM   1215 N N   . ASP A 1 166 ? 7.131   4.670   9.985   1.00 50.94 ? 154 ASP A N   1 
ATOM   1216 C CA  . ASP A 1 166 ? 6.363   4.278   8.807   1.00 49.05 ? 154 ASP A CA  1 
ATOM   1217 C C   . ASP A 1 166 ? 5.356   3.266   9.198   1.00 47.57 ? 154 ASP A C   1 
ATOM   1218 O O   . ASP A 1 166 ? 5.682   2.359   9.871   1.00 48.53 ? 154 ASP A O   1 
ATOM   1219 C CB  . ASP A 1 166 ? 7.249   3.620   7.795   1.00 48.32 ? 154 ASP A CB  1 
ATOM   1220 C CG  . ASP A 1 166 ? 7.945   4.583   6.934   1.00 49.33 ? 154 ASP A CG  1 
ATOM   1221 O OD1 . ASP A 1 166 ? 7.858   5.776   7.158   1.00 49.10 ? 154 ASP A OD1 1 
ATOM   1222 O OD2 . ASP A 1 166 ? 8.586   4.139   6.012   1.00 48.45 ? 154 ASP A OD2 1 
ATOM   1223 N N   . GLU A 1 167 ? 4.143   3.362   8.715   1.00 46.07 ? 155 GLU A N   1 
ATOM   1224 C CA  . GLU A 1 167 ? 3.123   2.462   9.142   1.00 44.43 ? 155 GLU A CA  1 
ATOM   1225 C C   . GLU A 1 167 ? 3.582   1.131   8.706   1.00 45.50 ? 155 GLU A C   1 
ATOM   1226 O O   . GLU A 1 167 ? 4.427   1.020   7.850   1.00 45.09 ? 155 GLU A O   1 
ATOM   1227 C CB  . GLU A 1 167 ? 1.824   2.754   8.430   1.00 43.34 ? 155 GLU A CB  1 
ATOM   1228 C CG  . GLU A 1 167 ? 1.928   2.597   6.980   1.00 42.69 ? 155 GLU A CG  1 
ATOM   1229 C CD  . GLU A 1 167 ? 0.636   2.533   6.294   1.00 43.33 ? 155 GLU A CD  1 
ATOM   1230 O OE1 . GLU A 1 167 ? -0.364  2.830   6.878   1.00 44.05 ? 155 GLU A OE1 1 
ATOM   1231 O OE2 . GLU A 1 167 ? 0.599   2.177   5.144   1.00 44.28 ? 155 GLU A OE2 1 
ATOM   1232 N N   . GLN A 1 168 ? 3.074   0.108   9.355   1.00 45.83 ? 156 GLN A N   1 
ATOM   1233 C CA  . GLN A 1 168 ? 3.367   -1.245  8.967   1.00 46.05 ? 156 GLN A CA  1 
ATOM   1234 C C   . GLN A 1 168 ? 2.606   -1.499  7.708   1.00 45.02 ? 156 GLN A C   1 
ATOM   1235 O O   . GLN A 1 168 ? 1.720   -0.789  7.405   1.00 45.93 ? 156 GLN A O   1 
ATOM   1236 C CB  . GLN A 1 168 ? 2.941   -2.202  10.058  1.00 48.48 ? 156 GLN A CB  1 
ATOM   1237 C CG  . GLN A 1 168 ? 4.042   -3.125  10.518  1.00 51.70 ? 156 GLN A CG  1 
ATOM   1238 C CD  . GLN A 1 168 ? 5.099   -2.430  11.293  1.00 52.71 ? 156 GLN A CD  1 
ATOM   1239 O OE1 . GLN A 1 168 ? 6.239   -2.415  10.915  1.00 53.70 ? 156 GLN A OE1 1 
ATOM   1240 N NE2 . GLN A 1 168 ? 4.720   -1.842  12.382  1.00 53.93 ? 156 GLN A NE2 1 
ATOM   1241 N N   . ALA A 1 169 ? 2.979   -2.493  6.946   1.00 43.34 ? 157 ALA A N   1 
ATOM   1242 C CA  . ALA A 1 169 ? 2.304   -2.762  5.681   1.00 41.01 ? 157 ALA A CA  1 
ATOM   1243 C C   . ALA A 1 169 ? 0.827   -3.066  5.939   1.00 40.53 ? 157 ALA A C   1 
ATOM   1244 O O   . ALA A 1 169 ? 0.494   -3.896  6.794   1.00 39.81 ? 157 ALA A O   1 
ATOM   1245 C CB  . ALA A 1 169 ? 2.975   -3.909  4.957   1.00 39.99 ? 157 ALA A CB  1 
ATOM   1246 N N   . ASN A 1 170 ? -0.053  -2.368  5.225   1.00 39.98 ? 158 ASN A N   1 
ATOM   1247 C CA  . ASN A 1 170 ? -1.491  -2.549  5.405   1.00 38.66 ? 158 ASN A CA  1 
ATOM   1248 C C   . ASN A 1 170 ? -2.043  -3.624  4.476   1.00 37.98 ? 158 ASN A C   1 
ATOM   1249 O O   . ASN A 1 170 ? -1.919  -3.513  3.251   1.00 35.87 ? 158 ASN A O   1 
ATOM   1250 C CB  . ASN A 1 170 ? -2.250  -1.229  5.211   1.00 38.39 ? 158 ASN A CB  1 
ATOM   1251 C CG  . ASN A 1 170 ? -3.671  -1.263  5.785   1.00 40.07 ? 158 ASN A CG  1 
ATOM   1252 O OD1 . ASN A 1 170 ? -4.350  -2.293  5.771   1.00 37.86 ? 158 ASN A OD1 1 
ATOM   1253 N ND2 . ASN A 1 170 ? -4.127  -0.118  6.280   1.00 41.23 ? 158 ASN A ND2 1 
ATOM   1254 N N   . PRO A 1 171 ? -2.651  -4.674  5.065   1.00 38.96 ? 159 PRO A N   1 
ATOM   1255 C CA  . PRO A 1 171 ? -3.365  -5.733  4.342   1.00 38.81 ? 159 PRO A CA  1 
ATOM   1256 C C   . PRO A 1 171 ? -4.440  -5.214  3.387   1.00 38.98 ? 159 PRO A C   1 
ATOM   1257 O O   . PRO A 1 171 ? -4.758  -5.890  2.405   1.00 40.08 ? 159 PRO A O   1 
ATOM   1258 C CB  . PRO A 1 171 ? -4.020  -6.545  5.466   1.00 38.41 ? 159 PRO A CB  1 
ATOM   1259 C CG  . PRO A 1 171 ? -3.126  -6.335  6.643   1.00 38.48 ? 159 PRO A CG  1 
ATOM   1260 C CD  . PRO A 1 171 ? -2.655  -4.910  6.524   1.00 39.08 ? 159 PRO A CD  1 
ATOM   1261 N N   . GLN A 1 172 ? -4.994  -4.036  3.665   1.00 39.51 ? 160 GLN A N   1 
ATOM   1262 C CA  . GLN A 1 172 ? -6.016  -3.455  2.790   1.00 41.61 ? 160 GLN A CA  1 
ATOM   1263 C C   . GLN A 1 172 ? -5.434  -2.948  1.465   1.00 40.83 ? 160 GLN A C   1 
ATOM   1264 O O   . GLN A 1 172 ? -6.155  -2.835  0.475   1.00 41.81 ? 160 GLN A O   1 
ATOM   1265 C CB  . GLN A 1 172 ? -6.794  -2.334  3.501   1.00 45.14 ? 160 GLN A CB  1 
ATOM   1266 C CG  . GLN A 1 172 ? -7.588  -2.769  4.744   1.00 50.68 ? 160 GLN A CG  1 
ATOM   1267 C CD  . GLN A 1 172 ? -8.777  -3.667  4.419   1.00 54.39 ? 160 GLN A CD  1 
ATOM   1268 O OE1 . GLN A 1 172 ? -8.630  -4.885  4.249   1.00 55.82 ? 160 GLN A OE1 1 
ATOM   1269 N NE2 . GLN A 1 172 ? -9.966  -3.072  4.349   1.00 54.92 ? 160 GLN A NE2 1 
ATOM   1270 N N   . ASN A 1 173 ? -4.137  -2.644  1.455   1.00 39.51 ? 161 ASN A N   1 
ATOM   1271 C CA  . ASN A 1 173 ? -3.453  -2.151  0.258   1.00 36.89 ? 161 ASN A CA  1 
ATOM   1272 C C   . ASN A 1 173 ? -2.890  -3.269  -0.625  1.00 36.80 ? 161 ASN A C   1 
ATOM   1273 O O   . ASN A 1 173 ? -2.536  -3.041  -1.782  1.00 37.00 ? 161 ASN A O   1 
ATOM   1274 C CB  . ASN A 1 173 ? -2.334  -1.178  0.645   1.00 34.37 ? 161 ASN A CB  1 
ATOM   1275 C CG  . ASN A 1 173 ? -2.845  0.032   1.408   1.00 33.00 ? 161 ASN A CG  1 
ATOM   1276 O OD1 . ASN A 1 173 ? -3.970  0.488   1.199   1.00 32.26 ? 161 ASN A OD1 1 
ATOM   1277 N ND2 . ASN A 1 173 ? -2.014  0.560   2.301   1.00 31.35 ? 161 ASN A ND2 1 
ATOM   1278 N N   . ALA A 1 174 ? -2.796  -4.471  -0.066  1.00 37.04 ? 162 ALA A N   1 
ATOM   1279 C CA  . ALA A 1 174 ? -2.222  -5.602  -0.777  1.00 37.51 ? 162 ALA A CA  1 
ATOM   1280 C C   . ALA A 1 174 ? -3.083  -6.018  -1.962  1.00 37.83 ? 162 ALA A C   1 
ATOM   1281 O O   . ALA A 1 174 ? -4.312  -5.995  -1.876  1.00 39.12 ? 162 ALA A O   1 
ATOM   1282 C CB  . ALA A 1 174 ? -2.015  -6.773  0.175   1.00 37.46 ? 162 ALA A CB  1 
ATOM   1283 N N   . VAL A 1 175 ? -2.428  -6.391  -3.063  1.00 37.07 ? 163 VAL A N   1 
ATOM   1284 C CA  . VAL A 1 175 ? -3.104  -6.931  -4.243  1.00 36.28 ? 163 VAL A CA  1 
ATOM   1285 C C   . VAL A 1 175 ? -3.767  -8.255  -3.875  1.00 37.22 ? 163 VAL A C   1 
ATOM   1286 O O   . VAL A 1 175 ? -4.853  -8.575  -4.362  1.00 37.19 ? 163 VAL A O   1 
ATOM   1287 C CB  . VAL A 1 175 ? -2.116  -7.163  -5.413  1.00 35.95 ? 163 VAL A CB  1 
ATOM   1288 C CG1 . VAL A 1 175 ? -2.847  -7.645  -6.660  1.00 33.93 ? 163 VAL A CG1 1 
ATOM   1289 C CG2 . VAL A 1 175 ? -1.344  -5.894  -5.717  1.00 37.51 ? 163 VAL A CG2 1 
ATOM   1290 N N   . GLY A 1 176 ? -3.096  -9.009  -3.007  1.00 37.36 ? 164 GLY A N   1 
ATOM   1291 C CA  . GLY A 1 176 ? -3.596  -10.284 -2.505  1.00 39.10 ? 164 GLY A CA  1 
ATOM   1292 C C   . GLY A 1 176 ? -2.804  -10.717 -1.288  1.00 40.53 ? 164 GLY A C   1 
ATOM   1293 O O   . GLY A 1 176 ? -1.658  -10.313 -1.108  1.00 41.01 ? 164 GLY A O   1 
ATOM   1294 N N   . THR A 1 177 ? -3.421  -11.537 -0.446  1.00 41.43 ? 165 THR A N   1 
ATOM   1295 C CA  . THR A 1 177 ? -2.799  -11.990 0.796   1.00 41.97 ? 165 THR A CA  1 
ATOM   1296 C C   . THR A 1 177 ? -2.897  -13.510 0.892   1.00 41.87 ? 165 THR A C   1 
ATOM   1297 O O   . THR A 1 177 ? -3.667  -14.133 0.156   1.00 41.42 ? 165 THR A O   1 
ATOM   1298 C CB  . THR A 1 177 ? -3.487  -11.371 2.032   1.00 43.58 ? 165 THR A CB  1 
ATOM   1299 O OG1 . THR A 1 177 ? -4.835  -11.849 2.114   1.00 45.42 ? 165 THR A OG1 1 
ATOM   1300 C CG2 . THR A 1 177 ? -3.506  -9.840  1.948   1.00 43.90 ? 165 THR A CG2 1 
ATOM   1301 N N   . LEU A 1 178 ? -2.123  -14.098 1.807   1.00 41.45 ? 166 LEU A N   1 
ATOM   1302 C CA  . LEU A 1 178 ? -2.112  -15.550 1.981   1.00 40.76 ? 166 LEU A CA  1 
ATOM   1303 C C   . LEU A 1 178 ? -1.657  -15.938 3.379   1.00 41.49 ? 166 LEU A C   1 
ATOM   1304 O O   . LEU A 1 178 ? -0.577  -15.549 3.817   1.00 40.78 ? 166 LEU A O   1 
ATOM   1305 C CB  . LEU A 1 178 ? -1.194  -16.200 0.942   1.00 41.36 ? 166 LEU A CB  1 
ATOM   1306 C CG  . LEU A 1 178 ? -1.153  -17.728 0.861   1.00 42.32 ? 166 LEU A CG  1 
ATOM   1307 C CD1 . LEU A 1 178 ? -2.456  -18.286 0.303   1.00 43.63 ? 166 LEU A CD1 1 
ATOM   1308 C CD2 . LEU A 1 178 ? 0.016   -18.176 0.006   1.00 40.04 ? 166 LEU A CD2 1 
ATOM   1309 N N   . ASP A 1 179 ? -2.498  -16.704 4.079   1.00 43.07 ? 167 ASP A N   1 
ATOM   1310 C CA  . ASP A 1 179 ? -2.095  -17.285 5.358   1.00 44.12 ? 167 ASP A CA  1 
ATOM   1311 C C   . ASP A 1 179 ? -1.176  -18.454 5.019   1.00 43.98 ? 167 ASP A C   1 
ATOM   1312 O O   . ASP A 1 179 ? -1.530  -19.322 4.212   1.00 42.25 ? 167 ASP A O   1 
ATOM   1313 C CB  . ASP A 1 179 ? -3.325  -17.758 6.155   1.00 46.47 ? 167 ASP A CB  1 
ATOM   1314 C CG  . ASP A 1 179 ? -2.999  -18.100 7.616   1.00 49.49 ? 167 ASP A CG  1 
ATOM   1315 O OD1 . ASP A 1 179 ? -1.974  -18.768 7.880   1.00 50.21 ? 167 ASP A OD1 1 
ATOM   1316 O OD2 . ASP A 1 179 ? -3.785  -17.712 8.510   1.00 50.29 ? 167 ASP A OD2 1 
ATOM   1317 N N   . VAL A 1 180 ? 0.013   -18.452 5.618   1.00 44.98 ? 168 VAL A N   1 
ATOM   1318 C CA  . VAL A 1 180 ? 1.014   -19.504 5.408   1.00 45.88 ? 168 VAL A CA  1 
ATOM   1319 C C   . VAL A 1 180 ? 0.445   -20.871 5.805   1.00 45.61 ? 168 VAL A C   1 
ATOM   1320 O O   . VAL A 1 180 ? 0.796   -21.898 5.219   1.00 45.11 ? 168 VAL A O   1 
ATOM   1321 C CB  . VAL A 1 180 ? 2.317   -19.210 6.195   1.00 47.00 ? 168 VAL A CB  1 
ATOM   1322 C CG1 . VAL A 1 180 ? 3.413   -20.197 5.827   1.00 49.77 ? 168 VAL A CG1 1 
ATOM   1323 C CG2 . VAL A 1 180 ? 2.795   -17.811 5.906   1.00 48.04 ? 168 VAL A CG2 1 
ATOM   1324 N N   . GLY A 1 181 ? -0.451  -20.865 6.789   1.00 45.46 ? 169 GLY A N   1 
ATOM   1325 C CA  . GLY A 1 181 ? -1.151  -22.067 7.231   1.00 44.67 ? 169 GLY A CA  1 
ATOM   1326 C C   . GLY A 1 181 ? -1.940  -22.768 6.148   1.00 43.68 ? 169 GLY A C   1 
ATOM   1327 O O   . GLY A 1 181 ? -2.232  -23.951 6.263   1.00 44.96 ? 169 GLY A O   1 
ATOM   1328 N N   . LEU A 1 182 ? -2.286  -22.034 5.094   1.00 42.49 ? 170 LEU A N   1 
ATOM   1329 C CA  . LEU A 1 182 ? -3.032  -22.594 3.967   1.00 40.24 ? 170 LEU A CA  1 
ATOM   1330 C C   . LEU A 1 182 ? -2.118  -23.171 2.876   1.00 38.84 ? 170 LEU A C   1 
ATOM   1331 O O   . LEU A 1 182 ? -2.595  -23.793 1.925   1.00 38.77 ? 170 LEU A O   1 
ATOM   1332 C CB  . LEU A 1 182 ? -3.981  -21.537 3.387   1.00 40.20 ? 170 LEU A CB  1 
ATOM   1333 C CG  . LEU A 1 182 ? -5.381  -21.364 3.996   1.00 39.60 ? 170 LEU A CG  1 
ATOM   1334 C CD1 . LEU A 1 182 ? -5.390  -21.286 5.528   1.00 38.50 ? 170 LEU A CD1 1 
ATOM   1335 C CD2 . LEU A 1 182 ? -6.048  -20.136 3.392   1.00 39.42 ? 170 LEU A CD2 1 
ATOM   1336 N N   . ILE A 1 183 ? -0.809  -22.976 3.026   1.00 37.06 ? 171 ILE A N   1 
ATOM   1337 C CA  . ILE A 1 183 ? 0.158   -23.454 2.040   1.00 36.36 ? 171 ILE A CA  1 
ATOM   1338 C C   . ILE A 1 183 ? 0.367   -24.960 2.157   1.00 36.51 ? 171 ILE A C   1 
ATOM   1339 O O   . ILE A 1 183 ? 0.792   -25.463 3.195   1.00 35.54 ? 171 ILE A O   1 
ATOM   1340 C CB  . ILE A 1 183 ? 1.516   -22.701 2.119   1.00 35.14 ? 171 ILE A CB  1 
ATOM   1341 C CG1 . ILE A 1 183 ? 1.332   -21.234 1.713   1.00 33.60 ? 171 ILE A CG1 1 
ATOM   1342 C CG2 . ILE A 1 183 ? 2.558   -23.381 1.229   1.00 33.99 ? 171 ILE A CG2 1 
ATOM   1343 C CD1 . ILE A 1 183 ? 2.524   -20.358 1.981   1.00 33.78 ? 171 ILE A CD1 1 
ATOM   1344 N N   . ASP A 1 184 ? 0.050   -25.665 1.076   1.00 36.25 ? 172 ASP A N   1 
ATOM   1345 C CA  . ASP A 1 184 ? 0.188   -27.111 1.013   1.00 36.43 ? 172 ASP A CA  1 
ATOM   1346 C C   . ASP A 1 184 ? 1.560   -27.498 0.462   1.00 36.78 ? 172 ASP A C   1 
ATOM   1347 O O   . ASP A 1 184 ? 2.098   -28.546 0.808   1.00 36.88 ? 172 ASP A O   1 
ATOM   1348 C CB  . ASP A 1 184 ? -0.923  -27.713 0.145   1.00 37.50 ? 172 ASP A CB  1 
ATOM   1349 C CG  . ASP A 1 184 ? -2.339  -27.342 0.631   1.00 39.61 ? 172 ASP A CG  1 
ATOM   1350 O OD1 . ASP A 1 184 ? -3.308  -27.545 -0.140  1.00 39.58 ? 172 ASP A OD1 1 
ATOM   1351 O OD2 . ASP A 1 184 ? -2.491  -26.848 1.774   1.00 40.13 ? 172 ASP A OD2 1 
ATOM   1352 N N   . SER A 1 185 ? 2.128   -26.648 -0.391  1.00 35.91 ? 173 SER A N   1 
ATOM   1353 C CA  . SER A 1 185 ? 3.393   -26.966 -1.046  1.00 35.99 ? 173 SER A CA  1 
ATOM   1354 C C   . SER A 1 185 ? 4.144   -25.731 -1.561  1.00 34.22 ? 173 SER A C   1 
ATOM   1355 O O   . SER A 1 185 ? 3.554   -24.838 -2.157  1.00 33.89 ? 173 SER A O   1 
ATOM   1356 C CB  . SER A 1 185 ? 3.161   -27.970 -2.185  1.00 37.02 ? 173 SER A CB  1 
ATOM   1357 O OG  . SER A 1 185 ? 4.394   -28.370 -2.769  1.00 40.31 ? 173 SER A OG  1 
ATOM   1358 N N   . VAL A 1 186 ? 5.451   -25.694 -1.312  1.00 33.42 ? 174 VAL A N   1 
ATOM   1359 C CA  . VAL A 1 186 ? 6.324   -24.656 -1.858  1.00 33.31 ? 174 VAL A CA  1 
ATOM   1360 C C   . VAL A 1 186 ? 7.487   -25.360 -2.525  1.00 33.00 ? 174 VAL A C   1 
ATOM   1361 O O   . VAL A 1 186 ? 8.322   -25.959 -1.845  1.00 32.51 ? 174 VAL A O   1 
ATOM   1362 C CB  . VAL A 1 186 ? 6.877   -23.711 -0.769  1.00 35.96 ? 174 VAL A CB  1 
ATOM   1363 C CG1 . VAL A 1 186 ? 7.663   -22.568 -1.403  1.00 36.22 ? 174 VAL A CG1 1 
ATOM   1364 C CG2 . VAL A 1 186 ? 5.761   -23.151 0.082   1.00 37.98 ? 174 VAL A CG2 1 
ATOM   1365 N N   . CYS A 1 187 ? 7.537   -25.296 -3.854  1.00 33.23 ? 175 CYS A N   1 
ATOM   1366 C CA  . CYS A 1 187 ? 8.551   -26.016 -4.621  1.00 34.22 ? 175 CYS A CA  1 
ATOM   1367 C C   . CYS A 1 187 ? 9.192   -25.148 -5.687  1.00 34.77 ? 175 CYS A C   1 
ATOM   1368 O O   . CYS A 1 187 ? 8.563   -24.231 -6.208  1.00 35.64 ? 175 CYS A O   1 
ATOM   1369 C CB  . CYS A 1 187 ? 7.940   -27.242 -5.293  1.00 33.60 ? 175 CYS A CB  1 
ATOM   1370 S SG  . CYS A 1 187 ? 6.979   -28.268 -4.204  1.00 35.53 ? 175 CYS A SG  1 
ATOM   1371 N N   . ALA A 1 188 ? 10.441  -25.464 -6.016  1.00 35.54 ? 176 ALA A N   1 
ATOM   1372 C CA  . ALA A 1 188 ? 11.170  -24.770 -7.060  1.00 35.45 ? 176 ALA A CA  1 
ATOM   1373 C C   . ALA A 1 188 ? 10.659  -25.193 -8.424  1.00 39.00 ? 176 ALA A C   1 
ATOM   1374 O O   . ALA A 1 188 ? 10.591  -26.389 -8.740  1.00 40.09 ? 176 ALA A O   1 
ATOM   1375 C CB  . ALA A 1 188 ? 12.661  -25.045 -6.944  1.00 34.68 ? 176 ALA A CB  1 
ATOM   1376 N N   . SER A 1 189 ? 10.292  -24.199 -9.223  1.00 41.36 ? 177 SER A N   1 
ATOM   1377 C CA  . SER A 1 189 ? 9.836   -24.421 -10.579 1.00 43.41 ? 177 SER A CA  1 
ATOM   1378 C C   . SER A 1 189 ? 11.057  -24.457 -11.488 1.00 44.85 ? 177 SER A C   1 
ATOM   1379 O O   . SER A 1 189 ? 11.652  -23.407 -11.788 1.00 47.40 ? 177 SER A O   1 
ATOM   1380 C CB  . SER A 1 189 ? 8.880   -23.301 -10.993 1.00 43.69 ? 177 SER A CB  1 
ATOM   1381 O OG  . SER A 1 189 ? 8.345   -23.540 -12.278 1.00 45.45 ? 177 SER A OG  1 
ATOM   1382 N N   . ASP A 1 190 ? 11.434  -25.665 -11.913 1.00 44.00 ? 178 ASP A N   1 
ATOM   1383 C CA  . ASP A 1 190 ? 12.635  -25.870 -12.734 1.00 44.68 ? 178 ASP A CA  1 
ATOM   1384 C C   . ASP A 1 190 ? 12.448  -25.355 -14.166 1.00 45.56 ? 178 ASP A C   1 
ATOM   1385 O O   . ASP A 1 190 ? 12.549  -26.127 -15.124 1.00 45.91 ? 178 ASP A O   1 
ATOM   1386 C CB  . ASP A 1 190 ? 13.024  -27.358 -12.771 1.00 44.19 ? 178 ASP A CB  1 
ATOM   1387 C CG  . ASP A 1 190 ? 13.167  -27.975 -11.382 1.00 44.00 ? 178 ASP A CG  1 
ATOM   1388 O OD1 . ASP A 1 190 ? 12.549  -29.040 -11.146 1.00 43.38 ? 178 ASP A OD1 1 
ATOM   1389 O OD2 . ASP A 1 190 ? 13.895  -27.408 -10.534 1.00 41.46 ? 178 ASP A OD2 1 
ATOM   1390 N N   . SER A 1 191 ? 12.177  -24.057 -14.312 1.00 46.61 ? 179 SER A N   1 
ATOM   1391 C CA  . SER A 1 191 ? 11.897  -23.482 -15.632 1.00 47.70 ? 179 SER A CA  1 
ATOM   1392 C C   . SER A 1 191 ? 13.155  -22.884 -16.271 1.00 48.34 ? 179 SER A C   1 
ATOM   1393 O O   . SER A 1 191 ? 13.920  -22.180 -15.601 1.00 47.44 ? 179 SER A O   1 
ATOM   1394 C CB  . SER A 1 191 ? 10.755  -22.459 -15.563 1.00 46.74 ? 179 SER A CB  1 
ATOM   1395 O OG  . SER A 1 191 ? 11.258  -21.152 -15.280 1.00 48.61 ? 179 SER A OG  1 
ATOM   1396 N N   . PRO A 1 192 ? 13.375  -23.181 -17.568 1.00 49.68 ? 180 PRO A N   1 
ATOM   1397 C CA  . PRO A 1 192 ? 14.563  -22.763 -18.323 1.00 51.21 ? 180 PRO A CA  1 
ATOM   1398 C C   . PRO A 1 192 ? 14.749  -21.245 -18.406 1.00 52.16 ? 180 PRO A C   1 
ATOM   1399 O O   . PRO A 1 192 ? 15.876  -20.754 -18.300 1.00 52.43 ? 180 PRO A O   1 
ATOM   1400 C CB  . PRO A 1 192 ? 14.304  -23.334 -19.724 1.00 50.91 ? 180 PRO A CB  1 
ATOM   1401 C CG  . PRO A 1 192 ? 13.339  -24.443 -19.512 1.00 50.75 ? 180 PRO A CG  1 
ATOM   1402 C CD  . PRO A 1 192 ? 12.458  -23.983 -18.402 1.00 49.64 ? 180 PRO A CD  1 
ATOM   1403 N N   . ASP A 1 193 ? 13.648  -20.522 -18.603 1.00 52.89 ? 181 ASP A N   1 
ATOM   1404 C CA  . ASP A 1 193 ? 13.679  -19.063 -18.752 1.00 54.13 ? 181 ASP A CA  1 
ATOM   1405 C C   . ASP A 1 193 ? 13.583  -18.314 -17.420 1.00 52.82 ? 181 ASP A C   1 
ATOM   1406 O O   . ASP A 1 193 ? 13.907  -17.128 -17.346 1.00 53.33 ? 181 ASP A O   1 
ATOM   1407 C CB  . ASP A 1 193 ? 12.594  -18.587 -19.731 1.00 56.09 ? 181 ASP A CB  1 
ATOM   1408 C CG  . ASP A 1 193 ? 11.353  -19.470 -19.715 1.00 58.97 ? 181 ASP A CG  1 
ATOM   1409 O OD1 . ASP A 1 193 ? 10.285  -18.989 -19.269 1.00 58.92 ? 181 ASP A OD1 1 
ATOM   1410 O OD2 . ASP A 1 193 ? 11.448  -20.648 -20.146 1.00 60.11 ? 181 ASP A OD2 1 
ATOM   1411 N N   . ARG A 1 194 ? 13.141  -19.007 -16.374 1.00 51.15 ? 182 ARG A N   1 
ATOM   1412 C CA  . ARG A 1 194 ? 13.126  -18.442 -15.026 1.00 49.65 ? 182 ARG A CA  1 
ATOM   1413 C C   . ARG A 1 194 ? 13.761  -19.399 -14.006 1.00 47.59 ? 182 ARG A C   1 
ATOM   1414 O O   . ARG A 1 194 ? 13.052  -20.147 -13.326 1.00 45.93 ? 182 ARG A O   1 
ATOM   1415 C CB  . ARG A 1 194 ? 11.703  -18.054 -14.607 1.00 50.66 ? 182 ARG A CB  1 
ATOM   1416 C CG  . ARG A 1 194 ? 11.329  -16.619 -14.905 1.00 50.61 ? 182 ARG A CG  1 
ATOM   1417 C CD  . ARG A 1 194 ? 10.288  -16.508 -16.002 1.00 51.57 ? 182 ARG A CD  1 
ATOM   1418 N NE  . ARG A 1 194 ? 9.682   -15.176 -15.992 1.00 52.37 ? 182 ARG A NE  1 
ATOM   1419 C CZ  . ARG A 1 194 ? 8.805   -14.728 -16.888 1.00 51.71 ? 182 ARG A CZ  1 
ATOM   1420 N NH1 . ARG A 1 194 ? 8.327   -13.499 -16.784 1.00 52.05 ? 182 ARG A NH1 1 
ATOM   1421 N NH2 . ARG A 1 194 ? 8.407   -15.499 -17.889 1.00 53.59 ? 182 ARG A NH2 1 
ATOM   1422 N N   . PRO A 1 195 ? 15.106  -19.378 -13.901 1.00 46.21 ? 183 PRO A N   1 
ATOM   1423 C CA  . PRO A 1 195 ? 15.872  -20.278 -13.021 1.00 45.20 ? 183 PRO A CA  1 
ATOM   1424 C C   . PRO A 1 195 ? 15.621  -20.058 -11.527 1.00 44.24 ? 183 PRO A C   1 
ATOM   1425 O O   . PRO A 1 195 ? 15.847  -20.972 -10.731 1.00 44.83 ? 183 PRO A O   1 
ATOM   1426 C CB  . PRO A 1 195 ? 17.334  -19.942 -13.354 1.00 44.97 ? 183 PRO A CB  1 
ATOM   1427 C CG  . PRO A 1 195 ? 17.281  -19.220 -14.660 1.00 45.23 ? 183 PRO A CG  1 
ATOM   1428 C CD  . PRO A 1 195 ? 15.996  -18.472 -14.647 1.00 46.08 ? 183 PRO A CD  1 
ATOM   1429 N N   . ASN A 1 196 ? 15.179  -18.856 -11.154 1.00 42.43 ? 184 ASN A N   1 
ATOM   1430 C CA  . ASN A 1 196 ? 14.863  -18.541 -9.763  1.00 40.76 ? 184 ASN A CA  1 
ATOM   1431 C C   . ASN A 1 196 ? 13.356  -18.526 -9.488  1.00 38.60 ? 184 ASN A C   1 
ATOM   1432 O O   . ASN A 1 196 ? 12.903  -17.888 -8.537  1.00 39.23 ? 184 ASN A O   1 
ATOM   1433 C CB  . ASN A 1 196 ? 15.472  -17.194 -9.356  1.00 42.63 ? 184 ASN A CB  1 
ATOM   1434 C CG  . ASN A 1 196 ? 16.921  -17.049 -9.777  1.00 44.40 ? 184 ASN A CG  1 
ATOM   1435 O OD1 . ASN A 1 196 ? 17.787  -17.818 -9.361  1.00 47.18 ? 184 ASN A OD1 1 
ATOM   1436 N ND2 . ASN A 1 196 ? 17.193  -16.041 -10.597 1.00 44.85 ? 184 ASN A ND2 1 
ATOM   1437 N N   . SER A 1 197 ? 12.586  -19.222 -10.321 1.00 35.66 ? 185 SER A N   1 
ATOM   1438 C CA  . SER A 1 197 ? 11.130  -19.271 -10.165 1.00 34.64 ? 185 SER A CA  1 
ATOM   1439 C C   . SER A 1 197 ? 10.677  -20.452 -9.324  1.00 33.16 ? 185 SER A C   1 
ATOM   1440 O O   . SER A 1 197 ? 11.256  -21.533 -9.391  1.00 33.84 ? 185 SER A O   1 
ATOM   1441 C CB  . SER A 1 197 ? 10.427  -19.300 -11.521 1.00 33.79 ? 185 SER A CB  1 
ATOM   1442 O OG  . SER A 1 197 ? 10.701  -20.501 -12.214 1.00 34.39 ? 185 SER A OG  1 
ATOM   1443 N N   . PHE A 1 198 ? 9.631   -20.230 -8.537  1.00 32.10 ? 186 PHE A N   1 
ATOM   1444 C CA  . PHE A 1 198 ? 9.094   -21.239 -7.628  1.00 30.77 ? 186 PHE A CA  1 
ATOM   1445 C C   . PHE A 1 198 ? 7.581   -21.115 -7.532  1.00 30.77 ? 186 PHE A C   1 
ATOM   1446 O O   . PHE A 1 198 ? 7.030   -20.033 -7.741  1.00 29.04 ? 186 PHE A O   1 
ATOM   1447 C CB  . PHE A 1 198 ? 9.745   -21.134 -6.234  1.00 29.04 ? 186 PHE A CB  1 
ATOM   1448 C CG  . PHE A 1 198 ? 9.550   -19.801 -5.547  1.00 25.70 ? 186 PHE A CG  1 
ATOM   1449 C CD1 . PHE A 1 198 ? 8.541   -19.633 -4.605  1.00 26.29 ? 186 PHE A CD1 1 
ATOM   1450 C CD2 . PHE A 1 198 ? 10.396  -18.728 -5.818  1.00 27.05 ? 186 PHE A CD2 1 
ATOM   1451 C CE1 . PHE A 1 198 ? 8.362   -18.413 -3.956  1.00 25.61 ? 186 PHE A CE1 1 
ATOM   1452 C CE2 . PHE A 1 198 ? 10.230  -17.493 -5.174  1.00 27.59 ? 186 PHE A CE2 1 
ATOM   1453 C CZ  . PHE A 1 198 ? 9.213   -17.336 -4.244  1.00 25.43 ? 186 PHE A CZ  1 
ATOM   1454 N N   . VAL A 1 199 ? 6.917   -22.225 -7.211  1.00 30.98 ? 187 VAL A N   1 
ATOM   1455 C CA  . VAL A 1 199 ? 5.452   -22.266 -7.150  1.00 31.04 ? 187 VAL A CA  1 
ATOM   1456 C C   . VAL A 1 199 ? 4.925   -22.408 -5.726  1.00 31.36 ? 187 VAL A C   1 
ATOM   1457 O O   . VAL A 1 199 ? 5.438   -23.208 -4.935  1.00 31.49 ? 187 VAL A O   1 
ATOM   1458 C CB  . VAL A 1 199 ? 4.867   -23.401 -8.019  1.00 32.43 ? 187 VAL A CB  1 
ATOM   1459 C CG1 . VAL A 1 199 ? 5.177   -23.161 -9.481  1.00 33.62 ? 187 VAL A CG1 1 
ATOM   1460 C CG2 . VAL A 1 199 ? 5.404   -24.769 -7.581  1.00 34.17 ? 187 VAL A CG2 1 
ATOM   1461 N N   . ILE A 1 200 ? 3.904   -21.616 -5.409  1.00 32.69 ? 188 ILE A N   1 
ATOM   1462 C CA  . ILE A 1 200 ? 3.204   -21.715 -4.129  1.00 32.32 ? 188 ILE A CA  1 
ATOM   1463 C C   . ILE A 1 200 ? 1.831   -22.333 -4.404  1.00 33.44 ? 188 ILE A C   1 
ATOM   1464 O O   . ILE A 1 200 ? 1.075   -21.824 -5.242  1.00 31.74 ? 188 ILE A O   1 
ATOM   1465 C CB  . ILE A 1 200 ? 3.070   -20.332 -3.434  1.00 31.92 ? 188 ILE A CB  1 
ATOM   1466 C CG1 . ILE A 1 200 ? 4.453   -19.701 -3.219  1.00 32.41 ? 188 ILE A CG1 1 
ATOM   1467 C CG2 . ILE A 1 200 ? 2.314   -20.456 -2.102  1.00 30.36 ? 188 ILE A CG2 1 
ATOM   1468 C CD1 . ILE A 1 200 ? 4.422   -18.221 -2.815  1.00 34.74 ? 188 ILE A CD1 1 
ATOM   1469 N N   . ILE A 1 201 ? 1.528   -23.432 -3.710  1.00 35.24 ? 189 ILE A N   1 
ATOM   1470 C CA  . ILE A 1 201 ? 0.322   -24.227 -3.970  1.00 37.37 ? 189 ILE A CA  1 
ATOM   1471 C C   . ILE A 1 201 ? -0.566  -24.344 -2.730  1.00 37.77 ? 189 ILE A C   1 
ATOM   1472 O O   . ILE A 1 201 ? -0.111  -24.782 -1.673  1.00 40.50 ? 189 ILE A O   1 
ATOM   1473 C CB  . ILE A 1 201 ? 0.675   -25.647 -4.501  1.00 38.21 ? 189 ILE A CB  1 
ATOM   1474 C CG1 . ILE A 1 201 ? 1.479   -25.547 -5.802  1.00 39.62 ? 189 ILE A CG1 1 
ATOM   1475 C CG2 . ILE A 1 201 ? -0.594  -26.486 -4.741  1.00 39.71 ? 189 ILE A CG2 1 
ATOM   1476 C CD1 . ILE A 1 201 ? 2.333   -26.780 -6.080  1.00 41.50 ? 189 ILE A CD1 1 
ATOM   1477 N N   . THR A 1 202 ? -1.827  -23.937 -2.876  1.00 38.95 ? 190 THR A N   1 
ATOM   1478 C CA  . THR A 1 202 ? -2.857  -24.098 -1.839  1.00 41.34 ? 190 THR A CA  1 
ATOM   1479 C C   . THR A 1 202 ? -4.037  -24.916 -2.385  1.00 43.68 ? 190 THR A C   1 
ATOM   1480 O O   . THR A 1 202 ? -4.056  -25.277 -3.568  1.00 43.39 ? 190 THR A O   1 
ATOM   1481 C CB  . THR A 1 202 ? -3.395  -22.738 -1.323  1.00 40.54 ? 190 THR A CB  1 
ATOM   1482 O OG1 . THR A 1 202 ? -4.134  -22.088 -2.364  1.00 36.65 ? 190 THR A OG1 1 
ATOM   1483 C CG2 . THR A 1 202 ? -2.261  -21.830 -0.854  1.00 38.91 ? 190 THR A CG2 1 
ATOM   1484 N N   . ALA A 1 203 ? -5.022  -25.186 -1.531  1.00 44.51 ? 191 ALA A N   1 
ATOM   1485 C CA  . ALA A 1 203 ? -6.150  -26.042 -1.903  1.00 46.52 ? 191 ALA A CA  1 
ATOM   1486 C C   . ALA A 1 203 ? -7.007  -25.494 -3.050  1.00 47.94 ? 191 ALA A C   1 
ATOM   1487 O O   . ALA A 1 203 ? -7.446  -26.257 -3.908  1.00 48.50 ? 191 ALA A O   1 
ATOM   1488 C CB  . ALA A 1 203 ? -7.006  -26.351 -0.693  1.00 46.57 ? 191 ALA A CB  1 
ATOM   1489 N N   . ASN A 1 204 ? -7.246  -24.203 -3.073  1.00 49.75 ? 192 ASN A N   1 
ATOM   1490 C CA  . ASN A 1 204 ? -7.975  -23.591 -4.156  1.00 50.65 ? 192 ASN A CA  1 
ATOM   1491 C C   . ASN A 1 204 ? -7.190  -22.607 -4.966  1.00 50.85 ? 192 ASN A C   1 
ATOM   1492 O O   . ASN A 1 204 ? -7.774  -21.827 -5.661  1.00 51.70 ? 192 ASN A O   1 
ATOM   1493 C CB  . ASN A 1 204 ? -9.277  -22.954 -3.672  1.00 52.21 ? 192 ASN A CB  1 
ATOM   1494 C CG  . ASN A 1 204 ? -9.104  -22.142 -2.415  1.00 54.47 ? 192 ASN A CG  1 
ATOM   1495 O OD1 . ASN A 1 204 ? -8.222  -21.315 -2.316  1.00 55.66 ? 192 ASN A OD1 1 
ATOM   1496 N ND2 . ASN A 1 204 ? -9.971  -22.366 -1.457  1.00 55.26 ? 192 ASN A ND2 1 
ATOM   1497 N N   . ARG A 1 205 ? -5.877  -22.592 -4.843  1.00 50.99 ? 193 ARG A N   1 
ATOM   1498 C CA  . ARG A 1 205 ? -5.098  -21.598 -5.548  1.00 50.50 ? 193 ARG A CA  1 
ATOM   1499 C C   . ARG A 1 205 ? -3.707  -22.036 -5.878  1.00 48.86 ? 193 ARG A C   1 
ATOM   1500 O O   . ARG A 1 205 ? -3.118  -22.725 -5.123  1.00 49.26 ? 193 ARG A O   1 
ATOM   1501 C CB  . ARG A 1 205 ? -4.987  -20.381 -4.648  1.00 51.33 ? 193 ARG A CB  1 
ATOM   1502 C CG  . ARG A 1 205 ? -5.130  -19.096 -5.336  1.00 53.37 ? 193 ARG A CG  1 
ATOM   1503 C CD  . ARG A 1 205 ? -4.732  -17.952 -4.456  1.00 54.90 ? 193 ARG A CD  1 
ATOM   1504 N NE  . ARG A 1 205 ? -5.247  -18.023 -3.100  1.00 55.23 ? 193 ARG A NE  1 
ATOM   1505 C CZ  . ARG A 1 205 ? -5.287  -16.982 -2.290  1.00 55.78 ? 193 ARG A CZ  1 
ATOM   1506 N NH1 . ARG A 1 205 ? -4.855  -15.824 -2.709  1.00 55.42 ? 193 ARG A NH1 1 
ATOM   1507 N NH2 . ARG A 1 205 ? -5.757  -17.093 -1.076  1.00 55.63 ? 193 ARG A NH2 1 
ATOM   1508 N N   . VAL A 1 206 ? -3.172  -21.597 -6.997  1.00 47.49 ? 194 VAL A N   1 
ATOM   1509 C CA  . VAL A 1 206 ? -1.762  -21.770 -7.303  1.00 45.31 ? 194 VAL A CA  1 
ATOM   1510 C C   . VAL A 1 206 ? -1.111  -20.478 -7.836  1.00 42.73 ? 194 VAL A C   1 
ATOM   1511 O O   . VAL A 1 206 ? -1.621  -19.866 -8.713  1.00 41.39 ? 194 VAL A O   1 
ATOM   1512 C CB  . VAL A 1 206 ? -1.502  -23.005 -8.191  1.00 46.17 ? 194 VAL A CB  1 
ATOM   1513 C CG1 . VAL A 1 206 ? -2.265  -22.929 -9.417  1.00 47.60 ? 194 VAL A CG1 1 
ATOM   1514 C CG2 . VAL A 1 206 ? -0.054  -23.163 -8.501  1.00 46.97 ? 194 VAL A CG2 1 
ATOM   1515 N N   . LEU A 1 207 ? 0.014   -20.067 -7.288  1.00 41.42 ? 195 LEU A N   1 
ATOM   1516 C CA  . LEU A 1 207 ? 0.689   -18.890 -7.770  1.00 39.95 ? 195 LEU A CA  1 
ATOM   1517 C C   . LEU A 1 207 ? 2.176   -19.012 -7.991  1.00 38.15 ? 195 LEU A C   1 
ATOM   1518 O O   . LEU A 1 207 ? 2.880   -19.508 -7.190  1.00 38.17 ? 195 LEU A O   1 
ATOM   1519 C CB  . LEU A 1 207 ? 0.359   -17.710 -6.883  1.00 41.41 ? 195 LEU A CB  1 
ATOM   1520 C CG  . LEU A 1 207 ? 0.702   -17.691 -5.430  1.00 41.69 ? 195 LEU A CG  1 
ATOM   1521 C CD1 . LEU A 1 207 ? 1.948   -16.987 -5.381  1.00 42.72 ? 195 LEU A CD1 1 
ATOM   1522 C CD2 . LEU A 1 207 ? -0.345  -16.935 -4.706  1.00 42.01 ? 195 LEU A CD2 1 
ATOM   1523 N N   . HIS A 1 208 ? 2.639   -18.518 -9.111  1.00 36.53 ? 196 HIS A N   1 
ATOM   1524 C CA  . HIS A 1 208 ? 4.043   -18.606 -9.491  1.00 35.31 ? 196 HIS A CA  1 
ATOM   1525 C C   . HIS A 1 208 ? 4.802   -17.365 -9.039  1.00 34.60 ? 196 HIS A C   1 
ATOM   1526 O O   . HIS A 1 208 ? 4.239   -16.276 -8.973  1.00 33.68 ? 196 HIS A O   1 
ATOM   1527 C CB  . HIS A 1 208 ? 4.165   -18.763 -11.007 1.00 37.28 ? 196 HIS A CB  1 
ATOM   1528 C CG  . HIS A 1 208 ? 3.424   -19.945 -11.550 1.00 37.82 ? 196 HIS A CG  1 
ATOM   1529 N ND1 . HIS A 1 208 ? 2.049   -19.975 -11.660 1.00 37.89 ? 196 HIS A ND1 1 
ATOM   1530 C CD2 . HIS A 1 208 ? 3.865   -21.140 -12.002 1.00 38.43 ? 196 HIS A CD2 1 
ATOM   1531 C CE1 . HIS A 1 208 ? 1.676   -21.139 -12.159 1.00 39.45 ? 196 HIS A CE1 1 
ATOM   1532 N NE2 . HIS A 1 208 ? 2.759   -21.866 -12.375 1.00 39.52 ? 196 HIS A NE2 1 
ATOM   1533 N N   . CYS A 1 209 ? 6.079   -17.538 -8.729  1.00 34.09 ? 197 CYS A N   1 
ATOM   1534 C CA  . CYS A 1 209 ? 6.912   -16.444 -8.252  1.00 34.69 ? 197 CYS A CA  1 
ATOM   1535 C C   . CYS A 1 209 ? 8.306   -16.551 -8.831  1.00 36.05 ? 197 CYS A C   1 
ATOM   1536 O O   . CYS A 1 209 ? 8.766   -17.641 -9.162  1.00 36.29 ? 197 CYS A O   1 
ATOM   1537 C CB  . CYS A 1 209 ? 6.993   -16.458 -6.725  1.00 33.00 ? 197 CYS A CB  1 
ATOM   1538 S SG  . CYS A 1 209 ? 5.404   -16.316 -5.904  1.00 32.62 ? 197 CYS A SG  1 
ATOM   1539 N N   . ASN A 1 210 ? 8.980   -15.413 -8.935  1.00 37.70 ? 198 ASN A N   1 
ATOM   1540 C CA  . ASN A 1 210 ? 10.339  -15.372 -9.443  1.00 39.55 ? 198 ASN A CA  1 
ATOM   1541 C C   . ASN A 1 210 ? 11.176  -14.366 -8.662  1.00 41.03 ? 198 ASN A C   1 
ATOM   1542 O O   . ASN A 1 210 ? 10.708  -13.270 -8.346  1.00 41.62 ? 198 ASN A O   1 
ATOM   1543 C CB  . ASN A 1 210 ? 10.330  -15.032 -10.936 1.00 39.62 ? 198 ASN A CB  1 
ATOM   1544 C CG  . ASN A 1 210 ? 11.700  -15.137 -11.577 1.00 39.16 ? 198 ASN A CG  1 
ATOM   1545 O OD1 . ASN A 1 210 ? 12.478  -16.043 -11.279 1.00 40.70 ? 198 ASN A OD1 1 
ATOM   1546 N ND2 . ASN A 1 210 ? 11.991  -14.218 -12.481 1.00 37.85 ? 198 ASN A ND2 1 
ATOM   1547 N N   . ALA A 1 211 ? 12.410  -14.752 -8.344  1.00 41.97 ? 199 ALA A N   1 
ATOM   1548 C CA  . ALA A 1 211 ? 13.328  -13.882 -7.613  1.00 44.19 ? 199 ALA A CA  1 
ATOM   1549 C C   . ALA A 1 211 ? 14.458  -13.368 -8.513  1.00 46.74 ? 199 ALA A C   1 
ATOM   1550 O O   . ALA A 1 211 ? 14.740  -13.945 -9.569  1.00 46.85 ? 199 ALA A O   1 
ATOM   1551 C CB  . ALA A 1 211 ? 13.884  -14.603 -6.395  1.00 43.29 ? 199 ALA A CB  1 
ATOM   1552 N N   . ASP A 1 212 ? 15.090  -12.273 -8.092  1.00 48.91 ? 200 ASP A N   1 
ATOM   1553 C CA  . ASP A 1 212 ? 16.198  -11.681 -8.842  1.00 51.16 ? 200 ASP A CA  1 
ATOM   1554 C C   . ASP A 1 212 ? 17.466  -12.532 -8.719  1.00 51.48 ? 200 ASP A C   1 
ATOM   1555 O O   . ASP A 1 212 ? 18.276  -12.591 -9.645  1.00 52.69 ? 200 ASP A O   1 
ATOM   1556 C CB  . ASP A 1 212 ? 16.477  -10.249 -8.365  1.00 52.72 ? 200 ASP A CB  1 
ATOM   1557 C CG  . ASP A 1 212 ? 15.212  -9.400  -8.261  1.00 55.38 ? 200 ASP A CG  1 
ATOM   1558 O OD1 . ASP A 1 212 ? 14.388  -9.659  -7.355  1.00 57.97 ? 200 ASP A OD1 1 
ATOM   1559 O OD2 . ASP A 1 212 ? 15.048  -8.466  -9.075  1.00 55.79 ? 200 ASP A OD2 1 
ATOM   1560 N N   . THR A 1 213 ? 17.621  -13.188 -7.571  1.00 50.25 ? 201 THR A N   1 
ATOM   1561 C CA  . THR A 1 213 ? 18.789  -14.011 -7.279  1.00 49.93 ? 201 THR A CA  1 
ATOM   1562 C C   . THR A 1 213 ? 18.351  -15.391 -6.761  1.00 50.88 ? 201 THR A C   1 
ATOM   1563 O O   . THR A 1 213 ? 17.262  -15.514 -6.186  1.00 51.27 ? 201 THR A O   1 
ATOM   1564 C CB  . THR A 1 213 ? 19.704  -13.328 -6.223  1.00 49.93 ? 201 THR A CB  1 
ATOM   1565 O OG1 . THR A 1 213 ? 19.011  -13.223 -4.974  1.00 48.37 ? 201 THR A OG1 1 
ATOM   1566 C CG2 . THR A 1 213 ? 20.135  -11.934 -6.673  1.00 49.40 ? 201 THR A CG2 1 
ATOM   1567 N N   . PRO A 1 214 ? 19.190  -16.434 -6.958  1.00 50.71 ? 202 PRO A N   1 
ATOM   1568 C CA  . PRO A 1 214 ? 18.844  -17.774 -6.462  1.00 49.96 ? 202 PRO A CA  1 
ATOM   1569 C C   . PRO A 1 214 ? 18.689  -17.858 -4.943  1.00 49.69 ? 202 PRO A C   1 
ATOM   1570 O O   . PRO A 1 214 ? 17.866  -18.634 -4.461  1.00 50.75 ? 202 PRO A O   1 
ATOM   1571 C CB  . PRO A 1 214 ? 20.021  -18.643 -6.929  1.00 49.97 ? 202 PRO A CB  1 
ATOM   1572 C CG  . PRO A 1 214 ? 21.137  -17.688 -7.155  1.00 50.53 ? 202 PRO A CG  1 
ATOM   1573 C CD  . PRO A 1 214 ? 20.492  -16.436 -7.654  1.00 50.22 ? 202 PRO A CD  1 
ATOM   1574 N N   . GLU A 1 215 ? 19.466  -17.063 -4.210  1.00 49.25 ? 203 GLU A N   1 
ATOM   1575 C CA  . GLU A 1 215 ? 19.446  -17.064 -2.745  1.00 50.11 ? 203 GLU A CA  1 
ATOM   1576 C C   . GLU A 1 215 ? 18.146  -16.473 -2.211  1.00 49.76 ? 203 GLU A C   1 
ATOM   1577 O O   . GLU A 1 215 ? 17.592  -16.965 -1.224  1.00 50.71 ? 203 GLU A O   1 
ATOM   1578 C CB  . GLU A 1 215 ? 20.638  -16.280 -2.177  1.00 52.15 ? 203 GLU A CB  1 
ATOM   1579 C CG  . GLU A 1 215 ? 22.020  -16.783 -2.604  1.00 54.33 ? 203 GLU A CG  1 
ATOM   1580 C CD  . GLU A 1 215 ? 22.393  -16.393 -4.034  1.00 57.26 ? 203 GLU A CD  1 
ATOM   1581 O OE1 . GLU A 1 215 ? 23.258  -17.075 -4.630  1.00 57.87 ? 203 GLU A OE1 1 
ATOM   1582 O OE2 . GLU A 1 215 ? 21.818  -15.417 -4.568  1.00 57.64 ? 203 GLU A OE2 1 
ATOM   1583 N N   . GLU A 1 216 ? 17.682  -15.411 -2.867  1.00 48.97 ? 204 GLU A N   1 
ATOM   1584 C CA  . GLU A 1 216 ? 16.397  -14.774 -2.584  1.00 47.51 ? 204 GLU A CA  1 
ATOM   1585 C C   . GLU A 1 216 ? 15.272  -15.802 -2.719  1.00 46.90 ? 204 GLU A C   1 
ATOM   1586 O O   . GLU A 1 216 ? 14.362  -15.854 -1.886  1.00 46.06 ? 204 GLU A O   1 
ATOM   1587 C CB  . GLU A 1 216 ? 16.188  -13.608 -3.562  1.00 49.64 ? 204 GLU A CB  1 
ATOM   1588 C CG  . GLU A 1 216 ? 15.018  -12.662 -3.272  1.00 51.23 ? 204 GLU A CG  1 
ATOM   1589 C CD  . GLU A 1 216 ? 14.879  -11.550 -4.324  1.00 52.63 ? 204 GLU A CD  1 
ATOM   1590 O OE1 . GLU A 1 216 ? 13.727  -11.149 -4.627  1.00 52.35 ? 204 GLU A OE1 1 
ATOM   1591 O OE2 . GLU A 1 216 ? 15.914  -11.074 -4.857  1.00 52.33 ? 204 GLU A OE2 1 
ATOM   1592 N N   . MET A 1 217 ? 15.356  -16.622 -3.766  1.00 45.00 ? 205 MET A N   1 
ATOM   1593 C CA  . MET A 1 217 ? 14.383  -17.680 -4.012  1.00 44.98 ? 205 MET A CA  1 
ATOM   1594 C C   . MET A 1 217 ? 14.408  -18.737 -2.914  1.00 45.47 ? 205 MET A C   1 
ATOM   1595 O O   . MET A 1 217 ? 13.382  -19.001 -2.274  1.00 43.24 ? 205 MET A O   1 
ATOM   1596 C CB  . MET A 1 217 ? 14.636  -18.339 -5.368  1.00 44.73 ? 205 MET A CB  1 
ATOM   1597 C CG  . MET A 1 217 ? 13.764  -19.549 -5.607  1.00 46.09 ? 205 MET A CG  1 
ATOM   1598 S SD  . MET A 1 217 ? 14.390  -20.651 -6.877  1.00 52.40 ? 205 MET A SD  1 
ATOM   1599 C CE  . MET A 1 217 ? 13.095  -21.854 -6.893  1.00 49.15 ? 205 MET A CE  1 
ATOM   1600 N N   . HIS A 1 218 ? 15.582  -19.337 -2.706  1.00 45.87 ? 206 HIS A N   1 
ATOM   1601 C CA  . HIS A 1 218 ? 15.766  -20.383 -1.704  1.00 46.09 ? 206 HIS A CA  1 
ATOM   1602 C C   . HIS A 1 218 ? 15.341  -19.892 -0.337  1.00 45.15 ? 206 HIS A C   1 
ATOM   1603 O O   . HIS A 1 218 ? 14.758  -20.643 0.446   1.00 45.76 ? 206 HIS A O   1 
ATOM   1604 C CB  . HIS A 1 218 ? 17.214  -20.872 -1.675  1.00 48.66 ? 206 HIS A CB  1 
ATOM   1605 C CG  . HIS A 1 218 ? 17.608  -21.643 -2.896  1.00 52.18 ? 206 HIS A CG  1 
ATOM   1606 N ND1 . HIS A 1 218 ? 17.004  -22.832 -3.251  1.00 53.32 ? 206 HIS A ND1 1 
ATOM   1607 C CD2 . HIS A 1 218 ? 18.543  -21.393 -3.848  1.00 53.79 ? 206 HIS A CD2 1 
ATOM   1608 C CE1 . HIS A 1 218 ? 17.546  -23.282 -4.370  1.00 54.41 ? 206 HIS A CE1 1 
ATOM   1609 N NE2 . HIS A 1 218 ? 18.485  -22.429 -4.752  1.00 55.73 ? 206 HIS A NE2 1 
ATOM   1610 N N   . HIS A 1 219 ? 15.609  -18.620 -0.066  1.00 43.93 ? 207 HIS A N   1 
ATOM   1611 C CA  . HIS A 1 219 ? 15.155  -18.011 1.171   1.00 42.86 ? 207 HIS A CA  1 
ATOM   1612 C C   . HIS A 1 219 ? 13.631  -17.988 1.279   1.00 40.83 ? 207 HIS A C   1 
ATOM   1613 O O   . HIS A 1 219 ? 13.085  -18.324 2.330   1.00 40.26 ? 207 HIS A O   1 
ATOM   1614 C CB  . HIS A 1 219 ? 15.737  -16.614 1.350   1.00 44.12 ? 207 HIS A CB  1 
ATOM   1615 C CG  . HIS A 1 219 ? 15.795  -16.183 2.780   1.00 47.20 ? 207 HIS A CG  1 
ATOM   1616 N ND1 . HIS A 1 219 ? 15.522  -14.895 3.185   1.00 48.91 ? 207 HIS A ND1 1 
ATOM   1617 C CD2 . HIS A 1 219 ? 16.068  -16.884 3.908   1.00 47.76 ? 207 HIS A CD2 1 
ATOM   1618 C CE1 . HIS A 1 219 ? 15.643  -14.816 4.498   1.00 49.58 ? 207 HIS A CE1 1 
ATOM   1619 N NE2 . HIS A 1 219 ? 15.970  -16.009 4.963   1.00 49.08 ? 207 HIS A NE2 1 
ATOM   1620 N N   . TRP A 1 220 ? 12.951  -17.614 0.194   1.00 37.89 ? 208 TRP A N   1 
ATOM   1621 C CA  . TRP A 1 220 ? 11.486  -17.666 0.156   1.00 36.93 ? 208 TRP A CA  1 
ATOM   1622 C C   . TRP A 1 220 ? 10.957  -19.088 0.329   1.00 37.33 ? 208 TRP A C   1 
ATOM   1623 O O   . TRP A 1 220 ? 10.010  -19.307 1.079   1.00 36.61 ? 208 TRP A O   1 
ATOM   1624 C CB  . TRP A 1 220 ? 10.926  -17.047 -1.129  1.00 34.77 ? 208 TRP A CB  1 
ATOM   1625 C CG  . TRP A 1 220 ? 10.803  -15.554 -1.083  1.00 32.90 ? 208 TRP A CG  1 
ATOM   1626 C CD1 . TRP A 1 220 ? 11.415  -14.661 -1.911  1.00 33.12 ? 208 TRP A CD1 1 
ATOM   1627 C CD2 . TRP A 1 220 ? 10.023  -14.776 -0.160  1.00 32.35 ? 208 TRP A CD2 1 
ATOM   1628 N NE1 . TRP A 1 220 ? 11.061  -13.373 -1.569  1.00 33.52 ? 208 TRP A NE1 1 
ATOM   1629 C CE2 . TRP A 1 220 ? 10.209  -13.414 -0.498  1.00 32.65 ? 208 TRP A CE2 1 
ATOM   1630 C CE3 . TRP A 1 220 ? 9.177   -15.096 0.914   1.00 31.34 ? 208 TRP A CE3 1 
ATOM   1631 C CZ2 . TRP A 1 220 ? 9.584   -12.373 0.199   1.00 32.51 ? 208 TRP A CZ2 1 
ATOM   1632 C CZ3 . TRP A 1 220 ? 8.559   -14.055 1.611   1.00 30.39 ? 208 TRP A CZ3 1 
ATOM   1633 C CH2 . TRP A 1 220 ? 8.769   -12.711 1.248   1.00 31.87 ? 208 TRP A CH2 1 
ATOM   1634 N N   . ILE A 1 221 ? 11.577  -20.046 -0.359  1.00 38.23 ? 209 ILE A N   1 
ATOM   1635 C CA  . ILE A 1 221 ? 11.220  -21.456 -0.226  1.00 37.46 ? 209 ILE A CA  1 
ATOM   1636 C C   . ILE A 1 221 ? 11.293  -21.868 1.240   1.00 37.28 ? 209 ILE A C   1 
ATOM   1637 O O   . ILE A 1 221 ? 10.363  -22.485 1.761   1.00 37.05 ? 209 ILE A O   1 
ATOM   1638 C CB  . ILE A 1 221 ? 12.144  -22.365 -1.075  1.00 38.28 ? 209 ILE A CB  1 
ATOM   1639 C CG1 . ILE A 1 221 ? 11.882  -22.145 -2.567  1.00 38.24 ? 209 ILE A CG1 1 
ATOM   1640 C CG2 . ILE A 1 221 ? 11.968  -23.840 -0.692  1.00 37.03 ? 209 ILE A CG2 1 
ATOM   1641 C CD1 . ILE A 1 221 ? 12.704  -23.041 -3.470  1.00 37.93 ? 209 ILE A CD1 1 
ATOM   1642 N N   . THR A 1 222 ? 12.397  -21.516 1.896   1.00 36.96 ? 210 THR A N   1 
ATOM   1643 C CA  . THR A 1 222 ? 12.606  -21.837 3.307   1.00 37.05 ? 210 THR A CA  1 
ATOM   1644 C C   . THR A 1 222 ? 11.531  -21.205 4.183   1.00 38.70 ? 210 THR A C   1 
ATOM   1645 O O   . THR A 1 222 ? 10.875  -21.899 4.961   1.00 38.93 ? 210 THR A O   1 
ATOM   1646 C CB  . THR A 1 222 ? 14.011  -21.409 3.791   1.00 35.60 ? 210 THR A CB  1 
ATOM   1647 O OG1 . THR A 1 222 ? 15.001  -22.142 3.067   1.00 36.11 ? 210 THR A OG1 1 
ATOM   1648 C CG2 . THR A 1 222 ? 14.187  -21.692 5.273   1.00 36.21 ? 210 THR A CG2 1 
ATOM   1649 N N   . LEU A 1 223 ? 11.339  -19.897 4.030   1.00 40.74 ? 211 LEU A N   1 
ATOM   1650 C CA  . LEU A 1 223 ? 10.449  -19.146 4.906   1.00 42.37 ? 211 LEU A CA  1 
ATOM   1651 C C   . LEU A 1 223 ? 8.999   -19.588 4.802   1.00 43.55 ? 211 LEU A C   1 
ATOM   1652 O O   . LEU A 1 223 ? 8.324   -19.731 5.816   1.00 44.94 ? 211 LEU A O   1 
ATOM   1653 C CB  . LEU A 1 223 ? 10.568  -17.654 4.628   1.00 44.19 ? 211 LEU A CB  1 
ATOM   1654 C CG  . LEU A 1 223 ? 11.945  -17.054 4.922   1.00 46.32 ? 211 LEU A CG  1 
ATOM   1655 C CD1 . LEU A 1 223 ? 12.080  -15.733 4.195   1.00 46.58 ? 211 LEU A CD1 1 
ATOM   1656 C CD2 . LEU A 1 223 ? 12.198  -16.908 6.428   1.00 46.82 ? 211 LEU A CD2 1 
ATOM   1657 N N   . LEU A 1 224 ? 8.535   -19.827 3.579   1.00 45.52 ? 212 LEU A N   1 
ATOM   1658 C CA  . LEU A 1 224 ? 7.135   -20.174 3.338   1.00 49.48 ? 212 LEU A CA  1 
ATOM   1659 C C   . LEU A 1 224 ? 6.732   -21.581 3.804   1.00 53.16 ? 212 LEU A C   1 
ATOM   1660 O O   . LEU A 1 224 ? 5.550   -21.844 4.010   1.00 52.96 ? 212 LEU A O   1 
ATOM   1661 C CB  . LEU A 1 224 ? 6.767   -19.961 1.866   1.00 47.65 ? 212 LEU A CB  1 
ATOM   1662 C CG  . LEU A 1 224 ? 6.864   -18.527 1.326   1.00 46.07 ? 212 LEU A CG  1 
ATOM   1663 C CD1 . LEU A 1 224 ? 6.983   -18.523 -0.189  1.00 45.14 ? 212 LEU A CD1 1 
ATOM   1664 C CD2 . LEU A 1 224 ? 5.713   -17.632 1.796   1.00 45.04 ? 212 LEU A CD2 1 
ATOM   1665 N N   . GLN A 1 225 ? 7.702   -22.477 3.970   1.00 57.74 ? 213 GLN A N   1 
ATOM   1666 C CA  . GLN A 1 225 ? 7.408   -23.813 4.505   1.00 62.89 ? 213 GLN A CA  1 
ATOM   1667 C C   . GLN A 1 225 ? 7.501   -23.842 6.040   1.00 65.07 ? 213 GLN A C   1 
ATOM   1668 O O   . GLN A 1 225 ? 8.534   -24.195 6.616   1.00 65.17 ? 213 GLN A O   1 
ATOM   1669 C CB  . GLN A 1 225 ? 8.269   -24.901 3.833   1.00 64.90 ? 213 GLN A CB  1 
ATOM   1670 C CG  . GLN A 1 225 ? 8.475   -24.764 2.324   1.00 70.48 ? 213 GLN A CG  1 
ATOM   1671 C CD  . GLN A 1 225 ? 9.868   -25.184 1.858   1.00 73.96 ? 213 GLN A CD  1 
ATOM   1672 O OE1 . GLN A 1 225 ? 10.711  -25.597 2.663   1.00 77.70 ? 213 GLN A OE1 1 
ATOM   1673 N NE2 . GLN A 1 225 ? 10.111  -25.085 0.552   1.00 74.77 ? 213 GLN A NE2 1 
ATOM   1674 N N   . ARG A 1 226 ? 6.404   -23.454 6.694   1.00 68.06 ? 214 ARG A N   1 
ATOM   1675 C CA  . ARG A 1 226 ? 6.408   -23.276 8.156   1.00 70.95 ? 214 ARG A CA  1 
ATOM   1676 C C   . ARG A 1 226 ? 5.074   -23.642 8.819   1.00 71.21 ? 214 ARG A C   1 
ATOM   1677 O O   . ARG A 1 226 ? 4.990   -23.737 10.051  1.00 71.16 ? 214 ARG A O   1 
ATOM   1678 C CB  . ARG A 1 226 ? 6.803   -21.827 8.511   1.00 73.50 ? 214 ARG A CB  1 
ATOM   1679 C CG  . ARG A 1 226 ? 8.299   -21.621 8.830   1.00 76.82 ? 214 ARG A CG  1 
ATOM   1680 C CD  . ARG A 1 226 ? 8.466   -21.752 10.403  1.00 80.53 ? 214 ARG A CD  1 
ATOM   1681 N NE  . ARG A 1 226 ? 9.876   -21.567 10.769  1.00 83.60 ? 214 ARG A NE  1 
ATOM   1682 C CZ  . ARG A 1 226 ? 10.298  -21.391 12.037  1.00 84.57 ? 214 ARG A CZ  1 
ATOM   1683 N NH1 . ARG A 1 226 ? 9.423   -21.364 13.084  1.00 85.35 ? 214 ARG A NH1 1 
ATOM   1684 N NH2 . ARG A 1 226 ? 11.605  -21.241 12.258  1.00 84.55 ? 214 ARG A NH2 1 
ATOM   1685 N N   . SER A 1 227 ? 4.045   -23.854 8.001   1.00 71.32 ? 215 SER A N   1 
ATOM   1686 C CA  . SER A 1 227 ? 2.694   -24.102 8.506   1.00 71.68 ? 215 SER A CA  1 
ATOM   1687 C C   . SER A 1 227 ? 1.937   -25.164 7.689   1.00 71.61 ? 215 SER A C   1 
ATOM   1688 O O   . SER A 1 227 ? 2.486   -25.730 6.739   1.00 72.20 ? 215 SER A O   1 
ATOM   1689 C CB  . SER A 1 227 ? 1.909   -22.784 8.562   1.00 71.69 ? 215 SER A CB  1 
ATOM   1690 O OG  . SER A 1 227 ? 0.765   -22.895 9.394   1.00 69.64 ? 215 SER A OG  1 
ATOM   1691 N N   . LYS A 1 228 ? 0.681   -25.421 8.071   1.00 71.39 ? 216 LYS A N   1 
ATOM   1692 C CA  . LYS A 1 228 ? -0.161  -26.490 7.502   1.00 69.93 ? 216 LYS A CA  1 
ATOM   1693 C C   . LYS A 1 228 ? 0.329   -27.881 7.906   1.00 70.27 ? 216 LYS A C   1 
ATOM   1694 O O   . LYS A 1 228 ? -0.420  -28.656 8.522   1.00 70.38 ? 216 LYS A O   1 
ATOM   1695 C CB  . LYS A 1 228 ? -0.273  -26.384 5.974   1.00 68.33 ? 216 LYS A CB  1 
ATOM   1696 C CG  . LYS A 1 228 ? -1.188  -27.422 5.316   1.00 67.14 ? 216 LYS A CG  1 
ATOM   1697 C CD  . LYS A 1 228 ? -2.600  -26.895 5.062   1.00 67.29 ? 216 LYS A CD  1 
ATOM   1698 C CE  . LYS A 1 228 ? -3.490  -26.926 6.307   1.00 66.16 ? 216 LYS A CE  1 
ATOM   1699 N NZ  . LYS A 1 228 ? -4.729  -26.117 6.087   1.00 64.80 ? 216 LYS A NZ  1 
HETATM 1700 P P   . PO4 B 2 .   ? -2.161  -5.491  -12.238 1.00 76.99 ? 217 PO4 A P   1 
HETATM 1701 O O1  . PO4 B 2 .   ? -1.745  -5.929  -13.624 1.00 76.48 ? 217 PO4 A O1  1 
HETATM 1702 O O2  . PO4 B 2 .   ? -3.013  -4.245  -12.320 1.00 76.79 ? 217 PO4 A O2  1 
HETATM 1703 O O3  . PO4 B 2 .   ? -2.966  -6.596  -11.592 1.00 76.94 ? 217 PO4 A O3  1 
HETATM 1704 O O4  . PO4 B 2 .   ? -0.924  -5.204  -11.417 1.00 76.08 ? 217 PO4 A O4  1 
HETATM 1705 P P   . PO4 C 2 .   ? 2.680   -25.138 -14.251 1.00 99.12 ? 218 PO4 A P   1 
HETATM 1706 O O1  . PO4 C 2 .   ? 1.665   -26.152 -14.734 1.00 98.27 ? 218 PO4 A O1  1 
HETATM 1707 O O2  . PO4 C 2 .   ? 2.921   -24.113 -15.341 1.00 98.31 ? 218 PO4 A O2  1 
HETATM 1708 O O3  . PO4 C 2 .   ? 2.166   -24.438 -13.012 1.00 98.67 ? 218 PO4 A O3  1 
HETATM 1709 O O4  . PO4 C 2 .   ? 3.976   -25.846 -13.913 1.00 97.87 ? 218 PO4 A O4  1 
HETATM 1710 O O   . HOH D 3 .   ? -4.614  0.980   -13.458 1.00 29.09 ? 219 HOH A O   1 
HETATM 1711 O O   . HOH D 3 .   ? -0.679  1.746   -14.082 1.00 33.41 ? 220 HOH A O   1 
HETATM 1712 O O   . HOH D 3 .   ? -0.306  -2.521  -3.913  1.00 19.15 ? 221 HOH A O   1 
HETATM 1713 O O   . HOH D 3 .   ? -20.199 20.798  -5.661  1.00 57.03 ? 222 HOH A O   1 
HETATM 1714 O O   . HOH D 3 .   ? 5.280   -17.980 -18.404 1.00 19.87 ? 223 HOH A O   1 
HETATM 1715 O O   . HOH D 3 .   ? 8.575   7.144   4.822   1.00 42.85 ? 224 HOH A O   1 
HETATM 1716 O O   . HOH D 3 .   ? -8.580  13.430  -7.163  1.00 40.20 ? 225 HOH A O   1 
HETATM 1717 O O   . HOH D 3 .   ? 7.849   -18.445 -19.098 1.00 40.97 ? 226 HOH A O   1 
HETATM 1718 O O   . HOH D 3 .   ? 7.512   -19.794 -13.086 1.00 50.16 ? 227 HOH A O   1 
HETATM 1719 O O   . HOH D 3 .   ? 5.237   1.434   5.509   1.00 29.65 ? 228 HOH A O   1 
HETATM 1720 O O   . HOH D 3 .   ? -7.206  0.697   7.653   1.00 30.29 ? 229 HOH A O   1 
HETATM 1721 O O   . HOH D 3 .   ? -15.490 8.811   -9.073  1.00 52.62 ? 230 HOH A O   1 
HETATM 1722 O O   . HOH D 3 .   ? -2.727  19.955  13.890  1.00 28.51 ? 231 HOH A O   1 
HETATM 1723 O O   . HOH D 3 .   ? -15.186 9.031   -11.797 1.00 73.12 ? 232 HOH A O   1 
HETATM 1724 O O   . HOH D 3 .   ? -11.080 4.265   -0.792  1.00 47.31 ? 233 HOH A O   1 
HETATM 1725 O O   . HOH D 3 .   ? 0.328   -0.306  3.357   1.00 47.17 ? 234 HOH A O   1 
HETATM 1726 O O   . HOH D 3 .   ? 0.626   -3.289  -12.590 1.00 29.63 ? 235 HOH A O   1 
HETATM 1727 O O   . HOH D 3 .   ? -1.125  16.727  16.524  1.00 36.48 ? 236 HOH A O   1 
HETATM 1728 O O   . HOH D 3 .   ? -6.103  -20.329 -1.117  1.00 46.51 ? 237 HOH A O   1 
HETATM 1729 O O   . HOH D 3 .   ? -23.448 12.263  -5.019  1.00 53.84 ? 238 HOH A O   1 
HETATM 1730 O O   . HOH D 3 .   ? 13.385  -8.391  5.798   1.00 54.14 ? 239 HOH A O   1 
HETATM 1731 O O   . HOH D 3 .   ? 13.152  -4.532  0.105   1.00 33.34 ? 240 HOH A O   1 
HETATM 1732 O O   . HOH D 3 .   ? 0.285   -10.858 -10.382 1.00 36.64 ? 241 HOH A O   1 
HETATM 1733 O O   . HOH D 3 .   ? -0.739  -12.629 -8.531  1.00 38.16 ? 242 HOH A O   1 
HETATM 1734 O O   . HOH D 3 .   ? -17.304 12.788  -15.448 1.00 56.98 ? 243 HOH A O   1 
HETATM 1735 O O   . HOH D 3 .   ? -7.666  10.592  -14.408 1.00 36.55 ? 244 HOH A O   1 
HETATM 1736 O O   . HOH D 3 .   ? 2.092   24.100  10.603  1.00 46.44 ? 245 HOH A O   1 
HETATM 1737 O O   . HOH D 3 .   ? -13.849 9.990   15.268  1.00 26.53 ? 246 HOH A O   1 
HETATM 1738 O O   . HOH D 3 .   ? -5.546  -28.472 1.929   1.00 43.35 ? 247 HOH A O   1 
HETATM 1739 O O   . HOH D 3 .   ? 4.320   -11.617 -18.645 1.00 53.82 ? 248 HOH A O   1 
HETATM 1740 O O   . HOH D 3 .   ? -2.354  -10.233 8.049   1.00 67.69 ? 249 HOH A O   1 
HETATM 1741 O O   . HOH D 3 .   ? -6.851  5.182   2.407   1.00 22.38 ? 250 HOH A O   1 
HETATM 1742 O O   . HOH D 3 .   ? -15.246 4.422   -7.768  1.00 37.62 ? 251 HOH A O   1 
HETATM 1743 O O   . HOH D 3 .   ? -13.119 26.848  -2.297  1.00 62.49 ? 252 HOH A O   1 
HETATM 1744 O O   . HOH D 3 .   ? -2.916  -0.980  -11.827 1.00 48.01 ? 253 HOH A O   1 
HETATM 1745 O O   . HOH D 3 .   ? -6.877  -13.124 4.346   1.00 39.19 ? 254 HOH A O   1 
HETATM 1746 O O   . HOH D 3 .   ? 14.525  -13.756 -13.483 1.00 40.07 ? 255 HOH A O   1 
HETATM 1747 O O   . HOH D 3 .   ? -0.585  -20.193 10.297  1.00 47.91 ? 256 HOH A O   1 
HETATM 1748 O O   . HOH D 3 .   ? 5.630   -3.987  7.823   1.00 59.06 ? 257 HOH A O   1 
HETATM 1749 O O   . HOH D 3 .   ? 7.588   -0.225  6.534   1.00 57.00 ? 258 HOH A O   1 
HETATM 1750 O O   . HOH D 3 .   ? 8.557   0.449   9.702   1.00 40.20 ? 259 HOH A O   1 
HETATM 1751 O O   . HOH D 3 .   ? -22.675 15.198  -1.585  1.00 53.08 ? 260 HOH A O   1 
HETATM 1752 O O   . HOH D 3 .   ? -17.940 6.840   12.754  1.00 29.03 ? 261 HOH A O   1 
HETATM 1753 O O   . HOH D 3 .   ? -16.083 21.727  5.298   1.00 42.09 ? 262 HOH A O   1 
HETATM 1754 O O   . HOH D 3 .   ? -17.871 2.662   3.363   1.00 34.02 ? 263 HOH A O   1 
HETATM 1755 O O   . HOH D 3 .   ? 5.954   -15.311 13.587  1.00 36.77 ? 264 HOH A O   1 
HETATM 1756 O O   . HOH D 3 .   ? 8.137   0.388   -5.383  1.00 35.05 ? 265 HOH A O   1 
HETATM 1757 O O   . HOH D 3 .   ? -15.788 11.484  -12.694 1.00 54.06 ? 266 HOH A O   1 
HETATM 1758 O O   . HOH D 3 .   ? 0.133   4.854   -13.148 1.00 48.19 ? 267 HOH A O   1 
HETATM 1759 O O   . HOH D 3 .   ? 14.636  -16.374 -12.379 1.00 37.65 ? 268 HOH A O   1 
HETATM 1760 O O   . HOH D 3 .   ? 22.737  -12.899 -4.629  1.00 73.20 ? 269 HOH A O   1 
HETATM 1761 O O   . HOH D 3 .   ? 5.663   7.965   16.892  1.00 44.30 ? 270 HOH A O   1 
HETATM 1762 O O   . HOH D 3 .   ? 14.813  -0.049  -0.769  1.00 54.79 ? 271 HOH A O   1 
HETATM 1763 O O   . HOH D 3 .   ? -16.049 28.271  -3.031  1.00 38.12 ? 272 HOH A O   1 
HETATM 1764 O O   . HOH D 3 .   ? -17.553 2.369   -0.812  1.00 46.10 ? 273 HOH A O   1 
HETATM 1765 O O   . HOH D 3 .   ? 8.622   2.058   12.102  1.00 54.29 ? 274 HOH A O   1 
HETATM 1766 O O   . HOH D 3 .   ? 11.093  2.971   7.516   1.00 50.28 ? 275 HOH A O   1 
HETATM 1767 O O   . HOH D 3 .   ? -4.016  -15.223 10.127  1.00 43.06 ? 276 HOH A O   1 
HETATM 1768 O O   . HOH D 3 .   ? -2.222  3.544   9.257   1.00 36.71 ? 277 HOH A O   1 
HETATM 1769 O O   . HOH D 3 .   ? -16.105 6.759   -7.272  1.00 43.97 ? 278 HOH A O   1 
HETATM 1770 O O   . HOH D 3 .   ? -17.611 5.629   3.320   1.00 34.51 ? 279 HOH A O   1 
HETATM 1771 O O   . HOH D 3 .   ? 14.147  7.602   10.901  1.00 52.23 ? 280 HOH A O   1 
HETATM 1772 O O   . HOH D 3 .   ? -7.354  9.650   14.808  1.00 40.48 ? 281 HOH A O   1 
HETATM 1773 O O   . HOH D 3 .   ? 13.533  -1.348  4.518   1.00 55.09 ? 282 HOH A O   1 
HETATM 1774 O O   . HOH D 3 .   ? 14.026  -6.301  -2.967  1.00 36.10 ? 283 HOH A O   1 
HETATM 1775 O O   . HOH D 3 .   ? 10.607  6.915   1.113   1.00 55.60 ? 284 HOH A O   1 
HETATM 1776 O O   . HOH D 3 .   ? -9.235  -1.426  9.430   1.00 43.64 ? 285 HOH A O   1 
HETATM 1777 O O   . HOH D 3 .   ? -2.010  -0.539  8.923   1.00 57.55 ? 286 HOH A O   1 
HETATM 1778 O O   . HOH D 3 .   ? 8.215   -24.502 13.217  1.00 47.84 ? 287 HOH A O   1 
# 
loop_
_pdbx_poly_seq_scheme.asym_id 
_pdbx_poly_seq_scheme.entity_id 
_pdbx_poly_seq_scheme.seq_id 
_pdbx_poly_seq_scheme.mon_id 
_pdbx_poly_seq_scheme.ndb_seq_num 
_pdbx_poly_seq_scheme.pdb_seq_num 
_pdbx_poly_seq_scheme.auth_seq_num 
_pdbx_poly_seq_scheme.pdb_mon_id 
_pdbx_poly_seq_scheme.auth_mon_id 
_pdbx_poly_seq_scheme.pdb_strand_id 
_pdbx_poly_seq_scheme.pdb_ins_code 
_pdbx_poly_seq_scheme.hetero 
A 1 1   MET 1   -11 ?   ?   ?   A . n 
A 1 2   HIS 2   -10 ?   ?   ?   A . n 
A 1 3   HIS 3   -9  ?   ?   ?   A . n 
A 1 4   HIS 4   -8  ?   ?   ?   A . n 
A 1 5   HIS 5   -7  ?   ?   ?   A . n 
A 1 6   HIS 6   -6  ?   ?   ?   A . n 
A 1 7   HIS 7   -5  ?   ?   ?   A . n 
A 1 8   SER 8   -4  ?   ?   ?   A . n 
A 1 9   SER 9   -3  ?   ?   ?   A . n 
A 1 10  GLY 10  -2  ?   ?   ?   A . n 
A 1 11  LEU 11  -1  ?   ?   ?   A . n 
A 1 12  GLU 12  0   ?   ?   ?   A . n 
A 1 13  VAL 13  1   ?   ?   ?   A . n 
A 1 14  LEU 14  2   ?   ?   ?   A . n 
A 1 15  PHE 15  3   ?   ?   ?   A . n 
A 1 16  GLN 16  4   ?   ?   ?   A . n 
A 1 17  GLY 17  5   ?   ?   ?   A . n 
A 1 18  PRO 18  6   ?   ?   ?   A . n 
A 1 19  GLY 19  7   ?   ?   ?   A . n 
A 1 20  SER 20  8   ?   ?   ?   A . n 
A 1 21  PRO 21  9   9   PRO PRO A . n 
A 1 22  TYR 22  10  10  TYR TYR A . n 
A 1 23  PHE 23  11  11  PHE PHE A . n 
A 1 24  HIS 24  12  12  HIS HIS A . n 
A 1 25  SER 25  13  13  SER SER A . n 
A 1 26  PHE 26  14  14  PHE PHE A . n 
A 1 27  LEU 27  15  15  LEU LEU A . n 
A 1 28  TYR 28  16  16  TYR TYR A . n 
A 1 29  MET 29  17  17  MET MET A . n 
A 1 30  ASN 30  18  18  ASN ASN A . n 
A 1 31  GLY 31  19  19  GLY GLY A . n 
A 1 32  GLY 32  20  20  GLY GLY A . n 
A 1 33  LEU 33  21  21  LEU LEU A . n 
A 1 34  MET 34  22  22  MET MET A . n 
A 1 35  ASN 35  23  23  ASN ASN A . n 
A 1 36  SER 36  24  24  SER SER A . n 
A 1 37  TRP 37  25  25  TRP TRP A . n 
A 1 38  LYS 38  26  26  LYS LYS A . n 
A 1 39  ARG 39  27  27  ARG ARG A . n 
A 1 40  ARG 40  28  28  ARG ARG A . n 
A 1 41  TRP 41  29  29  TRP TRP A . n 
A 1 42  CYS 42  30  30  CYS CYS A . n 
A 1 43  VAL 43  31  31  VAL VAL A . n 
A 1 44  LEU 44  32  32  LEU LEU A . n 
A 1 45  LYS 45  33  33  LYS LYS A . n 
A 1 46  ASP 46  34  34  ASP ASP A . n 
A 1 47  GLU 47  35  35  GLU GLU A . n 
A 1 48  THR 48  36  36  THR THR A . n 
A 1 49  PHE 49  37  37  PHE PHE A . n 
A 1 50  LEU 50  38  38  LEU LEU A . n 
A 1 51  TRP 51  39  39  TRP TRP A . n 
A 1 52  PHE 52  40  40  PHE PHE A . n 
A 1 53  ARG 53  41  41  ARG ARG A . n 
A 1 54  SER 54  42  42  SER SER A . n 
A 1 55  LYS 55  43  43  LYS LYS A . n 
A 1 56  GLN 56  44  44  GLN GLN A . n 
A 1 57  GLU 57  45  45  GLU GLU A . n 
A 1 58  ALA 58  46  46  ALA ALA A . n 
A 1 59  LEU 59  47  47  LEU LEU A . n 
A 1 60  LYS 60  48  48  LYS LYS A . n 
A 1 61  GLN 61  49  49  GLN GLN A . n 
A 1 62  GLY 62  50  50  GLY GLY A . n 
A 1 63  TRP 63  51  51  TRP TRP A . n 
A 1 64  LEU 64  52  52  LEU LEU A . n 
A 1 65  HIS 65  53  53  HIS HIS A . n 
A 1 66  ASN 66  54  54  ASN ASN A . n 
A 1 67  ASN 67  55  55  ASN ASN A . n 
A 1 68  GLY 68  56  56  GLY GLY A . n 
A 1 69  GLY 69  57  57  GLY GLY A . n 
A 1 70  GLY 70  58  58  GLY GLY A . n 
A 1 71  SER 71  59  59  SER SER A . n 
A 1 72  SER 72  60  60  SER SER A . n 
A 1 73  THR 73  61  61  THR THR A . n 
A 1 74  LEU 74  62  62  LEU LEU A . n 
A 1 75  SER 75  63  63  SER SER A . n 
A 1 76  ARG 76  64  64  ARG ARG A . n 
A 1 77  ARG 77  65  65  ARG ARG A . n 
A 1 78  ASN 78  66  66  ASN ASN A . n 
A 1 79  TRP 79  67  67  TRP TRP A . n 
A 1 80  LYS 80  68  68  LYS LYS A . n 
A 1 81  LYS 81  69  69  LYS LYS A . n 
A 1 82  ARG 82  70  70  ARG ARG A . n 
A 1 83  TRP 83  71  71  TRP TRP A . n 
A 1 84  PHE 84  72  72  PHE PHE A . n 
A 1 85  VAL 85  73  73  VAL VAL A . n 
A 1 86  LEU 86  74  74  LEU LEU A . n 
A 1 87  ARG 87  75  75  ARG ARG A . n 
A 1 88  GLN 88  76  76  GLN GLN A . n 
A 1 89  SER 89  77  77  SER SER A . n 
A 1 90  LYS 90  78  78  LYS LYS A . n 
A 1 91  LEU 91  79  79  LEU LEU A . n 
A 1 92  MET 92  80  80  MET MET A . n 
A 1 93  TYR 93  81  81  TYR TYR A . n 
A 1 94  PHE 94  82  82  PHE PHE A . n 
A 1 95  GLU 95  83  83  GLU GLU A . n 
A 1 96  ASN 96  84  84  ASN ASN A . n 
A 1 97  ASP 97  85  85  ASP ASP A . n 
A 1 98  SER 98  86  86  SER SER A . n 
A 1 99  GLU 99  87  87  GLU GLU A . n 
A 1 100 GLU 100 88  88  GLU GLU A . n 
A 1 101 LYS 101 89  89  LYS LYS A . n 
A 1 102 LEU 102 90  90  LEU LEU A . n 
A 1 103 LYS 103 91  91  LYS LYS A . n 
A 1 104 GLY 104 92  92  GLY GLY A . n 
A 1 105 THR 105 93  93  THR THR A . n 
A 1 106 VAL 106 94  94  VAL VAL A . n 
A 1 107 GLU 107 95  95  GLU GLU A . n 
A 1 108 VAL 108 96  96  VAL VAL A . n 
A 1 109 ARG 109 97  97  ARG ARG A . n 
A 1 110 SER 110 98  98  SER SER A . n 
A 1 111 ALA 111 99  99  ALA ALA A . n 
A 1 112 LYS 112 100 100 LYS LYS A . n 
A 1 113 GLU 113 101 101 GLU GLU A . n 
A 1 114 ILE 114 102 102 ILE ILE A . n 
A 1 115 ILE 115 103 103 ILE ILE A . n 
A 1 116 ASP 116 104 104 ASP ASP A . n 
A 1 117 ASN 117 105 105 ASN ASN A . n 
A 1 118 THR 118 106 106 THR THR A . n 
A 1 119 ASN 119 107 107 ASN ASN A . n 
A 1 120 LYS 120 108 108 LYS LYS A . n 
A 1 121 GLU 121 109 109 GLU GLU A . n 
A 1 122 ASN 122 110 110 ASN ASN A . n 
A 1 123 GLY 123 111 111 GLY GLY A . n 
A 1 124 ILE 124 112 112 ILE ILE A . n 
A 1 125 ASP 125 113 113 ASP ASP A . n 
A 1 126 ILE 126 114 114 ILE ILE A . n 
A 1 127 ILE 127 115 115 ILE ILE A . n 
A 1 128 MET 128 116 116 MET MET A . n 
A 1 129 ALA 129 117 117 ALA ALA A . n 
A 1 130 ASP 130 118 118 ASP ASP A . n 
A 1 131 ARG 131 119 119 ARG ARG A . n 
A 1 132 THR 132 120 120 THR THR A . n 
A 1 133 PHE 133 121 121 PHE PHE A . n 
A 1 134 HIS 134 122 122 HIS HIS A . n 
A 1 135 LEU 135 123 123 LEU LEU A . n 
A 1 136 ILE 136 124 124 ILE ILE A . n 
A 1 137 ALA 137 125 125 ALA ALA A . n 
A 1 138 GLU 138 126 126 GLU GLU A . n 
A 1 139 SER 139 127 127 SER SER A . n 
A 1 140 PRO 140 128 128 PRO PRO A . n 
A 1 141 GLU 141 129 129 GLU GLU A . n 
A 1 142 ASP 142 130 130 ASP ASP A . n 
A 1 143 ALA 143 131 131 ALA ALA A . n 
A 1 144 SER 144 132 132 SER SER A . n 
A 1 145 GLN 145 133 133 GLN GLN A . n 
A 1 146 TRP 146 134 134 TRP TRP A . n 
A 1 147 PHE 147 135 135 PHE PHE A . n 
A 1 148 SER 148 136 136 SER SER A . n 
A 1 149 VAL 149 137 137 VAL VAL A . n 
A 1 150 LEU 150 138 138 LEU LEU A . n 
A 1 151 SER 151 139 139 SER SER A . n 
A 1 152 GLN 152 140 140 GLN GLN A . n 
A 1 153 VAL 153 141 141 VAL VAL A . n 
A 1 154 HIS 154 142 142 HIS HIS A . n 
A 1 155 SER 155 143 143 SER SER A . n 
A 1 156 SER 156 144 144 SER SER A . n 
A 1 157 THR 157 145 145 THR THR A . n 
A 1 158 ASP 158 146 146 ASP ASP A . n 
A 1 159 GLN 159 147 147 GLN GLN A . n 
A 1 160 GLU 160 148 148 GLU GLU A . n 
A 1 161 ILE 161 149 149 ILE ILE A . n 
A 1 162 ARG 162 150 150 ARG ARG A . n 
A 1 163 GLU 163 151 151 GLU GLU A . n 
A 1 164 MET 164 152 152 MET MET A . n 
A 1 165 HIS 165 153 153 HIS HIS A . n 
A 1 166 ASP 166 154 154 ASP ASP A . n 
A 1 167 GLU 167 155 155 GLU GLU A . n 
A 1 168 GLN 168 156 156 GLN GLN A . n 
A 1 169 ALA 169 157 157 ALA ALA A . n 
A 1 170 ASN 170 158 158 ASN ASN A . n 
A 1 171 PRO 171 159 159 PRO PRO A . n 
A 1 172 GLN 172 160 160 GLN GLN A . n 
A 1 173 ASN 173 161 161 ASN ASN A . n 
A 1 174 ALA 174 162 162 ALA ALA A . n 
A 1 175 VAL 175 163 163 VAL VAL A . n 
A 1 176 GLY 176 164 164 GLY GLY A . n 
A 1 177 THR 177 165 165 THR THR A . n 
A 1 178 LEU 178 166 166 LEU LEU A . n 
A 1 179 ASP 179 167 167 ASP ASP A . n 
A 1 180 VAL 180 168 168 VAL VAL A . n 
A 1 181 GLY 181 169 169 GLY GLY A . n 
A 1 182 LEU 182 170 170 LEU LEU A . n 
A 1 183 ILE 183 171 171 ILE ILE A . n 
A 1 184 ASP 184 172 172 ASP ASP A . n 
A 1 185 SER 185 173 173 SER SER A . n 
A 1 186 VAL 186 174 174 VAL VAL A . n 
A 1 187 CYS 187 175 175 CYS CYS A . n 
A 1 188 ALA 188 176 176 ALA ALA A . n 
A 1 189 SER 189 177 177 SER SER A . n 
A 1 190 ASP 190 178 178 ASP ASP A . n 
A 1 191 SER 191 179 179 SER SER A . n 
A 1 192 PRO 192 180 180 PRO PRO A . n 
A 1 193 ASP 193 181 181 ASP ASP A . n 
A 1 194 ARG 194 182 182 ARG ARG A . n 
A 1 195 PRO 195 183 183 PRO PRO A . n 
A 1 196 ASN 196 184 184 ASN ASN A . n 
A 1 197 SER 197 185 185 SER SER A . n 
A 1 198 PHE 198 186 186 PHE PHE A . n 
A 1 199 VAL 199 187 187 VAL VAL A . n 
A 1 200 ILE 200 188 188 ILE ILE A . n 
A 1 201 ILE 201 189 189 ILE ILE A . n 
A 1 202 THR 202 190 190 THR THR A . n 
A 1 203 ALA 203 191 191 ALA ALA A . n 
A 1 204 ASN 204 192 192 ASN ASN A . n 
A 1 205 ARG 205 193 193 ARG ARG A . n 
A 1 206 VAL 206 194 194 VAL VAL A . n 
A 1 207 LEU 207 195 195 LEU LEU A . n 
A 1 208 HIS 208 196 196 HIS HIS A . n 
A 1 209 CYS 209 197 197 CYS CYS A . n 
A 1 210 ASN 210 198 198 ASN ASN A . n 
A 1 211 ALA 211 199 199 ALA ALA A . n 
A 1 212 ASP 212 200 200 ASP ASP A . n 
A 1 213 THR 213 201 201 THR THR A . n 
A 1 214 PRO 214 202 202 PRO PRO A . n 
A 1 215 GLU 215 203 203 GLU GLU A . n 
A 1 216 GLU 216 204 204 GLU GLU A . n 
A 1 217 MET 217 205 205 MET MET A . n 
A 1 218 HIS 218 206 206 HIS HIS A . n 
A 1 219 HIS 219 207 207 HIS HIS A . n 
A 1 220 TRP 220 208 208 TRP TRP A . n 
A 1 221 ILE 221 209 209 ILE ILE A . n 
A 1 222 THR 222 210 210 THR THR A . n 
A 1 223 LEU 223 211 211 LEU LEU A . n 
A 1 224 LEU 224 212 212 LEU LEU A . n 
A 1 225 GLN 225 213 213 GLN GLN A . n 
A 1 226 ARG 226 214 214 ARG ARG A . n 
A 1 227 SER 227 215 215 SER SER A . n 
A 1 228 LYS 228 216 216 LYS LYS A . n 
# 
loop_
_pdbx_nonpoly_scheme.asym_id 
_pdbx_nonpoly_scheme.entity_id 
_pdbx_nonpoly_scheme.mon_id 
_pdbx_nonpoly_scheme.ndb_seq_num 
_pdbx_nonpoly_scheme.pdb_seq_num 
_pdbx_nonpoly_scheme.auth_seq_num 
_pdbx_nonpoly_scheme.pdb_mon_id 
_pdbx_nonpoly_scheme.auth_mon_id 
_pdbx_nonpoly_scheme.pdb_strand_id 
_pdbx_nonpoly_scheme.pdb_ins_code 
B 2 PO4 1  217 1  PO4 PO4 A . 
C 2 PO4 1  218 2  PO4 PO4 A . 
D 3 HOH 1  219 1  HOH HOH A . 
D 3 HOH 2  220 2  HOH HOH A . 
D 3 HOH 3  221 3  HOH HOH A . 
D 3 HOH 4  222 4  HOH HOH A . 
D 3 HOH 5  223 5  HOH HOH A . 
D 3 HOH 6  224 6  HOH HOH A . 
D 3 HOH 7  225 7  HOH HOH A . 
D 3 HOH 8  226 8  HOH HOH A . 
D 3 HOH 9  227 9  HOH HOH A . 
D 3 HOH 10 228 10 HOH HOH A . 
D 3 HOH 11 229 11 HOH HOH A . 
D 3 HOH 12 230 12 HOH HOH A . 
D 3 HOH 13 231 13 HOH HOH A . 
D 3 HOH 14 232 14 HOH HOH A . 
D 3 HOH 15 233 15 HOH HOH A . 
D 3 HOH 16 234 16 HOH HOH A . 
D 3 HOH 17 235 17 HOH HOH A . 
D 3 HOH 18 236 18 HOH HOH A . 
D 3 HOH 19 237 19 HOH HOH A . 
D 3 HOH 20 238 20 HOH HOH A . 
D 3 HOH 21 239 21 HOH HOH A . 
D 3 HOH 22 240 22 HOH HOH A . 
D 3 HOH 23 241 23 HOH HOH A . 
D 3 HOH 24 242 24 HOH HOH A . 
D 3 HOH 25 243 25 HOH HOH A . 
D 3 HOH 26 244 26 HOH HOH A . 
D 3 HOH 27 245 27 HOH HOH A . 
D 3 HOH 28 246 28 HOH HOH A . 
D 3 HOH 29 247 29 HOH HOH A . 
D 3 HOH 30 248 30 HOH HOH A . 
D 3 HOH 31 249 31 HOH HOH A . 
D 3 HOH 32 250 32 HOH HOH A . 
D 3 HOH 33 251 33 HOH HOH A . 
D 3 HOH 34 252 34 HOH HOH A . 
D 3 HOH 35 253 35 HOH HOH A . 
D 3 HOH 36 254 36 HOH HOH A . 
D 3 HOH 37 255 37 HOH HOH A . 
D 3 HOH 38 256 38 HOH HOH A . 
D 3 HOH 39 257 39 HOH HOH A . 
D 3 HOH 40 258 40 HOH HOH A . 
D 3 HOH 41 259 41 HOH HOH A . 
D 3 HOH 42 260 42 HOH HOH A . 
D 3 HOH 43 261 43 HOH HOH A . 
D 3 HOH 44 262 44 HOH HOH A . 
D 3 HOH 45 263 45 HOH HOH A . 
D 3 HOH 46 264 46 HOH HOH A . 
D 3 HOH 47 265 47 HOH HOH A . 
D 3 HOH 48 266 48 HOH HOH A . 
D 3 HOH 49 267 49 HOH HOH A . 
D 3 HOH 50 268 50 HOH HOH A . 
D 3 HOH 51 269 51 HOH HOH A . 
D 3 HOH 52 270 52 HOH HOH A . 
D 3 HOH 53 271 53 HOH HOH A . 
D 3 HOH 54 272 54 HOH HOH A . 
D 3 HOH 55 273 55 HOH HOH A . 
D 3 HOH 56 274 56 HOH HOH A . 
D 3 HOH 57 275 57 HOH HOH A . 
D 3 HOH 58 276 58 HOH HOH A . 
D 3 HOH 59 277 59 HOH HOH A . 
D 3 HOH 60 278 60 HOH HOH A . 
D 3 HOH 61 279 61 HOH HOH A . 
D 3 HOH 62 280 62 HOH HOH A . 
D 3 HOH 63 281 63 HOH HOH A . 
D 3 HOH 64 282 64 HOH HOH A . 
D 3 HOH 65 283 65 HOH HOH A . 
D 3 HOH 66 284 66 HOH HOH A . 
D 3 HOH 67 285 67 HOH HOH A . 
D 3 HOH 68 286 68 HOH HOH A . 
D 3 HOH 69 287 69 HOH HOH A . 
# 
_pdbx_struct_assembly.id                   1 
_pdbx_struct_assembly.details              author_and_software_defined_assembly 
_pdbx_struct_assembly.method_details       PISA 
_pdbx_struct_assembly.oligomeric_details   monomeric 
_pdbx_struct_assembly.oligomeric_count     1 
# 
_pdbx_struct_assembly_gen.assembly_id       1 
_pdbx_struct_assembly_gen.oper_expression   1 
_pdbx_struct_assembly_gen.asym_id_list      A,B,C,D 
# 
_pdbx_struct_oper_list.id                   1 
_pdbx_struct_oper_list.type                 'identity operation' 
_pdbx_struct_oper_list.name                 1_555 
_pdbx_struct_oper_list.symmetry_operation   x,y,z 
_pdbx_struct_oper_list.matrix[1][1]         1.0000000000 
_pdbx_struct_oper_list.matrix[1][2]         0.0000000000 
_pdbx_struct_oper_list.matrix[1][3]         0.0000000000 
_pdbx_struct_oper_list.vector[1]            0.0000000000 
_pdbx_struct_oper_list.matrix[2][1]         0.0000000000 
_pdbx_struct_oper_list.matrix[2][2]         1.0000000000 
_pdbx_struct_oper_list.matrix[2][3]         0.0000000000 
_pdbx_struct_oper_list.vector[2]            0.0000000000 
_pdbx_struct_oper_list.matrix[3][1]         0.0000000000 
_pdbx_struct_oper_list.matrix[3][2]         0.0000000000 
_pdbx_struct_oper_list.matrix[3][3]         1.0000000000 
_pdbx_struct_oper_list.vector[3]            0.0000000000 
# 
loop_
_pdbx_audit_revision_history.ordinal 
_pdbx_audit_revision_history.data_content_type 
_pdbx_audit_revision_history.major_revision 
_pdbx_audit_revision_history.minor_revision 
_pdbx_audit_revision_history.revision_date 
1 'Structure model' 1 0 2011-12-07 
2 'Structure model' 1 1 2023-11-01 
# 
_pdbx_audit_revision_details.ordinal             1 
_pdbx_audit_revision_details.revision_ordinal    1 
_pdbx_audit_revision_details.data_content_type   'Structure model' 
_pdbx_audit_revision_details.provider            repository 
_pdbx_audit_revision_details.type                'Initial release' 
_pdbx_audit_revision_details.description         ? 
_pdbx_audit_revision_details.details             ? 
# 
loop_
_pdbx_audit_revision_group.ordinal 
_pdbx_audit_revision_group.revision_ordinal 
_pdbx_audit_revision_group.data_content_type 
_pdbx_audit_revision_group.group 
1 2 'Structure model' 'Data collection'        
2 2 'Structure model' 'Database references'    
3 2 'Structure model' 'Derived calculations'   
4 2 'Structure model' 'Refinement description' 
# 
loop_
_pdbx_audit_revision_category.ordinal 
_pdbx_audit_revision_category.revision_ordinal 
_pdbx_audit_revision_category.data_content_type 
_pdbx_audit_revision_category.category 
1 2 'Structure model' chem_comp_atom                
2 2 'Structure model' chem_comp_bond                
3 2 'Structure model' database_2                    
4 2 'Structure model' pdbx_initial_refinement_model 
5 2 'Structure model' struct_ref_seq_dif            
6 2 'Structure model' struct_site                   
# 
loop_
_pdbx_audit_revision_item.ordinal 
_pdbx_audit_revision_item.revision_ordinal 
_pdbx_audit_revision_item.data_content_type 
_pdbx_audit_revision_item.item 
1 2 'Structure model' '_database_2.pdbx_DOI'                
2 2 'Structure model' '_database_2.pdbx_database_accession' 
3 2 'Structure model' '_struct_ref_seq_dif.details'         
4 2 'Structure model' '_struct_site.pdbx_auth_asym_id'      
5 2 'Structure model' '_struct_site.pdbx_auth_comp_id'      
6 2 'Structure model' '_struct_site.pdbx_auth_seq_id'       
# 
loop_
_software.name 
_software.classification 
_software.version 
_software.citation_id 
_software.pdbx_ordinal 
CrystalClear 'data collection' .        ? 1 
PHASER       phasing           .        ? 2 
REFMAC       refinement        5.2.0019 ? 3 
MOSFLM       'data reduction'  .        ? 4 
SCALA        'data scaling'    .        ? 5 
# 
loop_
_pdbx_validate_torsion.id 
_pdbx_validate_torsion.PDB_model_num 
_pdbx_validate_torsion.auth_comp_id 
_pdbx_validate_torsion.auth_asym_id 
_pdbx_validate_torsion.auth_seq_id 
_pdbx_validate_torsion.PDB_ins_code 
_pdbx_validate_torsion.label_alt_id 
_pdbx_validate_torsion.phi 
_pdbx_validate_torsion.psi 
1 1 ASN A 18  ? ? 60.98   -168.17 
2 1 MET A 22  ? ? -153.86 16.04   
3 1 GLN A 76  ? ? -127.77 -94.00  
4 1 GLU A 109 ? ? -155.22 11.85   
5 1 MET A 116 ? ? -93.61  -144.52 
6 1 SER A 143 ? ? -119.48 64.20   
7 1 ARG A 214 ? ? -146.09 -10.50  
# 
loop_
_pdbx_unobs_or_zero_occ_residues.id 
_pdbx_unobs_or_zero_occ_residues.PDB_model_num 
_pdbx_unobs_or_zero_occ_residues.polymer_flag 
_pdbx_unobs_or_zero_occ_residues.occupancy_flag 
_pdbx_unobs_or_zero_occ_residues.auth_asym_id 
_pdbx_unobs_or_zero_occ_residues.auth_comp_id 
_pdbx_unobs_or_zero_occ_residues.auth_seq_id 
_pdbx_unobs_or_zero_occ_residues.PDB_ins_code 
_pdbx_unobs_or_zero_occ_residues.label_asym_id 
_pdbx_unobs_or_zero_occ_residues.label_comp_id 
_pdbx_unobs_or_zero_occ_residues.label_seq_id 
1  1 Y 1 A MET -11 ? A MET 1  
2  1 Y 1 A HIS -10 ? A HIS 2  
3  1 Y 1 A HIS -9  ? A HIS 3  
4  1 Y 1 A HIS -8  ? A HIS 4  
5  1 Y 1 A HIS -7  ? A HIS 5  
6  1 Y 1 A HIS -6  ? A HIS 6  
7  1 Y 1 A HIS -5  ? A HIS 7  
8  1 Y 1 A SER -4  ? A SER 8  
9  1 Y 1 A SER -3  ? A SER 9  
10 1 Y 1 A GLY -2  ? A GLY 10 
11 1 Y 1 A LEU -1  ? A LEU 11 
12 1 Y 1 A GLU 0   ? A GLU 12 
13 1 Y 1 A VAL 1   ? A VAL 13 
14 1 Y 1 A LEU 2   ? A LEU 14 
15 1 Y 1 A PHE 3   ? A PHE 15 
16 1 Y 1 A GLN 4   ? A GLN 16 
17 1 Y 1 A GLY 5   ? A GLY 17 
18 1 Y 1 A PRO 6   ? A PRO 18 
19 1 Y 1 A GLY 7   ? A GLY 19 
20 1 Y 1 A SER 8   ? A SER 20 
# 
loop_
_chem_comp_atom.comp_id 
_chem_comp_atom.atom_id 
_chem_comp_atom.type_symbol 
_chem_comp_atom.pdbx_aromatic_flag 
_chem_comp_atom.pdbx_stereo_config 
_chem_comp_atom.pdbx_ordinal 
ALA N    N N N 1   
ALA CA   C N S 2   
ALA C    C N N 3   
ALA O    O N N 4   
ALA CB   C N N 5   
ALA OXT  O N N 6   
ALA H    H N N 7   
ALA H2   H N N 8   
ALA HA   H N N 9   
ALA HB1  H N N 10  
ALA HB2  H N N 11  
ALA HB3  H N N 12  
ALA HXT  H N N 13  
ARG N    N N N 14  
ARG CA   C N S 15  
ARG C    C N N 16  
ARG O    O N N 17  
ARG CB   C N N 18  
ARG CG   C N N 19  
ARG CD   C N N 20  
ARG NE   N N N 21  
ARG CZ   C N N 22  
ARG NH1  N N N 23  
ARG NH2  N N N 24  
ARG OXT  O N N 25  
ARG H    H N N 26  
ARG H2   H N N 27  
ARG HA   H N N 28  
ARG HB2  H N N 29  
ARG HB3  H N N 30  
ARG HG2  H N N 31  
ARG HG3  H N N 32  
ARG HD2  H N N 33  
ARG HD3  H N N 34  
ARG HE   H N N 35  
ARG HH11 H N N 36  
ARG HH12 H N N 37  
ARG HH21 H N N 38  
ARG HH22 H N N 39  
ARG HXT  H N N 40  
ASN N    N N N 41  
ASN CA   C N S 42  
ASN C    C N N 43  
ASN O    O N N 44  
ASN CB   C N N 45  
ASN CG   C N N 46  
ASN OD1  O N N 47  
ASN ND2  N N N 48  
ASN OXT  O N N 49  
ASN H    H N N 50  
ASN H2   H N N 51  
ASN HA   H N N 52  
ASN HB2  H N N 53  
ASN HB3  H N N 54  
ASN HD21 H N N 55  
ASN HD22 H N N 56  
ASN HXT  H N N 57  
ASP N    N N N 58  
ASP CA   C N S 59  
ASP C    C N N 60  
ASP O    O N N 61  
ASP CB   C N N 62  
ASP CG   C N N 63  
ASP OD1  O N N 64  
ASP OD2  O N N 65  
ASP OXT  O N N 66  
ASP H    H N N 67  
ASP H2   H N N 68  
ASP HA   H N N 69  
ASP HB2  H N N 70  
ASP HB3  H N N 71  
ASP HD2  H N N 72  
ASP HXT  H N N 73  
CYS N    N N N 74  
CYS CA   C N R 75  
CYS C    C N N 76  
CYS O    O N N 77  
CYS CB   C N N 78  
CYS SG   S N N 79  
CYS OXT  O N N 80  
CYS H    H N N 81  
CYS H2   H N N 82  
CYS HA   H N N 83  
CYS HB2  H N N 84  
CYS HB3  H N N 85  
CYS HG   H N N 86  
CYS HXT  H N N 87  
GLN N    N N N 88  
GLN CA   C N S 89  
GLN C    C N N 90  
GLN O    O N N 91  
GLN CB   C N N 92  
GLN CG   C N N 93  
GLN CD   C N N 94  
GLN OE1  O N N 95  
GLN NE2  N N N 96  
GLN OXT  O N N 97  
GLN H    H N N 98  
GLN H2   H N N 99  
GLN HA   H N N 100 
GLN HB2  H N N 101 
GLN HB3  H N N 102 
GLN HG2  H N N 103 
GLN HG3  H N N 104 
GLN HE21 H N N 105 
GLN HE22 H N N 106 
GLN HXT  H N N 107 
GLU N    N N N 108 
GLU CA   C N S 109 
GLU C    C N N 110 
GLU O    O N N 111 
GLU CB   C N N 112 
GLU CG   C N N 113 
GLU CD   C N N 114 
GLU OE1  O N N 115 
GLU OE2  O N N 116 
GLU OXT  O N N 117 
GLU H    H N N 118 
GLU H2   H N N 119 
GLU HA   H N N 120 
GLU HB2  H N N 121 
GLU HB3  H N N 122 
GLU HG2  H N N 123 
GLU HG3  H N N 124 
GLU HE2  H N N 125 
GLU HXT  H N N 126 
GLY N    N N N 127 
GLY CA   C N N 128 
GLY C    C N N 129 
GLY O    O N N 130 
GLY OXT  O N N 131 
GLY H    H N N 132 
GLY H2   H N N 133 
GLY HA2  H N N 134 
GLY HA3  H N N 135 
GLY HXT  H N N 136 
HIS N    N N N 137 
HIS CA   C N S 138 
HIS C    C N N 139 
HIS O    O N N 140 
HIS CB   C N N 141 
HIS CG   C Y N 142 
HIS ND1  N Y N 143 
HIS CD2  C Y N 144 
HIS CE1  C Y N 145 
HIS NE2  N Y N 146 
HIS OXT  O N N 147 
HIS H    H N N 148 
HIS H2   H N N 149 
HIS HA   H N N 150 
HIS HB2  H N N 151 
HIS HB3  H N N 152 
HIS HD1  H N N 153 
HIS HD2  H N N 154 
HIS HE1  H N N 155 
HIS HE2  H N N 156 
HIS HXT  H N N 157 
HOH O    O N N 158 
HOH H1   H N N 159 
HOH H2   H N N 160 
ILE N    N N N 161 
ILE CA   C N S 162 
ILE C    C N N 163 
ILE O    O N N 164 
ILE CB   C N S 165 
ILE CG1  C N N 166 
ILE CG2  C N N 167 
ILE CD1  C N N 168 
ILE OXT  O N N 169 
ILE H    H N N 170 
ILE H2   H N N 171 
ILE HA   H N N 172 
ILE HB   H N N 173 
ILE HG12 H N N 174 
ILE HG13 H N N 175 
ILE HG21 H N N 176 
ILE HG22 H N N 177 
ILE HG23 H N N 178 
ILE HD11 H N N 179 
ILE HD12 H N N 180 
ILE HD13 H N N 181 
ILE HXT  H N N 182 
LEU N    N N N 183 
LEU CA   C N S 184 
LEU C    C N N 185 
LEU O    O N N 186 
LEU CB   C N N 187 
LEU CG   C N N 188 
LEU CD1  C N N 189 
LEU CD2  C N N 190 
LEU OXT  O N N 191 
LEU H    H N N 192 
LEU H2   H N N 193 
LEU HA   H N N 194 
LEU HB2  H N N 195 
LEU HB3  H N N 196 
LEU HG   H N N 197 
LEU HD11 H N N 198 
LEU HD12 H N N 199 
LEU HD13 H N N 200 
LEU HD21 H N N 201 
LEU HD22 H N N 202 
LEU HD23 H N N 203 
LEU HXT  H N N 204 
LYS N    N N N 205 
LYS CA   C N S 206 
LYS C    C N N 207 
LYS O    O N N 208 
LYS CB   C N N 209 
LYS CG   C N N 210 
LYS CD   C N N 211 
LYS CE   C N N 212 
LYS NZ   N N N 213 
LYS OXT  O N N 214 
LYS H    H N N 215 
LYS H2   H N N 216 
LYS HA   H N N 217 
LYS HB2  H N N 218 
LYS HB3  H N N 219 
LYS HG2  H N N 220 
LYS HG3  H N N 221 
LYS HD2  H N N 222 
LYS HD3  H N N 223 
LYS HE2  H N N 224 
LYS HE3  H N N 225 
LYS HZ1  H N N 226 
LYS HZ2  H N N 227 
LYS HZ3  H N N 228 
LYS HXT  H N N 229 
MET N    N N N 230 
MET CA   C N S 231 
MET C    C N N 232 
MET O    O N N 233 
MET CB   C N N 234 
MET CG   C N N 235 
MET SD   S N N 236 
MET CE   C N N 237 
MET OXT  O N N 238 
MET H    H N N 239 
MET H2   H N N 240 
MET HA   H N N 241 
MET HB2  H N N 242 
MET HB3  H N N 243 
MET HG2  H N N 244 
MET HG3  H N N 245 
MET HE1  H N N 246 
MET HE2  H N N 247 
MET HE3  H N N 248 
MET HXT  H N N 249 
PHE N    N N N 250 
PHE CA   C N S 251 
PHE C    C N N 252 
PHE O    O N N 253 
PHE CB   C N N 254 
PHE CG   C Y N 255 
PHE CD1  C Y N 256 
PHE CD2  C Y N 257 
PHE CE1  C Y N 258 
PHE CE2  C Y N 259 
PHE CZ   C Y N 260 
PHE OXT  O N N 261 
PHE H    H N N 262 
PHE H2   H N N 263 
PHE HA   H N N 264 
PHE HB2  H N N 265 
PHE HB3  H N N 266 
PHE HD1  H N N 267 
PHE HD2  H N N 268 
PHE HE1  H N N 269 
PHE HE2  H N N 270 
PHE HZ   H N N 271 
PHE HXT  H N N 272 
PO4 P    P N N 273 
PO4 O1   O N N 274 
PO4 O2   O N N 275 
PO4 O3   O N N 276 
PO4 O4   O N N 277 
PRO N    N N N 278 
PRO CA   C N S 279 
PRO C    C N N 280 
PRO O    O N N 281 
PRO CB   C N N 282 
PRO CG   C N N 283 
PRO CD   C N N 284 
PRO OXT  O N N 285 
PRO H    H N N 286 
PRO HA   H N N 287 
PRO HB2  H N N 288 
PRO HB3  H N N 289 
PRO HG2  H N N 290 
PRO HG3  H N N 291 
PRO HD2  H N N 292 
PRO HD3  H N N 293 
PRO HXT  H N N 294 
SER N    N N N 295 
SER CA   C N S 296 
SER C    C N N 297 
SER O    O N N 298 
SER CB   C N N 299 
SER OG   O N N 300 
SER OXT  O N N 301 
SER H    H N N 302 
SER H2   H N N 303 
SER HA   H N N 304 
SER HB2  H N N 305 
SER HB3  H N N 306 
SER HG   H N N 307 
SER HXT  H N N 308 
THR N    N N N 309 
THR CA   C N S 310 
THR C    C N N 311 
THR O    O N N 312 
THR CB   C N R 313 
THR OG1  O N N 314 
THR CG2  C N N 315 
THR OXT  O N N 316 
THR H    H N N 317 
THR H2   H N N 318 
THR HA   H N N 319 
THR HB   H N N 320 
THR HG1  H N N 321 
THR HG21 H N N 322 
THR HG22 H N N 323 
THR HG23 H N N 324 
THR HXT  H N N 325 
TRP N    N N N 326 
TRP CA   C N S 327 
TRP C    C N N 328 
TRP O    O N N 329 
TRP CB   C N N 330 
TRP CG   C Y N 331 
TRP CD1  C Y N 332 
TRP CD2  C Y N 333 
TRP NE1  N Y N 334 
TRP CE2  C Y N 335 
TRP CE3  C Y N 336 
TRP CZ2  C Y N 337 
TRP CZ3  C Y N 338 
TRP CH2  C Y N 339 
TRP OXT  O N N 340 
TRP H    H N N 341 
TRP H2   H N N 342 
TRP HA   H N N 343 
TRP HB2  H N N 344 
TRP HB3  H N N 345 
TRP HD1  H N N 346 
TRP HE1  H N N 347 
TRP HE3  H N N 348 
TRP HZ2  H N N 349 
TRP HZ3  H N N 350 
TRP HH2  H N N 351 
TRP HXT  H N N 352 
TYR N    N N N 353 
TYR CA   C N S 354 
TYR C    C N N 355 
TYR O    O N N 356 
TYR CB   C N N 357 
TYR CG   C Y N 358 
TYR CD1  C Y N 359 
TYR CD2  C Y N 360 
TYR CE1  C Y N 361 
TYR CE2  C Y N 362 
TYR CZ   C Y N 363 
TYR OH   O N N 364 
TYR OXT  O N N 365 
TYR H    H N N 366 
TYR H2   H N N 367 
TYR HA   H N N 368 
TYR HB2  H N N 369 
TYR HB3  H N N 370 
TYR HD1  H N N 371 
TYR HD2  H N N 372 
TYR HE1  H N N 373 
TYR HE2  H N N 374 
TYR HH   H N N 375 
TYR HXT  H N N 376 
VAL N    N N N 377 
VAL CA   C N S 378 
VAL C    C N N 379 
VAL O    O N N 380 
VAL CB   C N N 381 
VAL CG1  C N N 382 
VAL CG2  C N N 383 
VAL OXT  O N N 384 
VAL H    H N N 385 
VAL H2   H N N 386 
VAL HA   H N N 387 
VAL HB   H N N 388 
VAL HG11 H N N 389 
VAL HG12 H N N 390 
VAL HG13 H N N 391 
VAL HG21 H N N 392 
VAL HG22 H N N 393 
VAL HG23 H N N 394 
VAL HXT  H N N 395 
# 
loop_
_chem_comp_bond.comp_id 
_chem_comp_bond.atom_id_1 
_chem_comp_bond.atom_id_2 
_chem_comp_bond.value_order 
_chem_comp_bond.pdbx_aromatic_flag 
_chem_comp_bond.pdbx_stereo_config 
_chem_comp_bond.pdbx_ordinal 
ALA N   CA   sing N N 1   
ALA N   H    sing N N 2   
ALA N   H2   sing N N 3   
ALA CA  C    sing N N 4   
ALA CA  CB   sing N N 5   
ALA CA  HA   sing N N 6   
ALA C   O    doub N N 7   
ALA C   OXT  sing N N 8   
ALA CB  HB1  sing N N 9   
ALA CB  HB2  sing N N 10  
ALA CB  HB3  sing N N 11  
ALA OXT HXT  sing N N 12  
ARG N   CA   sing N N 13  
ARG N   H    sing N N 14  
ARG N   H2   sing N N 15  
ARG CA  C    sing N N 16  
ARG CA  CB   sing N N 17  
ARG CA  HA   sing N N 18  
ARG C   O    doub N N 19  
ARG C   OXT  sing N N 20  
ARG CB  CG   sing N N 21  
ARG CB  HB2  sing N N 22  
ARG CB  HB3  sing N N 23  
ARG CG  CD   sing N N 24  
ARG CG  HG2  sing N N 25  
ARG CG  HG3  sing N N 26  
ARG CD  NE   sing N N 27  
ARG CD  HD2  sing N N 28  
ARG CD  HD3  sing N N 29  
ARG NE  CZ   sing N N 30  
ARG NE  HE   sing N N 31  
ARG CZ  NH1  sing N N 32  
ARG CZ  NH2  doub N N 33  
ARG NH1 HH11 sing N N 34  
ARG NH1 HH12 sing N N 35  
ARG NH2 HH21 sing N N 36  
ARG NH2 HH22 sing N N 37  
ARG OXT HXT  sing N N 38  
ASN N   CA   sing N N 39  
ASN N   H    sing N N 40  
ASN N   H2   sing N N 41  
ASN CA  C    sing N N 42  
ASN CA  CB   sing N N 43  
ASN CA  HA   sing N N 44  
ASN C   O    doub N N 45  
ASN C   OXT  sing N N 46  
ASN CB  CG   sing N N 47  
ASN CB  HB2  sing N N 48  
ASN CB  HB3  sing N N 49  
ASN CG  OD1  doub N N 50  
ASN CG  ND2  sing N N 51  
ASN ND2 HD21 sing N N 52  
ASN ND2 HD22 sing N N 53  
ASN OXT HXT  sing N N 54  
ASP N   CA   sing N N 55  
ASP N   H    sing N N 56  
ASP N   H2   sing N N 57  
ASP CA  C    sing N N 58  
ASP CA  CB   sing N N 59  
ASP CA  HA   sing N N 60  
ASP C   O    doub N N 61  
ASP C   OXT  sing N N 62  
ASP CB  CG   sing N N 63  
ASP CB  HB2  sing N N 64  
ASP CB  HB3  sing N N 65  
ASP CG  OD1  doub N N 66  
ASP CG  OD2  sing N N 67  
ASP OD2 HD2  sing N N 68  
ASP OXT HXT  sing N N 69  
CYS N   CA   sing N N 70  
CYS N   H    sing N N 71  
CYS N   H2   sing N N 72  
CYS CA  C    sing N N 73  
CYS CA  CB   sing N N 74  
CYS CA  HA   sing N N 75  
CYS C   O    doub N N 76  
CYS C   OXT  sing N N 77  
CYS CB  SG   sing N N 78  
CYS CB  HB2  sing N N 79  
CYS CB  HB3  sing N N 80  
CYS SG  HG   sing N N 81  
CYS OXT HXT  sing N N 82  
GLN N   CA   sing N N 83  
GLN N   H    sing N N 84  
GLN N   H2   sing N N 85  
GLN CA  C    sing N N 86  
GLN CA  CB   sing N N 87  
GLN CA  HA   sing N N 88  
GLN C   O    doub N N 89  
GLN C   OXT  sing N N 90  
GLN CB  CG   sing N N 91  
GLN CB  HB2  sing N N 92  
GLN CB  HB3  sing N N 93  
GLN CG  CD   sing N N 94  
GLN CG  HG2  sing N N 95  
GLN CG  HG3  sing N N 96  
GLN CD  OE1  doub N N 97  
GLN CD  NE2  sing N N 98  
GLN NE2 HE21 sing N N 99  
GLN NE2 HE22 sing N N 100 
GLN OXT HXT  sing N N 101 
GLU N   CA   sing N N 102 
GLU N   H    sing N N 103 
GLU N   H2   sing N N 104 
GLU CA  C    sing N N 105 
GLU CA  CB   sing N N 106 
GLU CA  HA   sing N N 107 
GLU C   O    doub N N 108 
GLU C   OXT  sing N N 109 
GLU CB  CG   sing N N 110 
GLU CB  HB2  sing N N 111 
GLU CB  HB3  sing N N 112 
GLU CG  CD   sing N N 113 
GLU CG  HG2  sing N N 114 
GLU CG  HG3  sing N N 115 
GLU CD  OE1  doub N N 116 
GLU CD  OE2  sing N N 117 
GLU OE2 HE2  sing N N 118 
GLU OXT HXT  sing N N 119 
GLY N   CA   sing N N 120 
GLY N   H    sing N N 121 
GLY N   H2   sing N N 122 
GLY CA  C    sing N N 123 
GLY CA  HA2  sing N N 124 
GLY CA  HA3  sing N N 125 
GLY C   O    doub N N 126 
GLY C   OXT  sing N N 127 
GLY OXT HXT  sing N N 128 
HIS N   CA   sing N N 129 
HIS N   H    sing N N 130 
HIS N   H2   sing N N 131 
HIS CA  C    sing N N 132 
HIS CA  CB   sing N N 133 
HIS CA  HA   sing N N 134 
HIS C   O    doub N N 135 
HIS C   OXT  sing N N 136 
HIS CB  CG   sing N N 137 
HIS CB  HB2  sing N N 138 
HIS CB  HB3  sing N N 139 
HIS CG  ND1  sing Y N 140 
HIS CG  CD2  doub Y N 141 
HIS ND1 CE1  doub Y N 142 
HIS ND1 HD1  sing N N 143 
HIS CD2 NE2  sing Y N 144 
HIS CD2 HD2  sing N N 145 
HIS CE1 NE2  sing Y N 146 
HIS CE1 HE1  sing N N 147 
HIS NE2 HE2  sing N N 148 
HIS OXT HXT  sing N N 149 
HOH O   H1   sing N N 150 
HOH O   H2   sing N N 151 
ILE N   CA   sing N N 152 
ILE N   H    sing N N 153 
ILE N   H2   sing N N 154 
ILE CA  C    sing N N 155 
ILE CA  CB   sing N N 156 
ILE CA  HA   sing N N 157 
ILE C   O    doub N N 158 
ILE C   OXT  sing N N 159 
ILE CB  CG1  sing N N 160 
ILE CB  CG2  sing N N 161 
ILE CB  HB   sing N N 162 
ILE CG1 CD1  sing N N 163 
ILE CG1 HG12 sing N N 164 
ILE CG1 HG13 sing N N 165 
ILE CG2 HG21 sing N N 166 
ILE CG2 HG22 sing N N 167 
ILE CG2 HG23 sing N N 168 
ILE CD1 HD11 sing N N 169 
ILE CD1 HD12 sing N N 170 
ILE CD1 HD13 sing N N 171 
ILE OXT HXT  sing N N 172 
LEU N   CA   sing N N 173 
LEU N   H    sing N N 174 
LEU N   H2   sing N N 175 
LEU CA  C    sing N N 176 
LEU CA  CB   sing N N 177 
LEU CA  HA   sing N N 178 
LEU C   O    doub N N 179 
LEU C   OXT  sing N N 180 
LEU CB  CG   sing N N 181 
LEU CB  HB2  sing N N 182 
LEU CB  HB3  sing N N 183 
LEU CG  CD1  sing N N 184 
LEU CG  CD2  sing N N 185 
LEU CG  HG   sing N N 186 
LEU CD1 HD11 sing N N 187 
LEU CD1 HD12 sing N N 188 
LEU CD1 HD13 sing N N 189 
LEU CD2 HD21 sing N N 190 
LEU CD2 HD22 sing N N 191 
LEU CD2 HD23 sing N N 192 
LEU OXT HXT  sing N N 193 
LYS N   CA   sing N N 194 
LYS N   H    sing N N 195 
LYS N   H2   sing N N 196 
LYS CA  C    sing N N 197 
LYS CA  CB   sing N N 198 
LYS CA  HA   sing N N 199 
LYS C   O    doub N N 200 
LYS C   OXT  sing N N 201 
LYS CB  CG   sing N N 202 
LYS CB  HB2  sing N N 203 
LYS CB  HB3  sing N N 204 
LYS CG  CD   sing N N 205 
LYS CG  HG2  sing N N 206 
LYS CG  HG3  sing N N 207 
LYS CD  CE   sing N N 208 
LYS CD  HD2  sing N N 209 
LYS CD  HD3  sing N N 210 
LYS CE  NZ   sing N N 211 
LYS CE  HE2  sing N N 212 
LYS CE  HE3  sing N N 213 
LYS NZ  HZ1  sing N N 214 
LYS NZ  HZ2  sing N N 215 
LYS NZ  HZ3  sing N N 216 
LYS OXT HXT  sing N N 217 
MET N   CA   sing N N 218 
MET N   H    sing N N 219 
MET N   H2   sing N N 220 
MET CA  C    sing N N 221 
MET CA  CB   sing N N 222 
MET CA  HA   sing N N 223 
MET C   O    doub N N 224 
MET C   OXT  sing N N 225 
MET CB  CG   sing N N 226 
MET CB  HB2  sing N N 227 
MET CB  HB3  sing N N 228 
MET CG  SD   sing N N 229 
MET CG  HG2  sing N N 230 
MET CG  HG3  sing N N 231 
MET SD  CE   sing N N 232 
MET CE  HE1  sing N N 233 
MET CE  HE2  sing N N 234 
MET CE  HE3  sing N N 235 
MET OXT HXT  sing N N 236 
PHE N   CA   sing N N 237 
PHE N   H    sing N N 238 
PHE N   H2   sing N N 239 
PHE CA  C    sing N N 240 
PHE CA  CB   sing N N 241 
PHE CA  HA   sing N N 242 
PHE C   O    doub N N 243 
PHE C   OXT  sing N N 244 
PHE CB  CG   sing N N 245 
PHE CB  HB2  sing N N 246 
PHE CB  HB3  sing N N 247 
PHE CG  CD1  doub Y N 248 
PHE CG  CD2  sing Y N 249 
PHE CD1 CE1  sing Y N 250 
PHE CD1 HD1  sing N N 251 
PHE CD2 CE2  doub Y N 252 
PHE CD2 HD2  sing N N 253 
PHE CE1 CZ   doub Y N 254 
PHE CE1 HE1  sing N N 255 
PHE CE2 CZ   sing Y N 256 
PHE CE2 HE2  sing N N 257 
PHE CZ  HZ   sing N N 258 
PHE OXT HXT  sing N N 259 
PO4 P   O1   doub N N 260 
PO4 P   O2   sing N N 261 
PO4 P   O3   sing N N 262 
PO4 P   O4   sing N N 263 
PRO N   CA   sing N N 264 
PRO N   CD   sing N N 265 
PRO N   H    sing N N 266 
PRO CA  C    sing N N 267 
PRO CA  CB   sing N N 268 
PRO CA  HA   sing N N 269 
PRO C   O    doub N N 270 
PRO C   OXT  sing N N 271 
PRO CB  CG   sing N N 272 
PRO CB  HB2  sing N N 273 
PRO CB  HB3  sing N N 274 
PRO CG  CD   sing N N 275 
PRO CG  HG2  sing N N 276 
PRO CG  HG3  sing N N 277 
PRO CD  HD2  sing N N 278 
PRO CD  HD3  sing N N 279 
PRO OXT HXT  sing N N 280 
SER N   CA   sing N N 281 
SER N   H    sing N N 282 
SER N   H2   sing N N 283 
SER CA  C    sing N N 284 
SER CA  CB   sing N N 285 
SER CA  HA   sing N N 286 
SER C   O    doub N N 287 
SER C   OXT  sing N N 288 
SER CB  OG   sing N N 289 
SER CB  HB2  sing N N 290 
SER CB  HB3  sing N N 291 
SER OG  HG   sing N N 292 
SER OXT HXT  sing N N 293 
THR N   CA   sing N N 294 
THR N   H    sing N N 295 
THR N   H2   sing N N 296 
THR CA  C    sing N N 297 
THR CA  CB   sing N N 298 
THR CA  HA   sing N N 299 
THR C   O    doub N N 300 
THR C   OXT  sing N N 301 
THR CB  OG1  sing N N 302 
THR CB  CG2  sing N N 303 
THR CB  HB   sing N N 304 
THR OG1 HG1  sing N N 305 
THR CG2 HG21 sing N N 306 
THR CG2 HG22 sing N N 307 
THR CG2 HG23 sing N N 308 
THR OXT HXT  sing N N 309 
TRP N   CA   sing N N 310 
TRP N   H    sing N N 311 
TRP N   H2   sing N N 312 
TRP CA  C    sing N N 313 
TRP CA  CB   sing N N 314 
TRP CA  HA   sing N N 315 
TRP C   O    doub N N 316 
TRP C   OXT  sing N N 317 
TRP CB  CG   sing N N 318 
TRP CB  HB2  sing N N 319 
TRP CB  HB3  sing N N 320 
TRP CG  CD1  doub Y N 321 
TRP CG  CD2  sing Y N 322 
TRP CD1 NE1  sing Y N 323 
TRP CD1 HD1  sing N N 324 
TRP CD2 CE2  doub Y N 325 
TRP CD2 CE3  sing Y N 326 
TRP NE1 CE2  sing Y N 327 
TRP NE1 HE1  sing N N 328 
TRP CE2 CZ2  sing Y N 329 
TRP CE3 CZ3  doub Y N 330 
TRP CE3 HE3  sing N N 331 
TRP CZ2 CH2  doub Y N 332 
TRP CZ2 HZ2  sing N N 333 
TRP CZ3 CH2  sing Y N 334 
TRP CZ3 HZ3  sing N N 335 
TRP CH2 HH2  sing N N 336 
TRP OXT HXT  sing N N 337 
TYR N   CA   sing N N 338 
TYR N   H    sing N N 339 
TYR N   H2   sing N N 340 
TYR CA  C    sing N N 341 
TYR CA  CB   sing N N 342 
TYR CA  HA   sing N N 343 
TYR C   O    doub N N 344 
TYR C   OXT  sing N N 345 
TYR CB  CG   sing N N 346 
TYR CB  HB2  sing N N 347 
TYR CB  HB3  sing N N 348 
TYR CG  CD1  doub Y N 349 
TYR CG  CD2  sing Y N 350 
TYR CD1 CE1  sing Y N 351 
TYR CD1 HD1  sing N N 352 
TYR CD2 CE2  doub Y N 353 
TYR CD2 HD2  sing N N 354 
TYR CE1 CZ   doub Y N 355 
TYR CE1 HE1  sing N N 356 
TYR CE2 CZ   sing Y N 357 
TYR CE2 HE2  sing N N 358 
TYR CZ  OH   sing N N 359 
TYR OH  HH   sing N N 360 
TYR OXT HXT  sing N N 361 
VAL N   CA   sing N N 362 
VAL N   H    sing N N 363 
VAL N   H2   sing N N 364 
VAL CA  C    sing N N 365 
VAL CA  CB   sing N N 366 
VAL CA  HA   sing N N 367 
VAL C   O    doub N N 368 
VAL C   OXT  sing N N 369 
VAL CB  CG1  sing N N 370 
VAL CB  CG2  sing N N 371 
VAL CB  HB   sing N N 372 
VAL CG1 HG11 sing N N 373 
VAL CG1 HG12 sing N N 374 
VAL CG1 HG13 sing N N 375 
VAL CG2 HG21 sing N N 376 
VAL CG2 HG22 sing N N 377 
VAL CG2 HG23 sing N N 378 
VAL OXT HXT  sing N N 379 
# 
loop_
_pdbx_entity_nonpoly.entity_id 
_pdbx_entity_nonpoly.name 
_pdbx_entity_nonpoly.comp_id 
2 'PHOSPHATE ION' PO4 
3 water           HOH 
# 
_pdbx_initial_refinement_model.id               1 
_pdbx_initial_refinement_model.entity_id_list   ? 
_pdbx_initial_refinement_model.type             'experimental model' 
_pdbx_initial_refinement_model.source_name      PDB 
_pdbx_initial_refinement_model.accession_code   1FAO 
_pdbx_initial_refinement_model.details          'PDB ENTRY 1FAO' 
# 
